data_5Q02
#
_entry.id   5Q02
#
_cell.length_a   67.203
_cell.length_b   83.311
_cell.length_c   278.006
_cell.angle_alpha   90.000
_cell.angle_beta   90.000
_cell.angle_gamma   90.000
#
_symmetry.space_group_name_H-M   'P 21 21 21'
#
loop_
_entity.id
_entity.type
_entity.pdbx_description
1 polymer 'Fructose-1,6-bisphosphatase 1'
2 non-polymer N-[(5-bromo-1,3-thiazol-2-yl)carbamoyl]-5-(1,2-oxazol-3-yl)thiophene-2-sulfonamide
3 water water
#
_entity_poly.entity_id   1
_entity_poly.type   'polypeptide(L)'
_entity_poly.pdbx_seq_one_letter_code
;MADQAPFDTDVNTLTRFVMEEGRKARGTGELTQLLNSLCTAVKAISSAVRKAGIAHLYGIAGSTNVTGDQVKKLDVLSND
LVMNMLKSSFATCVLVSEEDKHAIIVEPEKRGKYVVCFDPLDGSSNIDCLVSVGTIFGIYRKKSTDEPSEKDALQPGRNL
VAAGYALYGSATMLVLAMDCGVNCFMLDPAIGEFILVDKDVKIKKKGKIYSLNEGYAKDFDPAVTEYIQRKKFPPDNSAP
YGARYVGSMVADVHRTLVYGGIFLYPANKKSPNGKLRLLYECNPMAYVMEKAGGMATTGKEAVLDVIPTDIHQRAPVILG
SPDDVLEFLKVYEKHSAQ
;
_entity_poly.pdbx_strand_id   A,B,C,D
#
loop_
_chem_comp.id
_chem_comp.type
_chem_comp.name
_chem_comp.formula
95J non-polymer N-[(5-bromo-1,3-thiazol-2-yl)carbamoyl]-5-(1,2-oxazol-3-yl)thiophene-2-sulfonamide 'C11 H7 Br N4 O4 S3'
#
# COMPACT_ATOMS: atom_id res chain seq x y z
N ASP A 10 -19.43 -13.69 10.96
CA ASP A 10 -19.20 -12.25 10.93
C ASP A 10 -17.72 -11.90 11.01
N VAL A 11 -17.25 -11.10 10.05
CA VAL A 11 -15.87 -10.64 10.08
C VAL A 11 -15.60 -9.91 11.41
N ASN A 12 -14.38 -10.03 11.89
CA ASN A 12 -14.03 -9.38 13.14
C ASN A 12 -12.63 -8.81 13.01
N THR A 13 -12.42 -7.65 13.62
CA THR A 13 -11.14 -6.99 13.63
C THR A 13 -10.66 -6.90 15.07
N LEU A 14 -9.36 -6.63 15.23
CA LEU A 14 -8.81 -6.54 16.57
C LEU A 14 -9.52 -5.48 17.40
N THR A 15 -9.72 -4.29 16.84
CA THR A 15 -10.39 -3.21 17.56
C THR A 15 -11.78 -3.62 18.00
N ARG A 16 -12.58 -4.15 17.06
CA ARG A 16 -13.94 -4.55 17.39
C ARG A 16 -13.96 -5.67 18.40
N PHE A 17 -13.07 -6.66 18.23
CA PHE A 17 -12.97 -7.75 19.20
C PHE A 17 -12.71 -7.20 20.60
N VAL A 18 -11.79 -6.24 20.72
CA VAL A 18 -11.39 -5.73 22.03
C VAL A 18 -12.48 -4.88 22.65
N MET A 19 -13.14 -4.04 21.85
CA MET A 19 -14.27 -3.25 22.36
C MET A 19 -15.40 -4.13 22.86
N GLU A 20 -15.67 -5.22 22.14
CA GLU A 20 -16.76 -6.11 22.54
C GLU A 20 -16.44 -6.84 23.84
N GLU A 21 -15.23 -7.40 23.95
CA GLU A 21 -14.82 -7.99 25.21
C GLU A 21 -14.84 -6.95 26.32
N GLY A 22 -14.44 -5.72 26.01
CA GLY A 22 -14.39 -4.68 27.03
C GLY A 22 -15.77 -4.29 27.52
N ARG A 23 -16.74 -4.19 26.62
CA ARG A 23 -18.11 -3.89 27.02
C ARG A 23 -18.72 -5.07 27.76
N LYS A 24 -18.39 -6.31 27.35
CA LYS A 24 -18.79 -7.49 28.12
C LYS A 24 -18.33 -7.38 29.56
N ALA A 25 -17.04 -7.11 29.76
CA ALA A 25 -16.48 -6.99 31.10
C ALA A 25 -16.81 -5.66 31.75
N ARG A 26 -17.40 -4.74 31.01
CA ARG A 26 -17.77 -3.42 31.53
C ARG A 26 -16.58 -2.70 32.15
N GLY A 27 -15.40 -2.84 31.53
CA GLY A 27 -14.25 -2.07 31.94
C GLY A 27 -14.39 -0.62 31.50
N THR A 28 -13.44 0.22 31.94
CA THR A 28 -13.51 1.64 31.64
C THR A 28 -13.08 1.99 30.20
N GLY A 29 -12.43 1.07 29.48
CA GLY A 29 -11.91 1.38 28.16
C GLY A 29 -10.42 1.63 28.10
N GLU A 30 -9.76 1.70 29.24
CA GLU A 30 -8.35 2.05 29.27
C GLU A 30 -7.50 1.01 28.55
N LEU A 31 -7.75 -0.28 28.80
CA LEU A 31 -6.99 -1.32 28.11
C LEU A 31 -7.28 -1.32 26.61
N THR A 32 -8.54 -1.05 26.22
CA THR A 32 -8.86 -0.93 24.80
C THR A 32 -8.09 0.23 24.17
N GLN A 33 -8.00 1.36 24.88
CA GLN A 33 -7.24 2.50 24.37
C GLN A 33 -5.77 2.16 24.23
N LEU A 34 -5.21 1.46 25.22
CA LEU A 34 -3.82 1.03 25.14
C LEU A 34 -3.60 0.10 23.95
N LEU A 35 -4.45 -0.92 23.80
CA LEU A 35 -4.26 -1.91 22.74
C LEU A 35 -4.45 -1.30 21.36
N ASN A 36 -5.41 -0.40 21.22
CA ASN A 36 -5.57 0.30 19.97
C ASN A 36 -4.34 1.13 19.63
N SER A 37 -3.80 1.84 20.62
CA SER A 37 -2.58 2.62 20.40
C SER A 37 -1.42 1.70 20.01
N LEU A 38 -1.30 0.56 20.68
CA LEU A 38 -0.28 -0.41 20.33
C LEU A 38 -0.44 -0.91 18.90
N CYS A 39 -1.68 -1.20 18.48
CA CYS A 39 -1.90 -1.68 17.12
C CYS A 39 -1.47 -0.66 16.08
N THR A 40 -1.71 0.62 16.35
CA THR A 40 -1.27 1.67 15.44
C THR A 40 0.25 1.68 15.32
N ALA A 41 0.95 1.55 16.46
CA ALA A 41 2.40 1.47 16.41
C ALA A 41 2.85 0.25 15.60
N VAL A 42 2.18 -0.89 15.78
CA VAL A 42 2.56 -2.12 15.08
C VAL A 42 2.38 -1.95 13.57
N LYS A 43 1.30 -1.30 13.15
CA LYS A 43 1.10 -1.07 11.73
C LYS A 43 2.20 -0.17 11.17
N ALA A 44 2.62 0.83 11.95
CA ALA A 44 3.70 1.70 11.47
C ALA A 44 5.03 0.96 11.45
N ILE A 45 5.27 0.08 12.44
CA ILE A 45 6.49 -0.72 12.39
C ILE A 45 6.48 -1.61 11.15
N SER A 46 5.36 -2.30 10.91
CA SER A 46 5.25 -3.18 9.76
C SER A 46 5.54 -2.45 8.46
N SER A 47 4.96 -1.27 8.28
CA SER A 47 5.19 -0.49 7.07
C SER A 47 6.69 -0.22 6.87
N ALA A 48 7.40 0.14 7.95
CA ALA A 48 8.83 0.43 7.85
C ALA A 48 9.66 -0.83 7.62
N VAL A 49 9.30 -1.92 8.29
CA VAL A 49 10.02 -3.19 8.13
C VAL A 49 9.91 -3.70 6.69
N ARG A 50 8.75 -3.53 6.07
CA ARG A 50 8.57 -3.88 4.66
C ARG A 50 9.18 -2.85 3.72
N LYS A 51 9.82 -1.80 4.24
CA LYS A 51 10.63 -0.87 3.46
C LYS A 51 9.80 0.09 2.58
N ALA A 52 8.58 0.39 2.99
CA ALA A 52 7.84 1.45 2.33
C ALA A 52 8.65 2.75 2.40
N GLY A 53 8.84 3.39 1.26
CA GLY A 53 9.61 4.62 1.22
C GLY A 53 11.10 4.46 1.09
N ILE A 54 11.62 3.24 1.00
CA ILE A 54 13.06 3.03 0.91
C ILE A 54 13.65 3.70 -0.33
N ALA A 55 12.85 3.90 -1.37
CA ALA A 55 13.36 4.61 -2.56
C ALA A 55 13.88 6.00 -2.21
N HIS A 56 13.27 6.67 -1.23
CA HIS A 56 13.69 8.01 -0.83
C HIS A 56 15.06 8.00 -0.17
N LEU A 57 15.36 6.96 0.60
CA LEU A 57 16.71 6.83 1.15
C LEU A 57 17.74 6.60 0.06
N TYR A 58 17.35 6.06 -1.08
CA TYR A 58 18.32 5.78 -2.12
C TYR A 58 18.32 6.83 -3.22
N GLY A 59 17.74 8.00 -2.95
CA GLY A 59 17.90 9.16 -3.81
C GLY A 59 16.87 9.36 -4.90
N ILE A 60 15.67 8.79 -4.77
CA ILE A 60 14.71 8.91 -5.86
C ILE A 60 14.34 10.36 -6.10
N ALA A 61 14.32 11.17 -5.04
CA ALA A 61 14.03 12.60 -5.18
C ALA A 61 15.31 13.44 -5.17
N GLY A 62 16.46 12.83 -5.39
CA GLY A 62 17.72 13.56 -5.40
C GLY A 62 18.50 13.44 -4.11
N VAL A 71 15.49 7.53 8.19
CA VAL A 71 16.92 7.61 8.46
C VAL A 71 17.35 6.82 9.68
N LYS A 72 16.47 6.73 10.68
CA LYS A 72 16.80 5.95 11.87
C LYS A 72 16.88 4.47 11.53
N LYS A 73 17.69 3.74 12.30
CA LYS A 73 17.59 2.28 12.26
C LYS A 73 16.20 1.84 12.72
N LEU A 74 15.76 0.69 12.20
CA LEU A 74 14.41 0.23 12.44
C LEU A 74 14.15 -0.05 13.91
N ASP A 75 15.15 -0.54 14.66
CA ASP A 75 14.88 -0.79 16.07
C ASP A 75 14.73 0.51 16.87
N VAL A 76 15.45 1.57 16.49
CA VAL A 76 15.25 2.87 17.12
C VAL A 76 13.87 3.44 16.76
N LEU A 77 13.53 3.40 15.46
CA LEU A 77 12.23 3.90 15.03
C LEU A 77 11.09 3.14 15.70
N SER A 78 11.18 1.80 15.76
CA SER A 78 10.15 0.99 16.40
C SER A 78 9.98 1.34 17.87
N ASN A 79 11.10 1.54 18.58
CA ASN A 79 11.00 1.95 19.98
C ASN A 79 10.31 3.29 20.11
N ASP A 80 10.65 4.25 19.24
CA ASP A 80 10.01 5.56 19.25
C ASP A 80 8.52 5.44 18.97
N LEU A 81 8.13 4.59 18.01
CA LEU A 81 6.71 4.40 17.70
C LEU A 81 5.94 3.83 18.89
N VAL A 82 6.45 2.74 19.48
CA VAL A 82 5.73 2.13 20.60
C VAL A 82 5.68 3.09 21.80
N MET A 83 6.82 3.68 22.15
CA MET A 83 6.87 4.61 23.27
C MET A 83 5.85 5.74 23.09
N ASN A 84 5.84 6.35 21.90
CA ASN A 84 5.01 7.53 21.72
C ASN A 84 3.52 7.18 21.66
N MET A 85 3.16 6.07 21.01
CA MET A 85 1.75 5.69 20.96
C MET A 85 1.24 5.30 22.36
N LEU A 86 2.08 4.63 23.17
CA LEU A 86 1.64 4.23 24.51
C LEU A 86 1.54 5.43 25.46
N LYS A 87 2.55 6.33 25.45
CA LYS A 87 2.44 7.55 26.27
C LYS A 87 1.18 8.32 25.94
N SER A 88 0.93 8.54 24.65
CA SER A 88 -0.22 9.33 24.22
C SER A 88 -1.54 8.58 24.34
N SER A 89 -1.54 7.31 24.76
CA SER A 89 -2.79 6.57 24.93
C SER A 89 -3.53 6.95 26.21
N PHE A 90 -2.87 7.64 27.14
CA PHE A 90 -3.41 7.94 28.47
C PHE A 90 -3.72 6.70 29.27
N ALA A 91 -3.20 5.54 28.88
CA ALA A 91 -3.51 4.29 29.56
C ALA A 91 -2.35 3.73 30.36
N THR A 92 -1.17 4.36 30.33
CA THR A 92 0.04 3.75 30.90
C THR A 92 0.74 4.69 31.88
N CYS A 93 1.56 4.12 32.77
CA CYS A 93 2.31 4.98 33.70
C CYS A 93 3.79 4.63 33.74
N VAL A 94 4.16 3.38 33.46
CA VAL A 94 5.54 2.91 33.47
C VAL A 94 5.78 2.08 32.21
N LEU A 95 6.85 2.40 31.49
CA LEU A 95 7.16 1.73 30.22
C LEU A 95 8.57 1.19 30.29
N VAL A 96 8.70 -0.12 30.08
CA VAL A 96 10.00 -0.79 30.06
C VAL A 96 10.25 -1.28 28.65
N SER A 97 11.38 -0.88 28.09
CA SER A 97 11.76 -1.26 26.75
C SER A 97 13.14 -1.87 26.78
N GLU A 98 13.32 -2.88 25.92
CA GLU A 98 14.66 -3.43 25.68
C GLU A 98 15.65 -2.33 25.37
N GLU A 99 15.21 -1.23 24.77
CA GLU A 99 16.12 -0.20 24.30
C GLU A 99 16.60 0.76 25.39
N ASP A 100 15.92 0.83 26.53
CA ASP A 100 16.21 1.89 27.50
C ASP A 100 16.63 1.28 28.83
N LYS A 101 17.79 1.74 29.34
CA LYS A 101 18.32 1.18 30.59
C LYS A 101 17.32 1.29 31.75
N HIS A 102 16.63 2.41 31.87
CA HIS A 102 15.70 2.60 32.97
C HIS A 102 14.27 2.62 32.44
N ALA A 103 13.35 2.31 33.36
CA ALA A 103 11.94 2.45 33.03
C ALA A 103 11.64 3.90 32.68
N ILE A 104 10.78 4.08 31.69
CA ILE A 104 10.25 5.39 31.36
C ILE A 104 9.00 5.63 32.21
N ILE A 105 8.97 6.76 32.89
CA ILE A 105 7.81 7.14 33.71
C ILE A 105 6.98 8.10 32.89
N VAL A 106 5.70 7.75 32.66
CA VAL A 106 4.84 8.60 31.87
C VAL A 106 4.56 9.89 32.64
N GLU A 107 4.60 11.02 31.92
CA GLU A 107 4.41 12.30 32.57
C GLU A 107 2.98 12.41 33.11
N PRO A 108 2.80 13.14 34.23
CA PRO A 108 1.53 13.04 34.98
C PRO A 108 0.28 13.25 34.16
N GLU A 109 0.29 14.20 33.22
CA GLU A 109 -0.95 14.51 32.52
C GLU A 109 -1.39 13.37 31.61
N LYS A 110 -0.52 12.40 31.34
CA LYS A 110 -0.84 11.31 30.42
C LYS A 110 -0.89 9.94 31.10
N ARG A 111 -0.81 9.89 32.43
CA ARG A 111 -0.68 8.62 33.13
C ARG A 111 -2.01 7.87 33.16
N GLY A 112 -1.97 6.59 32.80
CA GLY A 112 -3.06 5.67 33.06
C GLY A 112 -2.59 4.56 34.00
N LYS A 113 -3.34 3.48 34.10
CA LYS A 113 -3.08 2.53 35.17
C LYS A 113 -2.16 1.38 34.76
N TYR A 114 -1.75 1.28 33.50
CA TYR A 114 -1.05 0.08 33.04
C TYR A 114 0.45 0.27 32.92
N VAL A 115 1.17 -0.84 33.11
CA VAL A 115 2.61 -0.93 32.97
C VAL A 115 2.87 -1.84 31.78
N VAL A 116 3.69 -1.39 30.84
CA VAL A 116 3.93 -2.15 29.63
C VAL A 116 5.42 -2.40 29.49
N CYS A 117 5.79 -3.67 29.32
CA CYS A 117 7.15 -4.09 29.01
C CYS A 117 7.15 -4.58 27.57
N PHE A 118 8.09 -4.10 26.76
CA PHE A 118 8.04 -4.51 25.37
C PHE A 118 9.44 -4.57 24.79
N ASP A 119 9.56 -5.39 23.75
CA ASP A 119 10.73 -5.45 22.89
C ASP A 119 10.30 -4.94 21.52
N PRO A 120 10.66 -3.72 21.11
CA PRO A 120 9.99 -3.13 19.94
C PRO A 120 10.35 -3.77 18.62
N LEU A 121 11.55 -4.31 18.45
CA LEU A 121 11.86 -4.98 17.19
C LEU A 121 12.84 -6.13 17.46
N ASP A 122 12.32 -7.18 18.10
CA ASP A 122 13.14 -8.36 18.41
C ASP A 122 13.64 -9.02 17.15
N GLY A 123 14.91 -9.43 17.18
CA GLY A 123 15.54 -10.06 16.05
C GLY A 123 16.15 -9.10 15.05
N SER A 124 16.08 -7.80 15.30
CA SER A 124 16.51 -6.82 14.31
C SER A 124 18.02 -6.81 14.09
N SER A 125 18.80 -7.46 14.96
CA SER A 125 20.25 -7.46 14.78
C SER A 125 20.64 -8.12 13.46
N ASN A 126 19.83 -9.05 12.96
CA ASN A 126 20.08 -9.72 11.70
C ASN A 126 19.09 -9.32 10.60
N ILE A 127 18.41 -8.18 10.76
CA ILE A 127 17.43 -7.76 9.77
C ILE A 127 18.05 -7.45 8.41
N ASP A 128 19.39 -7.31 8.35
CA ASP A 128 20.08 -7.18 7.07
C ASP A 128 19.83 -8.37 6.17
N CYS A 129 19.52 -9.54 6.72
CA CYS A 129 19.25 -10.69 5.88
C CYS A 129 17.77 -10.94 5.71
N LEU A 130 16.92 -9.99 6.14
CA LEU A 130 15.47 -10.02 5.98
C LEU A 130 14.81 -11.15 6.77
N VAL A 131 15.48 -11.64 7.82
CA VAL A 131 14.86 -12.58 8.73
C VAL A 131 13.58 -11.97 9.31
N SER A 132 12.60 -12.84 9.61
CA SER A 132 11.44 -12.40 10.38
C SER A 132 11.88 -11.66 11.64
N VAL A 133 11.20 -10.56 11.95
CA VAL A 133 11.41 -9.83 13.19
C VAL A 133 10.05 -9.66 13.84
N GLY A 134 10.03 -9.10 15.05
CA GLY A 134 8.75 -8.99 15.72
C GLY A 134 8.77 -8.00 16.87
N THR A 135 7.57 -7.70 17.36
CA THR A 135 7.37 -6.87 18.53
C THR A 135 6.72 -7.71 19.60
N ILE A 136 7.25 -7.68 20.82
CA ILE A 136 6.74 -8.46 21.94
C ILE A 136 6.29 -7.50 23.02
N PHE A 137 5.18 -7.82 23.70
CA PHE A 137 4.69 -6.91 24.72
C PHE A 137 4.02 -7.68 25.85
N GLY A 138 4.12 -7.14 27.06
CA GLY A 138 3.42 -7.63 28.22
C GLY A 138 2.84 -6.47 29.01
N ILE A 139 1.60 -6.61 29.47
CA ILE A 139 0.84 -5.52 30.09
C ILE A 139 0.42 -5.92 31.50
N TYR A 140 0.80 -5.10 32.48
CA TYR A 140 0.45 -5.26 33.89
C TYR A 140 -0.39 -4.09 34.35
N ARG A 141 -1.19 -4.33 35.39
CA ARG A 141 -1.84 -3.29 36.16
C ARG A 141 -0.91 -2.83 37.27
N LYS A 142 -0.76 -1.51 37.43
CA LYS A 142 0.05 -1.01 38.53
C LYS A 142 -0.58 -1.40 39.86
N LYS A 143 0.23 -2.00 40.74
CA LYS A 143 -0.29 -2.58 41.97
C LYS A 143 -0.18 -1.66 43.17
N SER A 144 0.82 -0.80 43.22
CA SER A 144 1.01 0.03 44.39
C SER A 144 0.36 1.39 44.18
N THR A 145 0.10 2.08 45.29
CA THR A 145 -0.39 3.46 45.25
C THR A 145 0.75 4.46 45.31
N ASP A 146 1.99 3.98 45.40
CA ASP A 146 3.15 4.84 45.32
C ASP A 146 3.16 5.60 43.99
N GLU A 147 3.94 6.68 43.98
CA GLU A 147 4.27 7.33 42.72
C GLU A 147 4.83 6.28 41.77
N PRO A 148 4.47 6.31 40.47
CA PRO A 148 4.94 5.28 39.56
C PRO A 148 6.45 5.25 39.47
N SER A 149 7.01 4.05 39.42
CA SER A 149 8.46 3.91 39.39
C SER A 149 8.80 2.59 38.74
N GLU A 150 10.12 2.40 38.51
CA GLU A 150 10.61 1.19 37.89
C GLU A 150 10.13 -0.06 38.63
N LYS A 151 9.91 0.06 39.95
CA LYS A 151 9.49 -1.09 40.74
C LYS A 151 8.16 -1.65 40.27
N ASP A 152 7.31 -0.82 39.67
CA ASP A 152 5.99 -1.30 39.22
C ASP A 152 6.09 -2.31 38.09
N ALA A 153 7.22 -2.37 37.41
CA ALA A 153 7.46 -3.34 36.37
C ALA A 153 8.01 -4.66 36.90
N LEU A 154 8.41 -4.70 38.18
CA LEU A 154 9.03 -5.90 38.75
C LEU A 154 7.96 -6.83 39.32
N GLN A 155 7.06 -7.27 38.45
CA GLN A 155 6.00 -8.21 38.79
C GLN A 155 6.26 -9.56 38.12
N PRO A 156 5.88 -10.66 38.77
CA PRO A 156 5.97 -11.97 38.10
C PRO A 156 5.00 -12.03 36.92
N GLY A 157 5.35 -12.86 35.93
CA GLY A 157 4.52 -12.98 34.74
C GLY A 157 3.09 -13.39 35.05
N ARG A 158 2.88 -14.06 36.19
CA ARG A 158 1.55 -14.43 36.65
C ARG A 158 0.60 -13.24 36.71
N ASN A 159 1.12 -12.03 36.93
CA ASN A 159 0.26 -10.86 37.09
C ASN A 159 -0.16 -10.24 35.77
N LEU A 160 0.27 -10.81 34.64
CA LEU A 160 -0.01 -10.20 33.33
C LEU A 160 -1.51 -10.08 33.11
N VAL A 161 -1.91 -8.92 32.61
CA VAL A 161 -3.30 -8.69 32.19
C VAL A 161 -3.50 -9.10 30.74
N ALA A 162 -2.48 -8.93 29.91
CA ALA A 162 -2.54 -9.25 28.49
C ALA A 162 -1.09 -9.29 28.02
N ALA A 163 -0.83 -10.08 26.99
CA ALA A 163 0.51 -10.13 26.42
C ALA A 163 0.39 -10.69 25.01
N GLY A 164 1.47 -10.56 24.26
CA GLY A 164 1.48 -11.16 22.93
C GLY A 164 2.60 -10.59 22.08
N TYR A 165 2.41 -10.65 20.77
CA TYR A 165 3.46 -10.22 19.86
C TYR A 165 2.85 -9.94 18.50
N ALA A 166 3.55 -9.09 17.76
CA ALA A 166 3.35 -8.95 16.32
C ALA A 166 4.52 -9.62 15.64
N LEU A 167 4.24 -10.47 14.67
CA LEU A 167 5.27 -11.10 13.85
C LEU A 167 5.25 -10.47 12.48
N TYR A 168 6.37 -9.86 12.09
CA TYR A 168 6.54 -9.30 10.75
C TYR A 168 7.27 -10.36 9.93
N GLY A 169 6.51 -11.34 9.45
CA GLY A 169 7.06 -12.45 8.67
C GLY A 169 6.63 -12.36 7.22
N SER A 170 6.27 -13.49 6.62
CA SER A 170 5.75 -13.43 5.25
C SER A 170 4.50 -12.56 5.20
N ALA A 171 3.69 -12.58 6.26
CA ALA A 171 2.67 -11.56 6.50
C ALA A 171 2.83 -11.06 7.93
N THR A 172 2.10 -10.01 8.26
CA THR A 172 2.14 -9.46 9.60
C THR A 172 0.95 -9.95 10.41
N MET A 173 1.24 -10.53 11.56
CA MET A 173 0.21 -11.08 12.42
C MET A 173 0.40 -10.59 13.84
N LEU A 174 -0.72 -10.25 14.48
CA LEU A 174 -0.72 -9.91 15.90
C LEU A 174 -1.37 -11.08 16.65
N VAL A 175 -0.61 -11.66 17.58
CA VAL A 175 -1.11 -12.70 18.47
C VAL A 175 -1.36 -12.04 19.82
N LEU A 176 -2.60 -12.08 20.29
CA LEU A 176 -2.99 -11.42 21.53
C LEU A 176 -3.57 -12.45 22.49
N ALA A 177 -2.97 -12.57 23.66
CA ALA A 177 -3.43 -13.48 24.72
C ALA A 177 -3.99 -12.66 25.87
N MET A 178 -5.16 -13.05 26.34
CA MET A 178 -5.79 -12.47 27.53
C MET A 178 -6.47 -13.60 28.29
N ASP A 179 -7.24 -13.25 29.32
CA ASP A 179 -7.97 -14.27 30.07
C ASP A 179 -8.90 -15.07 29.18
N CYS A 180 -9.49 -14.43 28.17
CA CYS A 180 -10.36 -15.14 27.24
C CYS A 180 -9.60 -16.10 26.32
N GLY A 181 -8.28 -16.14 26.37
CA GLY A 181 -7.49 -17.02 25.52
C GLY A 181 -6.62 -16.28 24.53
N VAL A 182 -6.13 -17.02 23.54
CA VAL A 182 -5.21 -16.51 22.53
C VAL A 182 -5.96 -16.36 21.20
N ASN A 183 -5.83 -15.20 20.58
CA ASN A 183 -6.47 -14.94 19.29
C ASN A 183 -5.46 -14.32 18.34
N CYS A 184 -5.51 -14.73 17.07
CA CYS A 184 -4.55 -14.34 16.06
C CYS A 184 -5.22 -13.48 15.02
N PHE A 185 -4.63 -12.32 14.75
CA PHE A 185 -5.22 -11.33 13.86
C PHE A 185 -4.20 -11.04 12.76
N MET A 186 -4.62 -11.22 11.50
CA MET A 186 -3.76 -10.94 10.35
C MET A 186 -3.91 -9.50 9.92
N LEU A 187 -2.79 -8.79 9.80
CA LEU A 187 -2.83 -7.43 9.27
C LEU A 187 -3.12 -7.47 7.77
N ASP A 188 -4.20 -6.84 7.34
CA ASP A 188 -4.50 -6.63 5.94
C ASP A 188 -3.91 -5.27 5.57
N PRO A 189 -2.78 -5.24 4.85
CA PRO A 189 -2.15 -3.95 4.56
C PRO A 189 -2.95 -3.05 3.63
N ALA A 190 -3.90 -3.60 2.87
CA ALA A 190 -4.69 -2.77 1.96
C ALA A 190 -5.57 -1.78 2.72
N ILE A 191 -6.01 -2.14 3.93
CA ILE A 191 -6.93 -1.31 4.71
C ILE A 191 -6.44 -1.04 6.12
N GLY A 192 -5.25 -1.52 6.51
CA GLY A 192 -4.75 -1.31 7.86
C GLY A 192 -5.65 -1.80 8.98
N GLU A 193 -6.13 -3.04 8.87
CA GLU A 193 -6.96 -3.65 9.89
C GLU A 193 -6.39 -5.03 10.20
N PHE A 194 -6.39 -5.38 11.48
CA PHE A 194 -6.01 -6.72 11.93
C PHE A 194 -7.25 -7.59 11.91
N ILE A 195 -7.28 -8.59 11.04
CA ILE A 195 -8.46 -9.42 10.84
C ILE A 195 -8.34 -10.67 11.71
N LEU A 196 -9.38 -10.96 12.50
CA LEU A 196 -9.36 -12.19 13.32
C LEU A 196 -9.40 -13.42 12.41
N VAL A 197 -8.36 -14.23 12.45
CA VAL A 197 -8.30 -15.41 11.58
C VAL A 197 -8.18 -16.73 12.35
N ASP A 198 -7.74 -16.74 13.60
CA ASP A 198 -7.70 -17.98 14.38
C ASP A 198 -8.14 -17.66 15.80
N LYS A 199 -9.25 -18.25 16.24
CA LYS A 199 -9.86 -17.91 17.51
C LYS A 199 -9.52 -18.93 18.58
N ASP A 200 -9.22 -18.44 19.77
CA ASP A 200 -9.01 -19.29 20.96
C ASP A 200 -8.06 -20.45 20.65
N VAL A 201 -6.87 -20.12 20.16
CA VAL A 201 -5.99 -21.15 19.64
C VAL A 201 -5.36 -21.92 20.79
N LYS A 202 -5.19 -23.23 20.58
CA LYS A 202 -4.53 -24.13 21.51
C LYS A 202 -3.38 -24.81 20.81
N ILE A 203 -2.28 -25.02 21.53
CA ILE A 203 -1.11 -25.68 20.97
C ILE A 203 -1.34 -27.19 21.00
N LYS A 204 -0.73 -27.90 20.04
CA LYS A 204 -0.73 -29.35 20.05
C LYS A 204 -0.18 -29.88 21.36
N LYS A 205 -0.73 -31.00 21.81
CA LYS A 205 -0.24 -31.61 23.04
C LYS A 205 1.21 -32.06 22.88
N LYS A 206 1.60 -32.48 21.68
CA LYS A 206 2.97 -32.91 21.41
C LYS A 206 3.29 -32.63 19.95
N GLY A 207 4.49 -32.10 19.70
CA GLY A 207 4.90 -31.76 18.36
C GLY A 207 6.02 -32.65 17.85
N LYS A 208 6.60 -32.23 16.72
CA LYS A 208 7.64 -32.99 16.07
C LYS A 208 8.80 -32.10 15.60
N ILE A 209 8.96 -30.92 16.20
CA ILE A 209 10.04 -30.00 15.85
C ILE A 209 10.72 -29.55 17.15
N TYR A 210 12.04 -29.50 17.14
CA TYR A 210 12.76 -28.87 18.23
C TYR A 210 13.54 -27.69 17.68
N SER A 211 13.73 -26.67 18.52
CA SER A 211 14.24 -25.39 18.06
C SER A 211 15.22 -24.84 19.10
N LEU A 212 16.52 -24.84 18.75
CA LEU A 212 17.54 -24.17 19.54
C LEU A 212 18.81 -24.04 18.69
N ASN A 213 19.73 -23.20 19.15
CA ASN A 213 21.01 -23.00 18.46
C ASN A 213 21.95 -24.15 18.81
N GLU A 214 22.04 -25.15 17.95
CA GLU A 214 22.93 -26.28 18.22
C GLU A 214 24.39 -25.97 17.94
N GLY A 215 24.70 -24.82 17.34
CA GLY A 215 26.09 -24.48 17.13
C GLY A 215 26.90 -24.37 18.40
N TYR A 216 26.23 -24.07 19.52
CA TYR A 216 26.90 -23.93 20.80
C TYR A 216 26.81 -25.21 21.64
N ALA A 217 26.68 -26.36 20.98
CA ALA A 217 26.55 -27.65 21.66
C ALA A 217 27.67 -27.86 22.67
N LYS A 218 28.85 -27.31 22.40
CA LYS A 218 30.01 -27.48 23.30
C LYS A 218 29.72 -26.95 24.70
N ASP A 219 28.81 -25.99 24.83
CA ASP A 219 28.47 -25.39 26.10
C ASP A 219 27.19 -25.91 26.72
N PHE A 220 26.51 -26.87 26.08
CA PHE A 220 25.22 -27.34 26.57
C PHE A 220 25.31 -27.88 27.99
N ASP A 221 24.27 -27.62 28.76
CA ASP A 221 24.03 -28.36 29.98
C ASP A 221 23.79 -29.83 29.65
N PRO A 222 24.24 -30.77 30.50
CA PRO A 222 24.08 -32.20 30.16
C PRO A 222 22.64 -32.62 29.91
N ALA A 223 21.67 -32.03 30.61
CA ALA A 223 20.27 -32.36 30.36
C ALA A 223 19.84 -31.93 28.97
N VAL A 224 20.32 -30.77 28.51
CA VAL A 224 20.00 -30.31 27.15
C VAL A 224 20.65 -31.23 26.12
N THR A 225 21.93 -31.58 26.33
CA THR A 225 22.60 -32.51 25.42
C THR A 225 21.82 -33.82 25.32
N GLU A 226 21.41 -34.37 26.46
CA GLU A 226 20.69 -35.64 26.43
C GLU A 226 19.35 -35.48 25.73
N TYR A 227 18.60 -34.42 26.06
CA TYR A 227 17.28 -34.24 25.46
C TYR A 227 17.37 -34.12 23.93
N ILE A 228 18.31 -33.34 23.43
CA ILE A 228 18.44 -33.21 21.98
C ILE A 228 18.83 -34.54 21.36
N GLN A 229 19.67 -35.32 22.05
CA GLN A 229 19.99 -36.67 21.56
C GLN A 229 18.74 -37.53 21.45
N ARG A 230 17.82 -37.42 22.42
CA ARG A 230 16.59 -38.17 22.33
C ARG A 230 15.74 -37.75 21.14
N LYS A 231 15.81 -36.47 20.75
CA LYS A 231 15.01 -36.00 19.62
C LYS A 231 15.55 -36.51 18.29
N LYS A 232 16.87 -36.62 18.17
CA LYS A 232 17.52 -37.09 16.96
C LYS A 232 17.66 -38.61 16.90
N PHE A 233 17.83 -39.25 18.05
CA PHE A 233 18.04 -40.70 18.15
C PHE A 233 17.04 -41.22 19.17
N PRO A 234 15.78 -41.35 18.79
CA PRO A 234 14.74 -41.71 19.74
C PRO A 234 15.00 -43.11 20.28
N PRO A 235 14.88 -43.30 21.59
CA PRO A 235 15.09 -44.65 22.14
C PRO A 235 13.96 -45.61 21.81
N ASP A 236 12.74 -45.10 21.57
CA ASP A 236 11.55 -45.89 21.37
C ASP A 236 11.23 -46.20 19.90
N ASN A 237 12.20 -46.09 18.99
CA ASN A 237 11.98 -46.36 17.57
C ASN A 237 10.95 -45.43 16.93
N SER A 238 10.64 -44.29 17.56
CA SER A 238 9.81 -43.29 16.92
C SER A 238 10.63 -42.51 15.89
N ALA A 239 9.94 -41.69 15.11
CA ALA A 239 10.64 -40.91 14.10
C ALA A 239 11.41 -39.77 14.77
N PRO A 240 12.64 -39.49 14.33
CA PRO A 240 13.35 -38.32 14.85
C PRO A 240 12.57 -37.04 14.55
N TYR A 241 12.66 -36.11 15.47
CA TYR A 241 12.08 -34.78 15.28
C TYR A 241 12.83 -34.02 14.20
N GLY A 242 12.09 -33.19 13.47
CA GLY A 242 12.73 -32.18 12.65
C GLY A 242 13.29 -31.04 13.46
N ALA A 243 14.25 -30.31 12.88
CA ALA A 243 14.85 -29.16 13.54
C ALA A 243 14.56 -27.89 12.75
N ARG A 244 14.22 -26.81 13.47
CA ARG A 244 14.05 -25.48 12.88
C ARG A 244 14.57 -24.46 13.89
N TYR A 245 15.39 -23.51 13.44
CA TYR A 245 15.83 -22.43 14.32
C TYR A 245 16.05 -21.19 13.45
N VAL A 246 15.04 -20.31 13.43
CA VAL A 246 15.16 -19.07 12.68
C VAL A 246 16.18 -18.16 13.34
N GLY A 247 16.27 -18.21 14.66
CA GLY A 247 17.13 -17.29 15.39
C GLY A 247 16.47 -15.96 15.69
N SER A 248 15.19 -15.84 15.41
CA SER A 248 14.41 -14.67 15.77
C SER A 248 13.28 -15.21 16.65
N MET A 249 13.27 -14.81 17.93
CA MET A 249 12.43 -15.47 18.92
C MET A 249 10.98 -15.51 18.48
N VAL A 250 10.47 -14.39 17.95
CA VAL A 250 9.05 -14.31 17.60
C VAL A 250 8.72 -15.32 16.51
N ALA A 251 9.59 -15.43 15.49
CA ALA A 251 9.35 -16.39 14.42
C ALA A 251 9.37 -17.81 14.94
N ASP A 252 10.35 -18.14 15.79
CA ASP A 252 10.46 -19.49 16.31
C ASP A 252 9.30 -19.80 17.26
N VAL A 253 8.92 -18.84 18.11
CA VAL A 253 7.82 -19.11 19.05
C VAL A 253 6.50 -19.25 18.29
N HIS A 254 6.28 -18.42 17.28
CA HIS A 254 5.03 -18.53 16.54
C HIS A 254 4.92 -19.88 15.82
N ARG A 255 6.02 -20.35 15.21
CA ARG A 255 5.99 -21.69 14.61
C ARG A 255 5.67 -22.74 15.67
N THR A 256 6.25 -22.60 16.86
CA THR A 256 5.94 -23.52 17.94
C THR A 256 4.45 -23.51 18.28
N LEU A 257 3.85 -22.32 18.32
CA LEU A 257 2.42 -22.24 18.60
C LEU A 257 1.58 -22.93 17.52
N VAL A 258 1.92 -22.69 16.25
CA VAL A 258 1.08 -23.15 15.13
C VAL A 258 1.29 -24.63 14.85
N TYR A 259 2.54 -25.10 14.89
CA TYR A 259 2.83 -26.50 14.55
C TYR A 259 3.11 -27.38 15.77
N GLY A 260 3.27 -26.79 16.95
CA GLY A 260 3.63 -27.56 18.13
C GLY A 260 5.11 -27.89 18.16
N GLY A 261 5.53 -28.48 19.28
CA GLY A 261 6.93 -28.83 19.44
C GLY A 261 7.56 -28.01 20.56
N ILE A 262 8.87 -27.78 20.50
CA ILE A 262 9.58 -27.22 21.65
C ILE A 262 10.61 -26.20 21.18
N PHE A 263 10.75 -25.13 21.95
CA PHE A 263 11.71 -24.07 21.72
C PHE A 263 12.55 -23.90 22.98
N LEU A 264 13.88 -23.85 22.80
CA LEU A 264 14.77 -23.79 23.95
C LEU A 264 15.78 -22.67 23.76
N TYR A 265 15.91 -21.83 24.78
CA TYR A 265 17.07 -20.96 24.94
C TYR A 265 17.49 -21.17 26.39
N PRO A 266 18.17 -22.27 26.66
CA PRO A 266 18.38 -22.69 28.05
C PRO A 266 19.59 -22.05 28.72
N ALA A 267 19.67 -22.27 30.04
CA ALA A 267 20.85 -21.90 30.78
C ALA A 267 22.00 -22.84 30.42
N ASN A 268 23.22 -22.38 30.63
CA ASN A 268 24.39 -23.24 30.57
C ASN A 268 25.40 -22.74 31.59
N LYS A 269 26.61 -23.34 31.57
CA LYS A 269 27.63 -22.97 32.54
C LYS A 269 28.11 -21.54 32.31
N LYS A 270 28.28 -21.14 31.05
CA LYS A 270 28.67 -19.77 30.74
C LYS A 270 27.52 -18.76 30.87
N SER A 271 26.27 -19.22 30.84
CA SER A 271 25.09 -18.37 30.92
C SER A 271 24.12 -19.00 31.90
N PRO A 272 24.38 -18.88 33.19
CA PRO A 272 23.53 -19.57 34.17
C PRO A 272 22.12 -19.06 34.21
N ASN A 273 21.85 -17.85 33.73
CA ASN A 273 20.49 -17.34 33.67
C ASN A 273 19.93 -17.25 32.25
N GLY A 274 20.51 -17.96 31.29
CA GLY A 274 20.02 -17.83 29.92
C GLY A 274 20.47 -16.55 29.26
N LYS A 275 19.96 -16.31 28.04
CA LYS A 275 20.26 -15.07 27.36
C LYS A 275 19.04 -14.17 27.18
N LEU A 276 17.86 -14.73 26.92
CA LEU A 276 16.67 -13.93 26.68
C LEU A 276 16.24 -13.17 27.93
N ARG A 277 15.54 -12.06 27.73
CA ARG A 277 15.18 -11.15 28.81
C ARG A 277 13.82 -11.52 29.38
N LEU A 278 13.75 -11.61 30.72
CA LEU A 278 12.53 -12.10 31.37
C LEU A 278 11.33 -11.19 31.10
N LEU A 279 11.49 -9.87 31.27
CA LEU A 279 10.31 -9.00 31.38
C LEU A 279 9.60 -8.86 30.03
N TYR A 280 10.35 -8.74 28.93
CA TYR A 280 9.74 -8.43 27.65
C TYR A 280 10.10 -9.43 26.55
N GLU A 281 10.72 -10.56 26.88
CA GLU A 281 10.80 -11.67 25.94
C GLU A 281 10.17 -12.92 26.53
N CYS A 282 10.67 -13.40 27.68
CA CYS A 282 10.26 -14.70 28.22
C CYS A 282 8.83 -14.66 28.77
N ASN A 283 8.52 -13.69 29.63
CA ASN A 283 7.18 -13.64 30.23
C ASN A 283 6.06 -13.54 29.19
N PRO A 284 6.11 -12.64 28.21
CA PRO A 284 4.99 -12.59 27.26
C PRO A 284 4.80 -13.87 26.49
N MET A 285 5.89 -14.50 26.05
CA MET A 285 5.78 -15.78 25.33
C MET A 285 5.32 -16.89 26.26
N ALA A 286 5.80 -16.88 27.51
CA ALA A 286 5.31 -17.85 28.50
C ALA A 286 3.81 -17.70 28.71
N TYR A 287 3.34 -16.45 28.76
CA TYR A 287 1.92 -16.20 28.98
C TYR A 287 1.09 -16.65 27.77
N VAL A 288 1.54 -16.32 26.55
CA VAL A 288 0.87 -16.83 25.36
C VAL A 288 0.81 -18.36 25.38
N MET A 289 1.95 -18.99 25.67
CA MET A 289 2.00 -20.45 25.67
C MET A 289 1.02 -21.04 26.68
N GLU A 290 1.03 -20.52 27.91
CA GLU A 290 0.16 -21.09 28.93
C GLU A 290 -1.31 -20.87 28.60
N LYS A 291 -1.67 -19.68 28.11
CA LYS A 291 -3.05 -19.45 27.70
C LYS A 291 -3.46 -20.33 26.53
N ALA A 292 -2.49 -20.82 25.75
CA ALA A 292 -2.77 -21.72 24.65
C ALA A 292 -2.67 -23.20 25.05
N GLY A 293 -2.61 -23.49 26.35
CA GLY A 293 -2.46 -24.87 26.77
C GLY A 293 -1.05 -25.43 26.65
N GLY A 294 -0.04 -24.57 26.48
CA GLY A 294 1.34 -25.00 26.47
C GLY A 294 2.03 -24.74 27.80
N MET A 295 3.35 -24.89 27.78
CA MET A 295 4.17 -24.73 28.98
C MET A 295 5.40 -23.89 28.68
N ALA A 296 5.95 -23.29 29.74
CA ALA A 296 7.15 -22.50 29.63
C ALA A 296 7.88 -22.54 30.96
N THR A 297 9.10 -23.10 30.96
CA THR A 297 9.87 -23.33 32.18
C THR A 297 11.28 -22.78 32.02
N THR A 298 11.89 -22.41 33.14
CA THR A 298 13.33 -22.15 33.18
C THR A 298 14.14 -23.42 33.35
N GLY A 299 13.47 -24.55 33.60
CA GLY A 299 14.14 -25.74 34.07
C GLY A 299 13.80 -25.97 35.53
N LYS A 300 13.80 -24.89 36.32
CA LYS A 300 13.53 -24.98 37.74
C LYS A 300 12.11 -24.62 38.13
N GLU A 301 11.44 -23.75 37.37
CA GLU A 301 10.09 -23.30 37.70
C GLU A 301 9.44 -22.74 36.45
N ALA A 302 8.14 -22.51 36.54
CA ALA A 302 7.43 -21.81 35.49
C ALA A 302 8.00 -20.40 35.33
N VAL A 303 8.25 -20.01 34.08
CA VAL A 303 8.75 -18.66 33.76
C VAL A 303 7.87 -17.60 34.42
N LEU A 304 6.54 -17.77 34.36
CA LEU A 304 5.61 -16.80 34.90
C LEU A 304 5.68 -16.69 36.42
N ASP A 305 6.35 -17.62 37.10
CA ASP A 305 6.51 -17.55 38.55
C ASP A 305 7.80 -16.87 38.99
N VAL A 306 8.75 -16.64 38.08
CA VAL A 306 9.97 -15.94 38.48
C VAL A 306 9.61 -14.53 38.93
N ILE A 307 10.10 -14.15 40.10
CA ILE A 307 9.88 -12.80 40.65
C ILE A 307 11.10 -11.95 40.28
N PRO A 308 10.96 -10.96 39.41
CA PRO A 308 12.14 -10.23 38.96
C PRO A 308 12.61 -9.23 39.99
N THR A 309 13.93 -8.99 39.97
CA THR A 309 14.53 -7.95 40.78
C THR A 309 15.18 -6.87 39.92
N ASP A 310 15.31 -7.09 38.62
CA ASP A 310 15.92 -6.12 37.71
C ASP A 310 15.17 -6.18 36.37
N ILE A 311 14.76 -5.02 35.84
CA ILE A 311 13.88 -5.03 34.67
C ILE A 311 14.53 -5.64 33.45
N HIS A 312 15.86 -5.73 33.40
CA HIS A 312 16.56 -6.31 32.26
C HIS A 312 17.18 -7.66 32.57
N GLN A 313 16.75 -8.33 33.64
CA GLN A 313 17.37 -9.60 33.99
C GLN A 313 17.01 -10.66 32.96
N ARG A 314 17.91 -11.62 32.81
CA ARG A 314 17.78 -12.69 31.85
C ARG A 314 17.12 -13.90 32.51
N ALA A 315 16.56 -14.76 31.67
CA ALA A 315 15.92 -15.97 32.17
C ALA A 315 16.08 -17.06 31.12
N PRO A 316 16.37 -18.29 31.53
CA PRO A 316 16.31 -19.42 30.59
C PRO A 316 14.85 -19.70 30.24
N VAL A 317 14.63 -20.25 29.04
CA VAL A 317 13.26 -20.56 28.63
C VAL A 317 13.26 -21.79 27.75
N ILE A 318 12.39 -22.73 28.11
CA ILE A 318 12.06 -23.90 27.31
C ILE A 318 10.54 -23.92 27.27
N LEU A 319 9.96 -23.82 26.07
CA LEU A 319 8.52 -23.66 25.98
C LEU A 319 7.99 -24.44 24.79
N GLY A 320 6.66 -24.65 24.79
CA GLY A 320 6.00 -25.29 23.68
C GLY A 320 4.96 -26.31 24.09
N SER A 321 4.81 -27.35 23.28
CA SER A 321 3.82 -28.37 23.55
C SER A 321 4.05 -28.98 24.93
N PRO A 322 3.00 -29.21 25.71
CA PRO A 322 3.21 -29.67 27.10
C PRO A 322 3.93 -31.00 27.22
N ASP A 323 3.62 -31.99 26.36
CA ASP A 323 4.33 -33.27 26.45
C ASP A 323 5.82 -33.09 26.16
N ASP A 324 6.16 -32.20 25.23
CA ASP A 324 7.57 -31.99 24.92
C ASP A 324 8.29 -31.35 26.09
N VAL A 325 7.69 -30.31 26.67
CA VAL A 325 8.32 -29.65 27.81
C VAL A 325 8.40 -30.59 29.01
N LEU A 326 7.35 -31.38 29.23
CA LEU A 326 7.38 -32.35 30.33
C LEU A 326 8.51 -33.35 30.12
N GLU A 327 8.66 -33.84 28.89
CA GLU A 327 9.76 -34.75 28.61
C GLU A 327 11.09 -34.08 28.87
N PHE A 328 11.24 -32.81 28.46
CA PHE A 328 12.47 -32.12 28.77
C PHE A 328 12.70 -32.03 30.28
N LEU A 329 11.64 -31.72 31.03
CA LEU A 329 11.79 -31.56 32.48
C LEU A 329 12.19 -32.87 33.14
N LYS A 330 11.70 -34.00 32.64
CA LYS A 330 12.13 -35.28 33.19
C LYS A 330 13.64 -35.48 33.02
N VAL A 331 14.15 -35.22 31.82
CA VAL A 331 15.59 -35.28 31.61
C VAL A 331 16.30 -34.29 32.53
N TYR A 332 15.75 -33.08 32.64
CA TYR A 332 16.37 -32.07 33.49
C TYR A 332 16.44 -32.53 34.94
N GLU A 333 15.35 -33.10 35.45
CA GLU A 333 15.32 -33.63 36.82
C GLU A 333 16.30 -34.78 36.99
N LYS A 334 16.41 -35.64 35.97
CA LYS A 334 17.34 -36.77 36.02
C LYS A 334 18.78 -36.32 36.26
N HIS A 335 19.17 -35.20 35.66
CA HIS A 335 20.48 -34.62 35.90
C HIS A 335 20.49 -33.70 37.11
N SER A 336 19.43 -33.76 37.93
CA SER A 336 19.19 -32.92 39.11
C SER A 336 18.75 -31.53 38.67
N ASP B 10 23.41 7.75 -7.66
CA ASP B 10 22.14 7.90 -8.37
C ASP B 10 21.25 6.66 -8.18
N VAL B 11 20.00 6.92 -7.82
CA VAL B 11 19.02 5.86 -7.67
C VAL B 11 18.91 5.02 -8.96
N ASN B 12 18.60 3.74 -8.78
CA ASN B 12 18.38 2.86 -9.92
C ASN B 12 17.29 1.86 -9.53
N THR B 13 16.55 1.42 -10.54
CA THR B 13 15.50 0.43 -10.39
C THR B 13 15.87 -0.82 -11.17
N LEU B 14 15.18 -1.92 -10.88
CA LEU B 14 15.44 -3.19 -11.56
C LEU B 14 15.21 -3.05 -13.07
N THR B 15 14.07 -2.50 -13.47
CA THR B 15 13.74 -2.35 -14.88
C THR B 15 14.78 -1.51 -15.61
N ARG B 16 15.13 -0.36 -15.03
CA ARG B 16 16.08 0.54 -15.67
C ARG B 16 17.47 -0.09 -15.74
N PHE B 17 17.90 -0.71 -14.63
CA PHE B 17 19.18 -1.40 -14.60
C PHE B 17 19.24 -2.48 -15.70
N VAL B 18 18.18 -3.25 -15.88
CA VAL B 18 18.22 -4.32 -16.87
C VAL B 18 18.24 -3.74 -18.28
N MET B 19 17.44 -2.70 -18.52
CA MET B 19 17.45 -1.99 -19.80
C MET B 19 18.81 -1.38 -20.09
N GLU B 20 19.48 -0.85 -19.07
CA GLU B 20 20.79 -0.26 -19.31
C GLU B 20 21.81 -1.33 -19.66
N GLU B 21 21.85 -2.44 -18.89
CA GLU B 21 22.74 -3.54 -19.26
C GLU B 21 22.38 -4.13 -20.63
N GLY B 22 21.09 -4.19 -20.95
CA GLY B 22 20.69 -4.79 -22.22
C GLY B 22 21.08 -3.94 -23.42
N ARG B 23 20.92 -2.63 -23.31
CA ARG B 23 21.36 -1.74 -24.39
C ARG B 23 22.88 -1.76 -24.50
N LYS B 24 23.58 -1.81 -23.37
CA LYS B 24 25.03 -1.96 -23.38
C LYS B 24 25.46 -3.16 -24.22
N ALA B 25 24.85 -4.33 -23.96
CA ALA B 25 25.16 -5.57 -24.65
C ALA B 25 24.53 -5.65 -26.04
N ARG B 26 23.71 -4.67 -26.41
CA ARG B 26 23.05 -4.64 -27.72
C ARG B 26 22.21 -5.89 -27.94
N GLY B 27 21.55 -6.38 -26.88
CA GLY B 27 20.62 -7.47 -27.04
C GLY B 27 19.33 -6.97 -27.67
N THR B 28 18.47 -7.92 -28.05
CA THR B 28 17.24 -7.57 -28.75
C THR B 28 16.15 -7.02 -27.83
N GLY B 29 16.28 -7.17 -26.50
CA GLY B 29 15.24 -6.75 -25.56
C GLY B 29 14.40 -7.87 -25.00
N GLU B 30 14.55 -9.08 -25.54
CA GLU B 30 13.70 -10.19 -25.15
C GLU B 30 13.92 -10.59 -23.69
N LEU B 31 15.18 -10.66 -23.25
CA LEU B 31 15.44 -10.97 -21.85
C LEU B 31 14.90 -9.86 -20.93
N THR B 32 15.02 -8.60 -21.37
CA THR B 32 14.47 -7.50 -20.58
C THR B 32 12.96 -7.63 -20.45
N GLN B 33 12.27 -7.97 -21.54
CA GLN B 33 10.83 -8.19 -21.50
C GLN B 33 10.49 -9.33 -20.57
N LEU B 34 11.29 -10.41 -20.61
CA LEU B 34 11.07 -11.55 -19.72
C LEU B 34 11.23 -11.13 -18.25
N LEU B 35 12.33 -10.45 -17.94
CA LEU B 35 12.59 -10.10 -16.54
C LEU B 35 11.58 -9.08 -16.03
N ASN B 36 11.17 -8.12 -16.87
CA ASN B 36 10.13 -7.18 -16.44
C ASN B 36 8.82 -7.91 -16.14
N SER B 37 8.42 -8.86 -16.99
CA SER B 37 7.20 -9.61 -16.71
C SER B 37 7.31 -10.40 -15.42
N LEU B 38 8.46 -11.04 -15.19
CA LEU B 38 8.67 -11.80 -13.97
C LEU B 38 8.59 -10.88 -12.75
N CYS B 39 9.15 -9.68 -12.88
N CYS B 39 9.15 -9.67 -12.86
CA CYS B 39 9.12 -8.71 -11.79
CA CYS B 39 9.09 -8.72 -11.75
C CYS B 39 7.69 -8.30 -11.44
C CYS B 39 7.66 -8.33 -11.43
N THR B 40 6.84 -8.16 -12.46
CA THR B 40 5.43 -7.87 -12.21
C THR B 40 4.77 -9.01 -11.45
N ALA B 41 5.05 -10.26 -11.86
CA ALA B 41 4.53 -11.41 -11.14
C ALA B 41 5.02 -11.42 -9.68
N VAL B 42 6.29 -11.09 -9.46
CA VAL B 42 6.85 -11.10 -8.11
C VAL B 42 6.15 -10.06 -7.22
N LYS B 43 5.87 -8.87 -7.76
CA LYS B 43 5.16 -7.87 -6.97
C LYS B 43 3.74 -8.34 -6.62
N ALA B 44 3.08 -9.05 -7.55
CA ALA B 44 1.75 -9.57 -7.25
C ALA B 44 1.82 -10.69 -6.23
N ILE B 45 2.84 -11.54 -6.30
CA ILE B 45 2.99 -12.59 -5.29
C ILE B 45 3.22 -11.96 -3.92
N SER B 46 4.14 -10.99 -3.85
CA SER B 46 4.42 -10.31 -2.60
C SER B 46 3.14 -9.71 -1.98
N SER B 47 2.34 -9.02 -2.80
CA SER B 47 1.11 -8.42 -2.30
C SER B 47 0.18 -9.46 -1.68
N ALA B 48 0.02 -10.61 -2.34
CA ALA B 48 -0.85 -11.65 -1.81
C ALA B 48 -0.26 -12.31 -0.57
N VAL B 49 1.07 -12.54 -0.59
CA VAL B 49 1.75 -13.18 0.55
C VAL B 49 1.63 -12.31 1.80
N ARG B 50 1.75 -10.99 1.64
CA ARG B 50 1.53 -10.08 2.76
C ARG B 50 0.04 -9.91 3.11
N LYS B 51 -0.85 -10.60 2.39
CA LYS B 51 -2.26 -10.72 2.75
C LYS B 51 -3.05 -9.45 2.48
N ALA B 52 -2.61 -8.64 1.52
CA ALA B 52 -3.43 -7.53 1.05
C ALA B 52 -4.75 -8.05 0.51
N GLY B 53 -5.86 -7.51 1.00
CA GLY B 53 -7.16 -7.98 0.58
C GLY B 53 -7.71 -9.15 1.38
N ILE B 54 -6.98 -9.65 2.37
CA ILE B 54 -7.45 -10.83 3.11
C ILE B 54 -8.79 -10.55 3.80
N ALA B 55 -9.07 -9.28 4.10
CA ALA B 55 -10.36 -8.97 4.72
C ALA B 55 -11.53 -9.42 3.85
N HIS B 56 -11.37 -9.39 2.52
CA HIS B 56 -12.47 -9.80 1.64
C HIS B 56 -12.72 -11.30 1.73
N LEU B 57 -11.67 -12.09 1.90
CA LEU B 57 -11.87 -13.52 2.10
C LEU B 57 -12.57 -13.84 3.42
N TYR B 58 -12.46 -12.96 4.41
CA TYR B 58 -13.09 -13.21 5.70
C TYR B 58 -14.41 -12.47 5.87
N GLY B 59 -14.99 -11.99 4.77
CA GLY B 59 -16.36 -11.53 4.77
C GLY B 59 -16.59 -10.06 5.02
N ILE B 60 -15.60 -9.21 4.75
CA ILE B 60 -15.77 -7.80 5.07
C ILE B 60 -16.94 -7.21 4.29
N ALA B 61 -17.15 -7.68 3.07
CA ALA B 61 -18.27 -7.22 2.25
C ALA B 61 -19.45 -8.19 2.27
N GLY B 62 -19.49 -9.11 3.24
CA GLY B 62 -20.57 -10.08 3.33
C GLY B 62 -20.21 -11.44 2.79
N LYS B 73 -3.97 -22.34 -1.77
CA LYS B 73 -4.31 -21.45 -2.88
C LYS B 73 -3.16 -20.49 -3.21
N LEU B 74 -2.36 -20.09 -2.21
CA LEU B 74 -1.30 -19.11 -2.47
C LEU B 74 -0.25 -19.68 -3.41
N ASP B 75 0.12 -20.94 -3.24
CA ASP B 75 1.10 -21.49 -4.19
C ASP B 75 0.47 -21.64 -5.57
N VAL B 76 -0.85 -21.91 -5.63
CA VAL B 76 -1.53 -21.99 -6.92
C VAL B 76 -1.58 -20.62 -7.59
N LEU B 77 -1.96 -19.58 -6.83
CA LEU B 77 -2.00 -18.23 -7.36
C LEU B 77 -0.62 -17.81 -7.87
N SER B 78 0.42 -18.06 -7.07
CA SER B 78 1.78 -17.68 -7.44
C SER B 78 2.19 -18.35 -8.73
N ASN B 79 1.88 -19.65 -8.87
CA ASN B 79 2.19 -20.34 -10.11
C ASN B 79 1.44 -19.71 -11.29
N ASP B 80 0.16 -19.37 -11.09
CA ASP B 80 -0.62 -18.75 -12.17
C ASP B 80 -0.05 -17.40 -12.58
N LEU B 81 0.37 -16.59 -11.60
CA LEU B 81 0.95 -15.29 -11.90
C LEU B 81 2.22 -15.43 -12.74
N VAL B 82 3.14 -16.30 -12.32
CA VAL B 82 4.39 -16.47 -13.06
C VAL B 82 4.13 -17.05 -14.44
N MET B 83 3.33 -18.13 -14.53
CA MET B 83 3.01 -18.72 -15.81
C MET B 83 2.41 -17.69 -16.76
N ASN B 84 1.41 -16.95 -16.27
CA ASN B 84 0.71 -16.06 -17.18
C ASN B 84 1.59 -14.87 -17.59
N MET B 85 2.36 -14.32 -16.66
CA MET B 85 3.23 -13.20 -17.03
C MET B 85 4.32 -13.65 -17.98
N LEU B 86 4.90 -14.86 -17.77
CA LEU B 86 5.96 -15.32 -18.67
C LEU B 86 5.39 -15.64 -20.05
N LYS B 87 4.24 -16.32 -20.10
CA LYS B 87 3.60 -16.59 -21.39
C LYS B 87 3.37 -15.30 -22.16
N SER B 88 2.76 -14.31 -21.50
CA SER B 88 2.43 -13.07 -22.19
C SER B 88 3.64 -12.17 -22.41
N SER B 89 4.84 -12.54 -21.95
CA SER B 89 6.01 -11.71 -22.24
C SER B 89 6.52 -11.84 -23.67
N PHE B 90 6.06 -12.86 -24.40
CA PHE B 90 6.52 -13.22 -25.74
C PHE B 90 8.00 -13.57 -25.75
N ALA B 91 8.57 -13.87 -24.58
CA ALA B 91 9.98 -14.16 -24.47
C ALA B 91 10.31 -15.62 -24.19
N THR B 92 9.31 -16.49 -23.99
CA THR B 92 9.57 -17.83 -23.50
C THR B 92 8.92 -18.87 -24.42
N CYS B 93 9.45 -20.10 -24.34
CA CYS B 93 8.92 -21.20 -25.13
C CYS B 93 8.65 -22.44 -24.27
N VAL B 94 9.40 -22.63 -23.17
CA VAL B 94 9.25 -23.79 -22.31
C VAL B 94 9.28 -23.33 -20.86
N LEU B 95 8.29 -23.73 -20.07
CA LEU B 95 8.18 -23.29 -18.69
C LEU B 95 8.11 -24.51 -17.78
N VAL B 96 9.03 -24.60 -16.83
CA VAL B 96 9.08 -25.69 -15.87
C VAL B 96 8.80 -25.12 -14.50
N SER B 97 7.82 -25.69 -13.82
CA SER B 97 7.43 -25.21 -12.51
C SER B 97 7.39 -26.39 -11.54
N GLU B 98 7.78 -26.11 -10.30
CA GLU B 98 7.58 -27.07 -9.23
C GLU B 98 6.13 -27.56 -9.18
N GLU B 99 5.17 -26.72 -9.56
CA GLU B 99 3.76 -27.08 -9.43
C GLU B 99 3.23 -28.00 -10.52
N ASP B 100 3.93 -28.17 -11.63
CA ASP B 100 3.38 -28.84 -12.80
C ASP B 100 4.20 -30.07 -13.16
N LYS B 101 3.51 -31.21 -13.31
CA LYS B 101 4.14 -32.48 -13.60
C LYS B 101 5.00 -32.41 -14.87
N HIS B 102 4.46 -31.81 -15.92
CA HIS B 102 5.15 -31.73 -17.20
C HIS B 102 5.49 -30.28 -17.52
N ALA B 103 6.49 -30.11 -18.38
CA ALA B 103 6.83 -28.77 -18.85
C ALA B 103 5.63 -28.17 -19.57
N ILE B 104 5.44 -26.88 -19.37
CA ILE B 104 4.43 -26.16 -20.11
C ILE B 104 5.07 -25.63 -21.40
N ILE B 105 4.44 -25.92 -22.53
CA ILE B 105 4.93 -25.46 -23.82
C ILE B 105 4.12 -24.23 -24.19
N VAL B 106 4.81 -23.12 -24.45
CA VAL B 106 4.12 -21.88 -24.82
C VAL B 106 3.54 -22.02 -26.22
N GLU B 107 2.32 -21.52 -26.42
CA GLU B 107 1.69 -21.66 -27.73
C GLU B 107 2.43 -20.83 -28.78
N PRO B 108 2.39 -21.24 -30.06
CA PRO B 108 3.26 -20.61 -31.08
C PRO B 108 3.17 -19.10 -31.13
N GLU B 109 1.98 -18.51 -30.99
CA GLU B 109 1.85 -17.06 -31.15
C GLU B 109 2.52 -16.28 -30.03
N LYS B 110 2.88 -16.92 -28.92
CA LYS B 110 3.48 -16.20 -27.80
C LYS B 110 4.93 -16.62 -27.54
N ARG B 111 5.51 -17.46 -28.40
CA ARG B 111 6.82 -18.06 -28.13
C ARG B 111 7.95 -17.08 -28.34
N GLY B 112 8.85 -17.01 -27.35
CA GLY B 112 10.15 -16.40 -27.50
C GLY B 112 11.23 -17.45 -27.32
N LYS B 113 12.47 -17.02 -27.11
CA LYS B 113 13.60 -17.94 -27.20
C LYS B 113 14.07 -18.54 -25.87
N TYR B 114 13.47 -18.16 -24.74
CA TYR B 114 13.98 -18.52 -23.42
C TYR B 114 13.17 -19.63 -22.76
N VAL B 115 13.88 -20.41 -21.94
CA VAL B 115 13.33 -21.49 -21.13
C VAL B 115 13.44 -21.06 -19.68
N VAL B 116 12.34 -21.16 -18.91
CA VAL B 116 12.37 -20.73 -17.51
C VAL B 116 11.95 -21.89 -16.63
N CYS B 117 12.80 -22.19 -15.64
CA CYS B 117 12.48 -23.14 -14.59
C CYS B 117 12.30 -22.34 -13.32
N PHE B 118 11.19 -22.58 -12.60
CA PHE B 118 10.96 -21.74 -11.44
C PHE B 118 10.19 -22.53 -10.38
N ASP B 119 10.35 -22.07 -9.15
CA ASP B 119 9.58 -22.50 -8.00
C ASP B 119 8.76 -21.30 -7.56
N PRO B 120 7.44 -21.26 -7.79
CA PRO B 120 6.72 -19.98 -7.65
C PRO B 120 6.57 -19.53 -6.21
N LEU B 121 6.49 -20.45 -5.25
CA LEU B 121 6.37 -20.08 -3.83
C LEU B 121 7.07 -21.13 -2.98
N ASP B 122 8.39 -21.13 -3.03
CA ASP B 122 9.19 -22.06 -2.25
C ASP B 122 8.97 -21.84 -0.75
N GLY B 123 8.87 -22.93 -0.01
CA GLY B 123 8.65 -22.88 1.42
C GLY B 123 7.21 -22.74 1.83
N SER B 124 6.28 -22.70 0.87
CA SER B 124 4.88 -22.43 1.19
C SER B 124 4.22 -23.55 1.97
N SER B 125 4.83 -24.74 2.04
CA SER B 125 4.21 -25.82 2.81
C SER B 125 4.06 -25.42 4.28
N ASN B 126 4.91 -24.52 4.77
CA ASN B 126 4.85 -24.00 6.14
C ASN B 126 4.42 -22.54 6.21
N ILE B 127 3.75 -22.04 5.17
CA ILE B 127 3.34 -20.64 5.17
C ILE B 127 2.29 -20.36 6.24
N ASP B 128 1.66 -21.41 6.79
CA ASP B 128 0.73 -21.28 7.91
C ASP B 128 1.39 -20.66 9.14
N CYS B 129 2.70 -20.81 9.30
CA CYS B 129 3.36 -20.18 10.44
C CYS B 129 4.07 -18.90 10.04
N LEU B 130 3.80 -18.37 8.85
CA LEU B 130 4.34 -17.09 8.36
C LEU B 130 5.84 -17.12 8.18
N VAL B 131 6.42 -18.31 7.99
CA VAL B 131 7.82 -18.40 7.62
C VAL B 131 8.05 -17.60 6.33
N SER B 132 9.25 -17.04 6.22
CA SER B 132 9.69 -16.47 4.94
C SER B 132 9.47 -17.49 3.83
N VAL B 133 8.98 -17.02 2.69
CA VAL B 133 8.84 -17.82 1.48
C VAL B 133 9.50 -17.04 0.34
N GLY B 134 9.59 -17.70 -0.83
CA GLY B 134 10.26 -17.04 -1.93
C GLY B 134 9.93 -17.64 -3.28
N THR B 135 10.35 -16.93 -4.32
CA THR B 135 10.24 -17.37 -5.71
C THR B 135 11.63 -17.56 -6.26
N ILE B 136 11.89 -18.71 -6.88
CA ILE B 136 13.20 -19.03 -7.43
C ILE B 136 13.05 -19.22 -8.93
N PHE B 137 14.02 -18.75 -9.70
CA PHE B 137 13.93 -18.88 -11.15
C PHE B 137 15.32 -19.03 -11.76
N GLY B 138 15.37 -19.77 -12.87
CA GLY B 138 16.54 -19.89 -13.71
C GLY B 138 16.14 -19.80 -15.17
N ILE B 139 16.91 -19.09 -15.98
CA ILE B 139 16.55 -18.79 -17.35
C ILE B 139 17.63 -19.35 -18.28
N TYR B 140 17.21 -20.17 -19.24
CA TYR B 140 18.08 -20.72 -20.29
C TYR B 140 17.64 -20.21 -21.66
N ARG B 141 18.59 -20.12 -22.58
CA ARG B 141 18.24 -19.88 -23.96
C ARG B 141 18.03 -21.21 -24.68
N LYS B 142 16.93 -21.32 -25.43
CA LYS B 142 16.68 -22.51 -26.25
C LYS B 142 17.69 -22.57 -27.39
N LYS B 143 18.36 -23.71 -27.53
CA LYS B 143 19.52 -23.77 -28.40
C LYS B 143 19.16 -24.19 -29.84
N SER B 144 18.16 -25.04 -30.00
CA SER B 144 17.79 -25.66 -31.27
C SER B 144 16.67 -24.93 -31.99
N THR B 145 16.52 -25.26 -33.27
CA THR B 145 15.38 -24.85 -34.08
C THR B 145 14.25 -25.89 -34.06
N ASP B 146 14.43 -26.98 -33.31
CA ASP B 146 13.37 -27.97 -33.10
C ASP B 146 12.16 -27.30 -32.45
N GLU B 147 11.00 -27.91 -32.62
CA GLU B 147 9.83 -27.50 -31.84
C GLU B 147 10.17 -27.57 -30.35
N PRO B 148 9.77 -26.56 -29.56
CA PRO B 148 10.11 -26.56 -28.13
C PRO B 148 9.47 -27.75 -27.42
N SER B 149 10.20 -28.30 -26.45
CA SER B 149 9.70 -29.45 -25.70
C SER B 149 10.36 -29.47 -24.33
N GLU B 150 9.88 -30.38 -23.49
CA GLU B 150 10.41 -30.52 -22.13
C GLU B 150 11.92 -30.71 -22.11
N LYS B 151 12.45 -31.39 -23.13
CA LYS B 151 13.89 -31.66 -23.16
C LYS B 151 14.73 -30.39 -23.26
N ASP B 152 14.17 -29.29 -23.76
CA ASP B 152 14.92 -28.04 -23.79
C ASP B 152 15.24 -27.51 -22.39
N ALA B 153 14.52 -27.99 -21.37
CA ALA B 153 14.84 -27.62 -20.00
C ALA B 153 15.91 -28.50 -19.39
N LEU B 154 16.30 -29.57 -20.08
CA LEU B 154 17.29 -30.51 -19.57
C LEU B 154 18.69 -30.01 -19.93
N GLN B 155 19.03 -28.84 -19.38
CA GLN B 155 20.36 -28.26 -19.53
C GLN B 155 21.11 -28.21 -18.20
N PRO B 156 22.43 -28.35 -18.21
CA PRO B 156 23.19 -28.11 -16.97
C PRO B 156 23.13 -26.64 -16.58
N GLY B 157 23.25 -26.40 -15.27
CA GLY B 157 23.19 -25.03 -14.76
C GLY B 157 24.22 -24.11 -15.37
N ARG B 158 25.34 -24.67 -15.85
CA ARG B 158 26.35 -23.89 -16.57
C ARG B 158 25.78 -23.09 -17.73
N ASN B 159 24.69 -23.54 -18.33
CA ASN B 159 24.11 -22.84 -19.48
C ASN B 159 23.21 -21.69 -19.09
N LEU B 160 23.03 -21.43 -17.80
CA LEU B 160 22.11 -20.38 -17.37
C LEU B 160 22.53 -19.03 -17.94
N VAL B 161 21.54 -18.31 -18.47
CA VAL B 161 21.72 -16.94 -18.90
C VAL B 161 21.47 -15.97 -17.73
N ALA B 162 20.57 -16.33 -16.81
CA ALA B 162 20.23 -15.49 -15.67
C ALA B 162 19.52 -16.36 -14.65
N ALA B 163 19.64 -16.00 -13.37
CA ALA B 163 18.92 -16.70 -12.31
C ALA B 163 18.84 -15.78 -11.10
N GLY B 164 17.98 -16.17 -10.17
CA GLY B 164 17.91 -15.47 -8.91
C GLY B 164 16.66 -15.85 -8.16
N TYR B 165 16.25 -14.95 -7.27
CA TYR B 165 15.12 -15.26 -6.43
C TYR B 165 14.54 -13.97 -5.89
N ALA B 166 13.26 -14.03 -5.54
CA ALA B 166 12.62 -13.03 -4.71
C ALA B 166 12.35 -13.65 -3.35
N LEU B 167 12.77 -12.94 -2.30
CA LEU B 167 12.55 -13.34 -0.92
C LEU B 167 11.45 -12.46 -0.33
N TYR B 168 10.34 -13.10 0.10
CA TYR B 168 9.28 -12.41 0.83
C TYR B 168 9.55 -12.66 2.31
N GLY B 169 10.49 -11.89 2.84
CA GLY B 169 10.86 -12.03 4.22
C GLY B 169 10.31 -10.85 5.01
N SER B 170 11.11 -10.28 5.93
CA SER B 170 10.65 -9.08 6.63
C SER B 170 10.39 -7.95 5.64
N ALA B 171 11.17 -7.89 4.57
CA ALA B 171 10.84 -7.10 3.39
C ALA B 171 10.96 -8.02 2.18
N THR B 172 10.54 -7.53 1.02
CA THR B 172 10.65 -8.29 -0.21
C THR B 172 11.88 -7.83 -1.01
N MET B 173 12.74 -8.78 -1.37
CA MET B 173 13.94 -8.47 -2.14
C MET B 173 14.06 -9.43 -3.31
N LEU B 174 14.47 -8.87 -4.46
CA LEU B 174 14.78 -9.65 -5.64
C LEU B 174 16.30 -9.64 -5.82
N VAL B 175 16.88 -10.83 -5.84
CA VAL B 175 18.31 -11.01 -6.10
C VAL B 175 18.45 -11.55 -7.52
N LEU B 176 19.17 -10.82 -8.36
CA LEU B 176 19.29 -11.16 -9.78
C LEU B 176 20.76 -11.35 -10.12
N ALA B 177 21.10 -12.53 -10.63
CA ALA B 177 22.45 -12.85 -11.06
C ALA B 177 22.44 -12.95 -12.58
N MET B 178 23.37 -12.27 -13.23
CA MET B 178 23.59 -12.37 -14.66
C MET B 178 25.11 -12.37 -14.87
N ASP B 179 25.54 -12.33 -16.13
CA ASP B 179 26.98 -12.29 -16.40
C ASP B 179 27.66 -11.09 -15.74
N CYS B 180 26.97 -9.95 -15.65
CA CYS B 180 27.52 -8.76 -15.01
C CYS B 180 27.65 -8.88 -13.49
N GLY B 181 27.20 -9.97 -12.87
CA GLY B 181 27.29 -10.16 -11.43
C GLY B 181 25.92 -10.28 -10.78
N VAL B 182 25.92 -10.17 -9.44
CA VAL B 182 24.72 -10.32 -8.62
C VAL B 182 24.31 -8.95 -8.09
N ASN B 183 23.04 -8.61 -8.22
CA ASN B 183 22.52 -7.33 -7.75
C ASN B 183 21.23 -7.57 -6.97
N CYS B 184 21.07 -6.84 -5.86
CA CYS B 184 19.96 -7.01 -4.93
C CYS B 184 19.08 -5.77 -4.97
N PHE B 185 17.77 -5.99 -5.15
CA PHE B 185 16.79 -4.93 -5.33
C PHE B 185 15.71 -5.08 -4.27
N MET B 186 15.50 -4.03 -3.48
CA MET B 186 14.47 -4.03 -2.46
C MET B 186 13.15 -3.55 -3.05
N LEU B 187 12.09 -4.32 -2.86
CA LEU B 187 10.77 -3.85 -3.29
C LEU B 187 10.29 -2.75 -2.34
N ASP B 188 10.04 -1.57 -2.89
CA ASP B 188 9.43 -0.47 -2.16
C ASP B 188 7.92 -0.57 -2.37
N PRO B 189 7.18 -1.08 -1.39
CA PRO B 189 5.73 -1.26 -1.58
C PRO B 189 4.97 0.05 -1.74
N ALA B 190 5.53 1.18 -1.32
CA ALA B 190 4.83 2.46 -1.47
C ALA B 190 4.67 2.82 -2.94
N ILE B 191 5.61 2.41 -3.79
CA ILE B 191 5.62 2.76 -5.20
C ILE B 191 5.72 1.55 -6.11
N GLY B 192 5.75 0.34 -5.56
CA GLY B 192 5.83 -0.87 -6.38
C GLY B 192 7.01 -0.87 -7.31
N GLU B 193 8.18 -0.53 -6.78
CA GLU B 193 9.40 -0.47 -7.57
C GLU B 193 10.51 -1.21 -6.85
N PHE B 194 11.28 -1.99 -7.60
CA PHE B 194 12.47 -2.64 -7.06
C PHE B 194 13.64 -1.68 -7.15
N ILE B 195 14.16 -1.28 -6.00
CA ILE B 195 15.22 -0.31 -5.87
C ILE B 195 16.55 -1.04 -5.71
N LEU B 196 17.54 -0.69 -6.52
CA LEU B 196 18.88 -1.27 -6.40
C LEU B 196 19.52 -0.83 -5.09
N VAL B 197 19.80 -1.77 -4.19
CA VAL B 197 20.37 -1.43 -2.90
C VAL B 197 21.73 -2.07 -2.64
N ASP B 198 22.10 -3.14 -3.33
CA ASP B 198 23.42 -3.76 -3.16
C ASP B 198 23.94 -4.15 -4.53
N LYS B 199 25.04 -3.56 -4.95
CA LYS B 199 25.54 -3.72 -6.30
C LYS B 199 26.69 -4.72 -6.36
N ASP B 200 26.67 -5.58 -7.38
CA ASP B 200 27.78 -6.48 -7.70
C ASP B 200 28.28 -7.19 -6.45
N VAL B 201 27.35 -7.86 -5.76
CA VAL B 201 27.63 -8.36 -4.42
C VAL B 201 28.52 -9.59 -4.51
N LYS B 202 29.41 -9.70 -3.53
CA LYS B 202 30.32 -10.82 -3.37
C LYS B 202 30.12 -11.39 -1.97
N ILE B 203 30.12 -12.69 -1.87
CA ILE B 203 29.92 -13.34 -0.58
C ILE B 203 31.23 -13.34 0.19
N LYS B 204 31.13 -13.29 1.52
CA LYS B 204 32.31 -13.41 2.37
C LYS B 204 33.08 -14.67 2.03
N LYS B 205 34.41 -14.58 2.11
CA LYS B 205 35.26 -15.72 1.83
C LYS B 205 35.00 -16.86 2.81
N LYS B 206 34.67 -16.52 4.06
CA LYS B 206 34.39 -17.51 5.08
C LYS B 206 33.41 -16.91 6.08
N GLY B 207 32.42 -17.70 6.49
CA GLY B 207 31.40 -17.26 7.41
C GLY B 207 31.52 -17.93 8.77
N LYS B 208 30.46 -17.76 9.57
CA LYS B 208 30.42 -18.31 10.91
C LYS B 208 29.04 -18.90 11.26
N ILE B 209 28.25 -19.24 10.25
CA ILE B 209 26.96 -19.86 10.43
C ILE B 209 26.90 -21.07 9.52
N TYR B 210 26.39 -22.19 10.04
CA TYR B 210 26.08 -23.35 9.21
C TYR B 210 24.59 -23.62 9.31
N SER B 211 24.02 -24.12 8.22
CA SER B 211 22.57 -24.19 8.08
C SER B 211 22.19 -25.53 7.47
N LEU B 212 21.59 -26.41 8.28
CA LEU B 212 20.98 -27.64 7.77
C LEU B 212 20.04 -28.16 8.84
N ASN B 213 19.21 -29.12 8.44
CA ASN B 213 18.26 -29.76 9.34
C ASN B 213 19.00 -30.86 10.09
N GLU B 214 19.41 -30.58 11.33
CA GLU B 214 20.11 -31.59 12.13
C GLU B 214 19.15 -32.65 12.68
N GLY B 215 17.85 -32.50 12.45
CA GLY B 215 16.92 -33.55 12.80
C GLY B 215 17.20 -34.87 12.12
N TYR B 216 17.87 -34.85 10.96
CA TYR B 216 18.24 -36.06 10.23
C TYR B 216 19.62 -36.59 10.60
N ALA B 217 20.14 -36.24 11.79
CA ALA B 217 21.51 -36.64 12.13
C ALA B 217 21.72 -38.14 12.02
N LYS B 218 20.70 -38.93 12.39
CA LYS B 218 20.81 -40.38 12.34
C LYS B 218 21.03 -40.88 10.91
N ASP B 219 20.61 -40.10 9.90
CA ASP B 219 20.73 -40.53 8.52
C ASP B 219 21.92 -39.92 7.81
N PHE B 220 22.66 -39.02 8.45
CA PHE B 220 23.74 -38.30 7.78
C PHE B 220 24.81 -39.24 7.25
N ASP B 221 25.35 -38.91 6.09
CA ASP B 221 26.59 -39.50 5.63
C ASP B 221 27.70 -39.15 6.62
N PRO B 222 28.67 -40.04 6.83
CA PRO B 222 29.73 -39.74 7.80
C PRO B 222 30.47 -38.44 7.51
N ALA B 223 30.58 -38.05 6.24
CA ALA B 223 31.25 -36.80 5.91
C ALA B 223 30.48 -35.59 6.46
N VAL B 224 29.14 -35.61 6.35
CA VAL B 224 28.34 -34.52 6.93
C VAL B 224 28.46 -34.50 8.44
N THR B 225 28.37 -35.68 9.07
CA THR B 225 28.52 -35.78 10.52
C THR B 225 29.84 -35.19 10.98
N GLU B 226 30.94 -35.52 10.31
CA GLU B 226 32.24 -35.00 10.70
C GLU B 226 32.31 -33.48 10.48
N TYR B 227 31.83 -33.00 9.33
CA TYR B 227 31.89 -31.56 9.08
C TYR B 227 31.12 -30.79 10.16
N ILE B 228 29.91 -31.24 10.50
CA ILE B 228 29.15 -30.53 11.52
C ILE B 228 29.88 -30.57 12.86
N GLN B 229 30.54 -31.70 13.16
CA GLN B 229 31.32 -31.78 14.39
C GLN B 229 32.42 -30.73 14.41
N ARG B 230 33.05 -30.48 13.25
CA ARG B 230 34.06 -29.43 13.18
C ARG B 230 33.47 -28.05 13.48
N LYS B 231 32.19 -27.83 13.14
CA LYS B 231 31.58 -26.53 13.39
C LYS B 231 31.30 -26.29 14.86
N LYS B 232 30.99 -27.35 15.60
CA LYS B 232 30.70 -27.25 17.03
C LYS B 232 31.94 -27.34 17.90
N PHE B 233 32.96 -28.09 17.47
CA PHE B 233 34.20 -28.34 18.20
C PHE B 233 35.36 -28.07 17.25
N PRO B 234 35.70 -26.80 17.01
CA PRO B 234 36.65 -26.46 15.93
C PRO B 234 38.05 -27.01 16.19
N PRO B 235 38.67 -27.62 15.17
CA PRO B 235 40.02 -28.20 15.36
C PRO B 235 41.13 -27.17 15.55
N ASP B 236 40.96 -25.96 15.06
CA ASP B 236 41.98 -24.92 15.19
C ASP B 236 41.74 -24.01 16.38
N ASN B 237 40.82 -24.39 17.28
CA ASN B 237 40.50 -23.60 18.47
C ASN B 237 39.84 -22.27 18.14
N SER B 238 39.29 -22.11 16.94
CA SER B 238 38.47 -20.95 16.64
C SER B 238 37.10 -21.11 17.31
N ALA B 239 36.30 -20.05 17.26
CA ALA B 239 35.00 -20.08 17.92
C ALA B 239 34.02 -20.97 17.15
N PRO B 240 33.20 -21.76 17.84
CA PRO B 240 32.18 -22.57 17.15
C PRO B 240 31.25 -21.71 16.31
N TYR B 241 30.84 -22.25 15.16
CA TYR B 241 29.85 -21.56 14.34
C TYR B 241 28.49 -21.53 15.03
N GLY B 242 27.73 -20.45 14.79
CA GLY B 242 26.33 -20.48 15.11
C GLY B 242 25.56 -21.30 14.09
N ALA B 243 24.38 -21.78 14.48
CA ALA B 243 23.52 -22.55 13.58
C ALA B 243 22.23 -21.77 13.33
N ARG B 244 21.78 -21.78 12.08
CA ARG B 244 20.51 -21.18 11.68
C ARG B 244 19.87 -22.07 10.64
N TYR B 245 18.58 -22.38 10.79
CA TYR B 245 17.90 -23.17 9.77
C TYR B 245 16.43 -22.75 9.76
N VAL B 246 16.09 -21.85 8.82
CA VAL B 246 14.73 -21.40 8.71
C VAL B 246 13.83 -22.52 8.20
N GLY B 247 14.36 -23.40 7.37
CA GLY B 247 13.55 -24.42 6.75
C GLY B 247 12.88 -23.97 5.49
N SER B 248 13.19 -22.76 5.03
CA SER B 248 12.75 -22.24 3.75
C SER B 248 14.00 -21.87 2.97
N MET B 249 14.21 -22.54 1.83
CA MET B 249 15.48 -22.46 1.15
C MET B 249 15.89 -21.03 0.83
N VAL B 250 14.96 -20.21 0.34
CA VAL B 250 15.31 -18.85 -0.08
C VAL B 250 15.79 -18.03 1.11
N ALA B 251 15.12 -18.18 2.25
CA ALA B 251 15.53 -17.46 3.45
C ALA B 251 16.92 -17.90 3.90
N ASP B 252 17.16 -19.22 3.94
CA ASP B 252 18.46 -19.69 4.41
C ASP B 252 19.56 -19.31 3.43
N VAL B 253 19.29 -19.40 2.12
CA VAL B 253 20.33 -19.08 1.16
C VAL B 253 20.61 -17.57 1.16
N HIS B 254 19.56 -16.75 1.27
CA HIS B 254 19.80 -15.31 1.27
C HIS B 254 20.61 -14.89 2.48
N ARG B 255 20.32 -15.45 3.65
CA ARG B 255 21.15 -15.20 4.81
C ARG B 255 22.59 -15.60 4.54
N THR B 256 22.79 -16.74 3.88
CA THR B 256 24.14 -17.20 3.55
C THR B 256 24.86 -16.19 2.67
N LEU B 257 24.16 -15.65 1.66
CA LEU B 257 24.75 -14.62 0.80
C LEU B 257 25.13 -13.39 1.60
N VAL B 258 24.24 -12.95 2.50
CA VAL B 258 24.44 -11.67 3.19
C VAL B 258 25.48 -11.79 4.29
N TYR B 259 25.45 -12.88 5.06
CA TYR B 259 26.34 -13.01 6.21
C TYR B 259 27.50 -13.96 5.98
N GLY B 260 27.49 -14.73 4.89
CA GLY B 260 28.48 -15.75 4.68
C GLY B 260 28.12 -17.01 5.45
N GLY B 261 28.91 -18.06 5.23
CA GLY B 261 28.66 -19.32 5.89
C GLY B 261 28.28 -20.39 4.90
N ILE B 262 27.51 -21.39 5.35
CA ILE B 262 27.28 -22.57 4.53
C ILE B 262 25.86 -23.05 4.73
N PHE B 263 25.25 -23.52 3.65
CA PHE B 263 23.92 -24.12 3.64
C PHE B 263 24.05 -25.52 3.08
N LEU B 264 23.43 -26.49 3.73
CA LEU B 264 23.53 -27.87 3.30
C LEU B 264 22.15 -28.48 3.24
N TYR B 265 21.85 -29.15 2.13
CA TYR B 265 20.78 -30.14 2.09
C TYR B 265 21.36 -31.39 1.44
N PRO B 266 22.07 -32.22 2.23
CA PRO B 266 22.78 -33.40 1.70
C PRO B 266 21.83 -34.59 1.60
N ALA B 267 22.31 -35.72 1.10
CA ALA B 267 21.47 -36.90 1.09
C ALA B 267 21.19 -37.39 2.52
N ASN B 268 20.06 -38.08 2.68
CA ASN B 268 19.69 -38.75 3.93
C ASN B 268 18.96 -40.05 3.57
N LYS B 269 18.43 -40.74 4.58
CA LYS B 269 17.75 -42.01 4.33
C LYS B 269 16.48 -41.83 3.51
N LYS B 270 15.70 -40.77 3.81
CA LYS B 270 14.49 -40.48 3.05
C LYS B 270 14.78 -39.84 1.70
N SER B 271 15.98 -39.28 1.51
CA SER B 271 16.33 -38.58 0.27
C SER B 271 17.75 -38.90 -0.16
N PRO B 272 17.97 -40.09 -0.72
CA PRO B 272 19.35 -40.48 -1.13
C PRO B 272 19.94 -39.64 -2.27
N ASN B 273 19.13 -38.93 -3.06
CA ASN B 273 19.65 -37.97 -4.03
C ASN B 273 19.44 -36.54 -3.56
N GLY B 274 19.28 -36.36 -2.26
CA GLY B 274 18.89 -35.09 -1.70
C GLY B 274 17.39 -34.90 -1.83
N LYS B 275 16.93 -33.75 -1.34
CA LYS B 275 15.51 -33.42 -1.42
C LYS B 275 15.23 -32.27 -2.37
N LEU B 276 16.13 -31.29 -2.43
CA LEU B 276 15.88 -30.11 -3.25
C LEU B 276 15.97 -30.44 -4.73
N ARG B 277 15.25 -29.65 -5.53
CA ARG B 277 15.09 -29.93 -6.95
C ARG B 277 16.17 -29.24 -7.75
N LEU B 278 16.80 -29.99 -8.65
CA LEU B 278 17.96 -29.48 -9.38
C LEU B 278 17.59 -28.26 -10.22
N LEU B 279 16.49 -28.35 -10.97
CA LEU B 279 16.27 -27.41 -12.06
C LEU B 279 15.90 -26.03 -11.53
N TYR B 280 15.07 -25.96 -10.48
CA TYR B 280 14.50 -24.69 -10.09
C TYR B 280 14.67 -24.39 -8.60
N GLU B 281 15.49 -25.19 -7.89
CA GLU B 281 15.99 -24.81 -6.57
C GLU B 281 17.51 -24.80 -6.55
N CYS B 282 18.16 -25.92 -6.87
CA CYS B 282 19.62 -26.00 -6.72
C CYS B 282 20.36 -25.17 -7.77
N ASN B 283 20.04 -25.37 -9.05
CA ASN B 283 20.78 -24.62 -10.09
C ASN B 283 20.68 -23.10 -9.93
N PRO B 284 19.50 -22.49 -9.74
CA PRO B 284 19.49 -21.03 -9.59
C PRO B 284 20.32 -20.53 -8.42
N MET B 285 20.24 -21.21 -7.29
CA MET B 285 21.03 -20.80 -6.13
C MET B 285 22.52 -21.06 -6.37
N ALA B 286 22.86 -22.18 -7.04
CA ALA B 286 24.27 -22.42 -7.37
C ALA B 286 24.82 -21.31 -8.25
N TYR B 287 24.02 -20.84 -9.21
CA TYR B 287 24.43 -19.79 -10.13
C TYR B 287 24.64 -18.46 -9.40
N VAL B 288 23.69 -18.09 -8.53
CA VAL B 288 23.86 -16.88 -7.72
C VAL B 288 25.14 -16.98 -6.89
N MET B 289 25.33 -18.12 -6.21
CA MET B 289 26.49 -18.29 -5.36
C MET B 289 27.78 -18.13 -6.16
N GLU B 290 27.87 -18.79 -7.32
CA GLU B 290 29.10 -18.70 -8.10
C GLU B 290 29.30 -17.30 -8.65
N LYS B 291 28.23 -16.64 -9.13
CA LYS B 291 28.37 -15.27 -9.61
C LYS B 291 28.79 -14.31 -8.50
N ALA B 292 28.52 -14.65 -7.24
CA ALA B 292 28.94 -13.85 -6.10
C ALA B 292 30.27 -14.31 -5.51
N GLY B 293 30.98 -15.21 -6.20
CA GLY B 293 32.24 -15.70 -5.66
C GLY B 293 32.12 -16.75 -4.59
N GLY B 294 30.96 -17.39 -4.46
CA GLY B 294 30.78 -18.53 -3.58
C GLY B 294 30.86 -19.84 -4.36
N MET B 295 30.47 -20.91 -3.70
CA MET B 295 30.52 -22.23 -4.30
C MET B 295 29.24 -23.00 -4.03
N ALA B 296 28.98 -24.01 -4.86
CA ALA B 296 27.82 -24.89 -4.70
C ALA B 296 28.18 -26.25 -5.25
N THR B 297 28.17 -27.27 -4.40
CA THR B 297 28.60 -28.61 -4.76
C THR B 297 27.55 -29.63 -4.33
N THR B 298 27.50 -30.75 -5.06
CA THR B 298 26.75 -31.91 -4.61
C THR B 298 27.56 -32.77 -3.66
N GLY B 299 28.84 -32.47 -3.51
CA GLY B 299 29.80 -33.37 -2.87
C GLY B 299 30.75 -33.95 -3.90
N LYS B 300 30.21 -34.38 -5.03
CA LYS B 300 31.00 -34.99 -6.10
C LYS B 300 31.34 -34.04 -7.23
N GLU B 301 30.53 -33.01 -7.48
CA GLU B 301 30.76 -32.10 -8.59
C GLU B 301 30.03 -30.79 -8.31
N ALA B 302 30.36 -29.76 -9.08
CA ALA B 302 29.59 -28.53 -9.00
C ALA B 302 28.15 -28.80 -9.39
N VAL B 303 27.21 -28.24 -8.62
CA VAL B 303 25.80 -28.33 -8.96
C VAL B 303 25.58 -27.94 -10.43
N LEU B 304 26.22 -26.86 -10.87
CA LEU B 304 25.99 -26.35 -12.21
C LEU B 304 26.49 -27.29 -13.29
N ASP B 305 27.29 -28.31 -12.94
CA ASP B 305 27.77 -29.27 -13.92
C ASP B 305 26.90 -30.51 -14.04
N VAL B 306 25.95 -30.73 -13.13
CA VAL B 306 25.07 -31.90 -13.24
C VAL B 306 24.22 -31.77 -14.49
N ILE B 307 24.21 -32.83 -15.31
CA ILE B 307 23.41 -32.87 -16.52
C ILE B 307 22.08 -33.55 -16.18
N PRO B 308 20.96 -32.85 -16.18
CA PRO B 308 19.72 -33.46 -15.72
C PRO B 308 19.11 -34.37 -16.78
N THR B 309 18.38 -35.39 -16.30
CA THR B 309 17.57 -36.26 -17.15
C THR B 309 16.08 -36.20 -16.85
N ASP B 310 15.68 -35.52 -15.78
CA ASP B 310 14.29 -35.39 -15.36
C ASP B 310 14.10 -33.97 -14.83
N ILE B 311 13.06 -33.28 -15.31
CA ILE B 311 12.93 -31.87 -14.95
C ILE B 311 12.67 -31.70 -13.46
N HIS B 312 12.21 -32.76 -12.79
CA HIS B 312 11.94 -32.72 -11.36
C HIS B 312 12.98 -33.49 -10.54
N GLN B 313 14.14 -33.80 -11.11
CA GLN B 313 15.08 -34.61 -10.36
C GLN B 313 15.68 -33.83 -9.21
N ARG B 314 16.07 -34.55 -8.17
CA ARG B 314 16.62 -33.97 -6.95
C ARG B 314 18.15 -33.99 -7.00
N ALA B 315 18.75 -33.13 -6.19
CA ALA B 315 20.19 -33.07 -6.09
C ALA B 315 20.59 -32.65 -4.70
N PRO B 316 21.65 -33.24 -4.14
CA PRO B 316 22.23 -32.70 -2.90
C PRO B 316 22.87 -31.35 -3.20
N VAL B 317 22.92 -30.50 -2.18
CA VAL B 317 23.51 -29.18 -2.36
C VAL B 317 24.17 -28.75 -1.07
N ILE B 318 25.42 -28.30 -1.19
CA ILE B 318 26.20 -27.64 -0.15
C ILE B 318 26.74 -26.36 -0.80
N LEU B 319 26.36 -25.20 -0.27
CA LEU B 319 26.70 -23.95 -0.93
C LEU B 319 27.05 -22.89 0.10
N GLY B 320 27.72 -21.84 -0.37
CA GLY B 320 28.02 -20.71 0.47
C GLY B 320 29.42 -20.16 0.30
N SER B 321 29.98 -19.61 1.38
CA SER B 321 31.32 -19.01 1.32
C SER B 321 32.34 -20.03 0.81
N PRO B 322 33.29 -19.61 -0.04
CA PRO B 322 34.19 -20.60 -0.66
C PRO B 322 35.04 -21.37 0.34
N ASP B 323 35.58 -20.71 1.37
CA ASP B 323 36.37 -21.42 2.37
C ASP B 323 35.54 -22.47 3.10
N ASP B 324 34.27 -22.16 3.36
CA ASP B 324 33.41 -23.12 4.07
C ASP B 324 33.09 -24.32 3.20
N VAL B 325 32.73 -24.08 1.94
CA VAL B 325 32.42 -25.20 1.05
C VAL B 325 33.68 -26.02 0.79
N LEU B 326 34.83 -25.35 0.61
CA LEU B 326 36.10 -26.07 0.44
C LEU B 326 36.41 -26.91 1.66
N GLU B 327 36.14 -26.39 2.85
CA GLU B 327 36.37 -27.17 4.05
C GLU B 327 35.48 -28.41 4.07
N PHE B 328 34.19 -28.27 3.70
CA PHE B 328 33.32 -29.43 3.59
C PHE B 328 33.84 -30.43 2.57
N LEU B 329 34.32 -29.94 1.42
CA LEU B 329 34.81 -30.84 0.39
C LEU B 329 36.04 -31.59 0.85
N LYS B 330 36.88 -30.95 1.66
CA LYS B 330 38.04 -31.65 2.22
C LYS B 330 37.58 -32.84 3.06
N VAL B 331 36.61 -32.61 3.95
CA VAL B 331 36.05 -33.71 4.74
C VAL B 331 35.42 -34.76 3.83
N TYR B 332 34.67 -34.32 2.82
CA TYR B 332 34.02 -35.26 1.92
C TYR B 332 35.04 -36.14 1.21
N GLU B 333 36.10 -35.53 0.67
CA GLU B 333 37.13 -36.28 -0.03
C GLU B 333 37.82 -37.27 0.90
N LYS B 334 37.99 -36.91 2.17
CA LYS B 334 38.59 -37.81 3.14
C LYS B 334 37.79 -39.11 3.25
N HIS B 335 36.47 -39.01 3.22
CA HIS B 335 35.62 -40.19 3.22
C HIS B 335 35.40 -40.74 1.81
N SER B 336 36.18 -40.27 0.85
CA SER B 336 36.09 -40.62 -0.57
C SER B 336 34.80 -40.04 -1.15
N ASP C 10 0.50 16.24 20.18
CA ASP C 10 0.35 14.79 20.24
C ASP C 10 -0.47 14.25 19.08
N VAL C 11 0.07 13.23 18.40
CA VAL C 11 -0.66 12.60 17.31
C VAL C 11 -2.00 12.08 17.80
N ASN C 12 -2.99 12.11 16.91
CA ASN C 12 -4.30 11.60 17.25
C ASN C 12 -4.90 10.91 16.03
N THR C 13 -5.65 9.84 16.29
CA THR C 13 -6.31 9.09 15.24
C THR C 13 -7.82 9.14 15.45
N LEU C 14 -8.55 8.77 14.40
CA LEU C 14 -10.00 8.78 14.47
C LEU C 14 -10.51 7.87 15.59
N THR C 15 -10.00 6.63 15.64
CA THR C 15 -10.41 5.71 16.68
C THR C 15 -10.11 6.27 18.06
N ARG C 16 -8.90 6.78 18.25
CA ARG C 16 -8.51 7.31 19.56
C ARG C 16 -9.33 8.54 19.93
N PHE C 17 -9.54 9.45 18.98
CA PHE C 17 -10.35 10.65 19.24
C PHE C 17 -11.75 10.27 19.70
N VAL C 18 -12.37 9.31 19.00
CA VAL C 18 -13.75 8.94 19.30
C VAL C 18 -13.85 8.23 20.65
N MET C 19 -12.91 7.32 20.94
CA MET C 19 -12.91 6.69 22.24
C MET C 19 -12.76 7.71 23.35
N GLU C 20 -11.93 8.74 23.12
CA GLU C 20 -11.71 9.76 24.13
C GLU C 20 -12.98 10.59 24.35
N GLU C 21 -13.59 11.07 23.26
CA GLU C 21 -14.86 11.77 23.39
C GLU C 21 -15.92 10.87 24.02
N GLY C 22 -15.87 9.57 23.72
CA GLY C 22 -16.86 8.67 24.27
C GLY C 22 -16.70 8.50 25.77
N ARG C 23 -15.47 8.40 26.25
CA ARG C 23 -15.23 8.27 27.68
C ARG C 23 -15.55 9.58 28.41
N LYS C 24 -15.21 10.73 27.80
CA LYS C 24 -15.60 12.02 28.36
C LYS C 24 -17.11 12.07 28.60
N ALA C 25 -17.89 11.75 27.57
CA ALA C 25 -19.34 11.82 27.65
C ALA C 25 -19.93 10.63 28.40
N ARG C 26 -19.12 9.63 28.74
CA ARG C 26 -19.54 8.44 29.50
C ARG C 26 -20.68 7.68 28.81
N GLY C 27 -20.63 7.59 27.48
CA GLY C 27 -21.56 6.74 26.76
C GLY C 27 -21.21 5.27 26.89
N THR C 28 -22.09 4.43 26.34
CA THR C 28 -21.91 2.99 26.47
C THR C 28 -20.86 2.43 25.52
N GLY C 29 -20.44 3.19 24.50
CA GLY C 29 -19.50 2.69 23.51
C GLY C 29 -20.11 2.29 22.19
N GLU C 30 -21.45 2.25 22.11
CA GLU C 30 -22.12 1.77 20.92
C GLU C 30 -21.85 2.68 19.72
N LEU C 31 -21.89 4.00 19.90
CA LEU C 31 -21.59 4.90 18.80
C LEU C 31 -20.14 4.75 18.33
N THR C 32 -19.21 4.54 19.26
CA THR C 32 -17.82 4.27 18.90
C THR C 32 -17.71 3.01 18.06
N GLN C 33 -18.44 1.95 18.45
CA GLN C 33 -18.42 0.70 17.70
C GLN C 33 -18.96 0.92 16.30
N LEU C 34 -20.03 1.70 16.18
CA LEU C 34 -20.58 2.04 14.88
C LEU C 34 -19.54 2.78 14.03
N LEU C 35 -18.94 3.83 14.60
CA LEU C 35 -18.02 4.66 13.84
C LEU C 35 -16.75 3.91 13.47
N ASN C 36 -16.23 3.06 14.36
CA ASN C 36 -15.08 2.25 13.99
C ASN C 36 -15.40 1.32 12.83
N SER C 37 -16.59 0.70 12.87
CA SER C 37 -17.01 -0.18 11.78
C SER C 37 -17.16 0.60 10.48
N LEU C 38 -17.74 1.80 10.55
CA LEU C 38 -17.85 2.65 9.37
C LEU C 38 -16.48 3.01 8.82
N CYS C 39 -15.56 3.37 9.72
N CYS C 39 -15.54 3.36 9.71
CA CYS C 39 -14.20 3.73 9.33
CA CYS C 39 -14.22 3.73 9.23
C CYS C 39 -13.52 2.57 8.60
C CYS C 39 -13.52 2.55 8.56
N THR C 40 -13.74 1.34 9.06
CA THR C 40 -13.19 0.17 8.38
C THR C 40 -13.74 0.06 6.97
N ALA C 41 -15.05 0.25 6.80
CA ALA C 41 -15.65 0.22 5.47
C ALA C 41 -15.06 1.30 4.56
N VAL C 42 -14.83 2.50 5.10
CA VAL C 42 -14.31 3.60 4.30
C VAL C 42 -12.90 3.28 3.79
N LYS C 43 -12.07 2.67 4.65
CA LYS C 43 -10.73 2.30 4.20
C LYS C 43 -10.79 1.27 3.09
N ALA C 44 -11.74 0.33 3.17
CA ALA C 44 -11.88 -0.68 2.12
C ALA C 44 -12.44 -0.07 0.85
N ILE C 45 -13.37 0.88 0.97
CA ILE C 45 -13.85 1.58 -0.22
C ILE C 45 -12.70 2.34 -0.87
N SER C 46 -11.92 3.08 -0.06
CA SER C 46 -10.77 3.83 -0.57
C SER C 46 -9.84 2.93 -1.37
N SER C 47 -9.49 1.77 -0.80
CA SER C 47 -8.60 0.83 -1.47
C SER C 47 -9.16 0.43 -2.84
N ALA C 48 -10.46 0.13 -2.92
CA ALA C 48 -11.06 -0.25 -4.19
C ALA C 48 -11.20 0.95 -5.15
N VAL C 49 -11.56 2.13 -4.63
CA VAL C 49 -11.67 3.31 -5.49
C VAL C 49 -10.31 3.64 -6.12
N ARG C 50 -9.22 3.47 -5.35
CA ARG C 50 -7.88 3.67 -5.90
C ARG C 50 -7.40 2.50 -6.77
N LYS C 51 -8.23 1.48 -6.99
CA LYS C 51 -7.98 0.42 -7.97
C LYS C 51 -6.88 -0.55 -7.53
N ALA C 52 -6.64 -0.70 -6.22
CA ALA C 52 -5.72 -1.74 -5.78
C ALA C 52 -6.25 -3.10 -6.22
N GLY C 53 -5.39 -3.89 -6.86
CA GLY C 53 -5.84 -5.20 -7.34
C GLY C 53 -6.53 -5.20 -8.70
N ILE C 54 -6.65 -4.04 -9.35
CA ILE C 54 -7.30 -4.02 -10.65
C ILE C 54 -6.57 -4.88 -11.69
N ALA C 55 -5.26 -5.12 -11.50
CA ALA C 55 -4.53 -5.99 -12.41
C ALA C 55 -5.14 -7.40 -12.49
N HIS C 56 -5.70 -7.90 -11.38
CA HIS C 56 -6.31 -9.22 -11.42
C HIS C 56 -7.55 -9.21 -12.27
N LEU C 57 -8.30 -8.11 -12.22
CA LEU C 57 -9.48 -7.99 -13.07
C LEU C 57 -9.11 -7.95 -14.53
N TYR C 58 -7.90 -7.51 -14.86
CA TYR C 58 -7.44 -7.45 -16.25
C TYR C 58 -6.57 -8.64 -16.64
N GLY C 59 -6.58 -9.70 -15.83
CA GLY C 59 -6.03 -10.97 -16.26
C GLY C 59 -4.58 -11.24 -15.90
N ILE C 60 -4.05 -10.61 -14.85
CA ILE C 60 -2.63 -10.79 -14.52
C ILE C 60 -2.32 -12.24 -14.16
N ALA C 61 -3.27 -12.97 -13.57
CA ALA C 61 -3.09 -14.38 -13.26
C ALA C 61 -3.71 -15.30 -14.31
N GLY C 62 -3.99 -14.78 -15.50
CA GLY C 62 -4.57 -15.56 -16.58
C GLY C 62 -6.06 -15.34 -16.78
N LYS C 72 -17.42 -6.88 -8.29
CA LYS C 72 -18.61 -6.03 -8.31
C LYS C 72 -18.29 -4.64 -8.88
N LYS C 73 -19.30 -4.01 -9.46
CA LYS C 73 -19.26 -2.57 -9.65
C LYS C 73 -18.89 -1.89 -8.33
N LEU C 74 -18.18 -0.77 -8.46
CA LEU C 74 -17.65 -0.09 -7.28
C LEU C 74 -18.76 0.41 -6.35
N ASP C 75 -19.85 0.92 -6.90
CA ASP C 75 -20.91 1.40 -6.02
C ASP C 75 -21.62 0.24 -5.33
N VAL C 76 -21.75 -0.90 -5.98
CA VAL C 76 -22.33 -2.07 -5.32
C VAL C 76 -21.41 -2.59 -4.22
N LEU C 77 -20.11 -2.70 -4.51
CA LEU C 77 -19.15 -3.15 -3.51
C LEU C 77 -19.13 -2.21 -2.30
N SER C 78 -19.09 -0.90 -2.56
CA SER C 78 -19.09 0.09 -1.50
C SER C 78 -20.35 -0.04 -0.65
N ASN C 79 -21.51 -0.23 -1.28
CA ASN C 79 -22.72 -0.45 -0.51
C ASN C 79 -22.61 -1.70 0.36
N ASP C 80 -22.09 -2.80 -0.20
CA ASP C 80 -21.94 -4.05 0.55
C ASP C 80 -20.99 -3.88 1.73
N LEU C 81 -19.89 -3.16 1.54
CA LEU C 81 -18.94 -2.93 2.62
C LEU C 81 -19.59 -2.17 3.78
N VAL C 82 -20.29 -1.07 3.47
CA VAL C 82 -20.92 -0.31 4.54
C VAL C 82 -22.03 -1.13 5.20
N MET C 83 -22.93 -1.71 4.38
CA MET C 83 -24.02 -2.51 4.93
C MET C 83 -23.48 -3.59 5.86
N ASN C 84 -22.44 -4.33 5.40
CA ASN C 84 -21.98 -5.47 6.19
C ASN C 84 -21.28 -5.04 7.48
N MET C 85 -20.45 -3.99 7.41
CA MET C 85 -19.77 -3.52 8.61
C MET C 85 -20.75 -2.93 9.61
N LEU C 86 -21.75 -2.19 9.13
CA LEU C 86 -22.72 -1.60 10.07
C LEU C 86 -23.59 -2.68 10.70
N LYS C 87 -24.05 -3.66 9.90
CA LYS C 87 -24.82 -4.78 10.45
C LYS C 87 -24.02 -5.49 11.53
N SER C 88 -22.77 -5.84 11.24
CA SER C 88 -21.98 -6.61 12.18
C SER C 88 -21.46 -5.78 13.35
N SER C 89 -21.70 -4.47 13.35
CA SER C 89 -21.28 -3.63 14.47
C SER C 89 -22.15 -3.80 15.71
N PHE C 90 -23.34 -4.38 15.56
CA PHE C 90 -24.34 -4.50 16.62
C PHE C 90 -24.82 -3.15 17.13
N ALA C 91 -24.60 -2.08 16.36
CA ALA C 91 -24.96 -0.74 16.79
C ALA C 91 -26.14 -0.17 16.03
N THR C 92 -26.66 -0.88 15.03
CA THR C 92 -27.66 -0.30 14.14
C THR C 92 -28.90 -1.18 14.07
N CYS C 93 -30.02 -0.57 13.69
CA CYS C 93 -31.25 -1.34 13.53
C CYS C 93 -31.90 -1.09 12.18
N VAL C 94 -31.72 0.10 11.60
CA VAL C 94 -32.32 0.45 10.31
C VAL C 94 -31.27 1.17 9.49
N LEU C 95 -31.09 0.74 8.24
CA LEU C 95 -30.06 1.27 7.34
C LEU C 95 -30.70 1.70 6.04
N VAL C 96 -30.50 2.97 5.68
CA VAL C 96 -31.01 3.52 4.42
C VAL C 96 -29.81 3.88 3.55
N SER C 97 -29.81 3.37 2.34
CA SER C 97 -28.73 3.59 1.39
C SER C 97 -29.30 4.07 0.07
N GLU C 98 -28.55 4.96 -0.58
CA GLU C 98 -28.86 5.36 -1.96
C GLU C 98 -29.03 4.16 -2.86
N GLU C 99 -28.34 3.05 -2.56
CA GLU C 99 -28.32 1.89 -3.44
C GLU C 99 -29.53 0.98 -3.27
N ASP C 100 -30.33 1.15 -2.22
CA ASP C 100 -31.38 0.22 -1.89
C ASP C 100 -32.74 0.91 -1.93
N LYS C 101 -33.68 0.33 -2.69
CA LYS C 101 -34.99 0.95 -2.81
C LYS C 101 -35.66 1.13 -1.46
N HIS C 102 -35.57 0.14 -0.59
CA HIS C 102 -36.21 0.19 0.72
C HIS C 102 -35.19 0.18 1.84
N ALA C 103 -35.62 0.65 3.01
CA ALA C 103 -34.78 0.56 4.20
C ALA C 103 -34.46 -0.90 4.49
N ILE C 104 -33.22 -1.15 4.88
CA ILE C 104 -32.77 -2.45 5.33
C ILE C 104 -32.99 -2.54 6.83
N ILE C 105 -33.67 -3.59 7.28
CA ILE C 105 -33.91 -3.79 8.70
C ILE C 105 -32.88 -4.79 9.20
N VAL C 106 -32.10 -4.39 10.21
CA VAL C 106 -31.08 -5.29 10.75
C VAL C 106 -31.77 -6.46 11.45
N GLU C 107 -31.24 -7.66 11.26
CA GLU C 107 -31.83 -8.83 11.87
C GLU C 107 -31.74 -8.76 13.39
N PRO C 108 -32.71 -9.38 14.11
CA PRO C 108 -32.84 -9.12 15.56
C PRO C 108 -31.57 -9.32 16.37
N GLU C 109 -30.80 -10.38 16.10
CA GLU C 109 -29.65 -10.68 16.93
C GLU C 109 -28.53 -9.66 16.79
N LYS C 110 -28.55 -8.81 15.77
CA LYS C 110 -27.49 -7.85 15.54
C LYS C 110 -27.96 -6.41 15.74
N ARG C 111 -29.15 -6.21 16.28
CA ARG C 111 -29.75 -4.88 16.34
C ARG C 111 -29.14 -4.04 17.45
N GLY C 112 -28.73 -2.81 17.09
CA GLY C 112 -28.41 -1.78 18.03
C GLY C 112 -29.39 -0.63 17.96
N LYS C 113 -29.00 0.50 18.55
CA LYS C 113 -29.97 1.58 18.73
C LYS C 113 -29.94 2.66 17.65
N TYR C 114 -29.00 2.61 16.70
CA TYR C 114 -28.83 3.71 15.75
C TYR C 114 -29.40 3.41 14.37
N VAL C 115 -29.80 4.48 13.70
CA VAL C 115 -30.30 4.46 12.33
C VAL C 115 -29.29 5.20 11.48
N VAL C 116 -28.86 4.60 10.36
CA VAL C 116 -27.83 5.21 9.51
C VAL C 116 -28.36 5.39 8.10
N CYS C 117 -28.26 6.61 7.59
CA CYS C 117 -28.57 6.91 6.20
C CYS C 117 -27.25 7.25 5.51
N PHE C 118 -26.99 6.64 4.38
CA PHE C 118 -25.70 6.89 3.75
C PHE C 118 -25.78 6.75 2.24
N ASP C 119 -24.85 7.43 1.58
CA ASP C 119 -24.61 7.26 0.16
C ASP C 119 -23.23 6.62 0.05
N PRO C 120 -23.12 5.33 -0.29
CA PRO C 120 -21.82 4.66 -0.15
C PRO C 120 -20.78 5.14 -1.16
N LEU C 121 -21.20 5.60 -2.34
CA LEU C 121 -20.19 6.07 -3.28
C LEU C 121 -20.83 7.20 -4.09
N ASP C 122 -21.00 8.33 -3.41
CA ASP C 122 -21.60 9.49 -4.04
C ASP C 122 -20.72 9.96 -5.19
N GLY C 123 -21.36 10.31 -6.31
CA GLY C 123 -20.65 10.79 -7.48
C GLY C 123 -20.12 9.73 -8.42
N SER C 124 -20.36 8.45 -8.13
CA SER C 124 -19.77 7.37 -8.91
C SER C 124 -20.29 7.28 -10.34
N SER C 125 -21.37 7.99 -10.68
CA SER C 125 -21.88 7.93 -12.04
C SER C 125 -20.86 8.43 -13.04
N ASN C 126 -19.96 9.33 -12.61
CA ASN C 126 -18.89 9.84 -13.46
C ASN C 126 -17.50 9.37 -13.03
N ILE C 127 -17.42 8.29 -12.24
CA ILE C 127 -16.14 7.76 -11.83
C ILE C 127 -15.33 7.26 -13.02
N ASP C 128 -15.98 7.13 -14.19
CA ASP C 128 -15.31 6.83 -15.45
C ASP C 128 -14.25 7.87 -15.80
N CYS C 129 -14.45 9.11 -15.35
CA CYS C 129 -13.47 10.15 -15.59
C CYS C 129 -12.60 10.40 -14.36
N LEU C 130 -12.64 9.50 -13.37
CA LEU C 130 -11.80 9.56 -12.19
C LEU C 130 -12.06 10.81 -11.36
N VAL C 131 -13.26 11.38 -11.52
CA VAL C 131 -13.70 12.47 -10.66
C VAL C 131 -13.64 12.00 -9.21
N SER C 132 -13.33 12.91 -8.30
CA SER C 132 -13.45 12.62 -6.87
C SER C 132 -14.82 12.02 -6.59
N VAL C 133 -14.85 11.01 -5.74
CA VAL C 133 -16.10 10.43 -5.27
C VAL C 133 -16.03 10.41 -3.75
N GLY C 134 -17.13 10.04 -3.12
CA GLY C 134 -17.13 10.04 -1.67
C GLY C 134 -18.24 9.20 -1.07
N THR C 135 -18.13 9.01 0.24
CA THR C 135 -19.13 8.37 1.07
C THR C 135 -19.71 9.41 2.02
N ILE C 136 -21.03 9.49 2.10
CA ILE C 136 -21.71 10.45 2.97
C ILE C 136 -22.55 9.66 3.96
N PHE C 137 -22.62 10.13 5.22
CA PHE C 137 -23.40 9.41 6.21
C PHE C 137 -24.00 10.34 7.24
N GLY C 138 -25.17 9.95 7.73
CA GLY C 138 -25.83 10.61 8.82
C GLY C 138 -26.37 9.57 9.78
N ILE C 139 -26.19 9.80 11.08
CA ILE C 139 -26.49 8.82 12.11
C ILE C 139 -27.52 9.40 13.06
N TYR C 140 -28.62 8.66 13.25
CA TYR C 140 -29.68 9.00 14.19
C TYR C 140 -29.80 7.95 15.29
N ARG C 141 -30.34 8.39 16.42
CA ARG C 141 -30.81 7.46 17.42
C ARG C 141 -32.25 7.07 17.04
N LYS C 142 -32.55 5.78 17.10
CA LYS C 142 -33.93 5.37 16.85
C LYS C 142 -34.81 6.00 17.92
N LYS C 143 -35.86 6.69 17.49
CA LYS C 143 -36.67 7.45 18.44
C LYS C 143 -37.90 6.69 18.89
N SER C 144 -38.48 5.87 18.03
CA SER C 144 -39.72 5.19 18.36
C SER C 144 -39.38 3.86 19.02
N THR C 145 -40.33 3.34 19.80
CA THR C 145 -40.18 2.00 20.36
C THR C 145 -40.89 0.96 19.52
N ASP C 146 -41.51 1.37 18.41
CA ASP C 146 -42.07 0.40 17.47
C ASP C 146 -40.98 -0.53 16.97
N GLU C 147 -41.40 -1.68 16.47
CA GLU C 147 -40.50 -2.56 15.75
C GLU C 147 -39.77 -1.75 14.66
N PRO C 148 -38.48 -1.98 14.45
CA PRO C 148 -37.75 -1.14 13.49
C PRO C 148 -38.36 -1.20 12.09
N SER C 149 -38.44 -0.04 11.45
CA SER C 149 -39.02 0.07 10.12
C SER C 149 -38.43 1.28 9.44
N GLU C 150 -38.79 1.42 8.16
CA GLU C 150 -38.33 2.52 7.32
C GLU C 150 -38.63 3.88 7.96
N LYS C 151 -39.72 3.98 8.73
CA LYS C 151 -40.09 5.25 9.37
C LYS C 151 -39.06 5.74 10.38
N ASP C 152 -38.25 4.85 10.93
CA ASP C 152 -37.21 5.28 11.87
C ASP C 152 -36.16 6.15 11.20
N ALA C 153 -36.07 6.11 9.86
CA ALA C 153 -35.16 6.98 9.13
C ALA C 153 -35.79 8.32 8.75
N LEU C 154 -37.08 8.50 8.99
CA LEU C 154 -37.75 9.73 8.57
C LEU C 154 -37.70 10.78 9.66
N GLN C 155 -36.51 11.07 10.14
CA GLN C 155 -36.33 12.08 11.16
C GLN C 155 -35.73 13.33 10.53
N PRO C 156 -36.09 14.51 11.02
CA PRO C 156 -35.44 15.72 10.49
C PRO C 156 -33.96 15.74 10.86
N GLY C 157 -33.18 16.40 10.02
CA GLY C 157 -31.74 16.46 10.22
C GLY C 157 -31.34 17.04 11.56
N ARG C 158 -32.19 17.88 12.15
CA ARG C 158 -31.96 18.41 13.50
C ARG C 158 -31.71 17.32 14.52
N ASN C 159 -32.21 16.10 14.28
CA ASN C 159 -32.05 15.00 15.22
C ASN C 159 -30.73 14.26 15.07
N LEU C 160 -29.88 14.65 14.13
CA LEU C 160 -28.64 13.90 13.89
C LEU C 160 -27.78 13.90 15.14
N VAL C 161 -27.23 12.73 15.45
CA VAL C 161 -26.24 12.56 16.51
C VAL C 161 -24.81 12.74 15.97
N ALA C 162 -24.59 12.40 14.70
CA ALA C 162 -23.31 12.47 14.05
C ALA C 162 -23.52 12.38 12.54
N ALA C 163 -22.64 13.03 11.79
CA ALA C 163 -22.71 12.95 10.33
C ALA C 163 -21.35 13.32 9.77
N GLY C 164 -21.16 13.03 8.49
CA GLY C 164 -19.94 13.45 7.85
C GLY C 164 -19.77 12.75 6.51
N TYR C 165 -18.52 12.67 6.08
CA TYR C 165 -18.24 12.11 4.77
C TYR C 165 -16.78 11.71 4.69
N ALA C 166 -16.52 10.76 3.81
CA ALA C 166 -15.19 10.47 3.34
C ALA C 166 -15.08 10.97 1.92
N LEU C 167 -14.03 11.73 1.63
CA LEU C 167 -13.73 12.19 0.29
C LEU C 167 -12.57 11.37 -0.26
N TYR C 168 -12.82 10.65 -1.35
CA TYR C 168 -11.75 9.93 -2.05
C TYR C 168 -11.29 10.84 -3.18
N GLY C 169 -10.46 11.83 -2.82
CA GLY C 169 -9.95 12.79 -3.78
C GLY C 169 -8.46 12.57 -4.04
N SER C 170 -7.68 13.66 -4.11
CA SER C 170 -6.24 13.47 -4.27
C SER C 170 -5.67 12.66 -3.10
N ALA C 171 -6.22 12.86 -1.90
CA ALA C 171 -6.02 11.95 -0.77
C ALA C 171 -7.39 11.60 -0.22
N THR C 172 -7.44 10.64 0.70
CA THR C 172 -8.70 10.25 1.30
C THR C 172 -8.84 10.93 2.65
N MET C 173 -9.95 11.63 2.85
CA MET C 173 -10.15 12.33 4.10
C MET C 173 -11.52 11.99 4.66
N LEU C 174 -11.58 11.78 5.98
CA LEU C 174 -12.84 11.61 6.67
C LEU C 174 -13.14 12.85 7.50
N VAL C 175 -14.27 13.49 7.23
CA VAL C 175 -14.74 14.65 7.98
C VAL C 175 -15.87 14.17 8.88
N LEU C 176 -15.71 14.34 10.19
CA LEU C 176 -16.69 13.85 11.15
C LEU C 176 -17.21 15.01 11.97
N ALA C 177 -18.53 15.21 11.93
CA ALA C 177 -19.20 16.23 12.72
C ALA C 177 -20.01 15.57 13.82
N MET C 178 -19.85 16.06 15.04
CA MET C 178 -20.62 15.65 16.20
C MET C 178 -20.90 16.90 17.01
N ASP C 179 -21.47 16.71 18.21
CA ASP C 179 -21.73 17.83 19.11
C ASP C 179 -20.45 18.57 19.49
N CYS C 180 -19.33 17.87 19.58
CA CYS C 180 -18.07 18.53 19.92
C CYS C 180 -17.50 19.38 18.78
N GLY C 181 -18.11 19.37 17.59
CA GLY C 181 -17.66 20.15 16.44
C GLY C 181 -17.25 19.24 15.29
N VAL C 182 -16.54 19.84 14.31
CA VAL C 182 -16.15 19.16 13.08
C VAL C 182 -14.64 18.92 13.11
N ASN C 183 -14.24 17.69 12.82
CA ASN C 183 -12.84 17.30 12.81
C ASN C 183 -12.54 16.52 11.55
N CYS C 184 -11.36 16.78 10.97
CA CYS C 184 -10.95 16.22 9.69
C CYS C 184 -9.77 15.29 9.89
N PHE C 185 -9.88 14.08 9.34
CA PHE C 185 -8.88 13.04 9.53
C PHE C 185 -8.37 12.59 8.16
N MET C 186 -7.07 12.65 7.96
CA MET C 186 -6.48 12.17 6.70
C MET C 186 -6.16 10.69 6.80
N LEU C 187 -6.64 9.90 5.82
CA LEU C 187 -6.24 8.50 5.75
C LEU C 187 -4.79 8.38 5.30
N ASP C 188 -3.94 7.80 6.14
CA ASP C 188 -2.56 7.46 5.79
C ASP C 188 -2.57 6.04 5.24
N PRO C 189 -2.48 5.85 3.92
CA PRO C 189 -2.58 4.48 3.39
C PRO C 189 -1.43 3.59 3.80
N ALA C 190 -0.28 4.14 4.20
CA ALA C 190 0.83 3.29 4.62
C ALA C 190 0.48 2.47 5.84
N ILE C 191 -0.39 2.99 6.72
CA ILE C 191 -0.72 2.31 7.96
C ILE C 191 -2.22 2.10 8.14
N GLY C 192 -3.03 2.51 7.17
CA GLY C 192 -4.47 2.35 7.32
C GLY C 192 -4.99 3.01 8.58
N GLU C 193 -4.59 4.25 8.81
CA GLU C 193 -5.04 4.98 9.98
C GLU C 193 -5.50 6.38 9.57
N PHE C 194 -6.62 6.82 10.14
CA PHE C 194 -7.09 8.20 9.92
C PHE C 194 -6.44 9.13 10.92
N ILE C 195 -5.61 10.07 10.43
CA ILE C 195 -4.83 10.96 11.29
C ILE C 195 -5.57 12.29 11.42
N LEU C 196 -5.76 12.74 12.66
CA LEU C 196 -6.39 14.03 12.91
C LEU C 196 -5.48 15.15 12.43
N VAL C 197 -5.94 15.92 11.45
CA VAL C 197 -5.12 16.99 10.89
C VAL C 197 -5.76 18.36 10.96
N ASP C 198 -7.08 18.46 11.15
CA ASP C 198 -7.75 19.74 11.33
C ASP C 198 -8.79 19.59 12.43
N LYS C 199 -8.62 20.33 13.52
CA LYS C 199 -9.42 20.17 14.72
C LYS C 199 -10.49 21.25 14.80
N ASP C 200 -11.70 20.86 15.19
CA ASP C 200 -12.77 21.80 15.52
C ASP C 200 -12.92 22.88 14.43
N VAL C 201 -13.13 22.40 13.20
CA VAL C 201 -12.99 23.26 12.03
C VAL C 201 -14.19 24.19 11.92
N LYS C 202 -13.92 25.44 11.51
CA LYS C 202 -14.95 26.45 11.29
C LYS C 202 -14.80 26.99 9.88
N ILE C 203 -15.91 27.23 9.22
CA ILE C 203 -15.90 27.76 7.87
C ILE C 203 -15.72 29.28 7.91
N LYS C 204 -15.05 29.82 6.89
CA LYS C 204 -14.92 31.28 6.78
C LYS C 204 -16.28 31.93 6.78
N LYS C 205 -16.35 33.11 7.40
CA LYS C 205 -17.58 33.88 7.44
C LYS C 205 -18.07 34.22 6.03
N LYS C 206 -17.15 34.45 5.09
CA LYS C 206 -17.54 34.77 3.72
C LYS C 206 -16.44 34.31 2.78
N GLY C 207 -16.83 33.69 1.66
CA GLY C 207 -15.89 33.18 0.70
C GLY C 207 -15.91 33.96 -0.60
N LYS C 208 -15.21 33.39 -1.60
CA LYS C 208 -15.08 34.05 -2.89
C LYS C 208 -15.29 33.07 -4.04
N ILE C 209 -15.95 31.95 -3.77
CA ILE C 209 -16.22 30.93 -4.78
C ILE C 209 -17.70 30.57 -4.71
N TYR C 210 -18.34 30.47 -5.87
CA TYR C 210 -19.68 29.89 -5.94
C TYR C 210 -19.64 28.62 -6.80
N SER C 211 -20.51 27.68 -6.46
CA SER C 211 -20.44 26.33 -7.01
C SER C 211 -21.85 25.86 -7.33
N LEU C 212 -22.16 25.75 -8.62
CA LEU C 212 -23.39 25.15 -9.10
C LEU C 212 -23.23 24.86 -10.58
N ASN C 213 -24.12 24.02 -11.10
CA ASN C 213 -24.18 23.67 -12.52
C ASN C 213 -24.95 24.76 -13.24
N GLU C 214 -24.23 25.67 -13.90
CA GLU C 214 -24.86 26.75 -14.64
C GLU C 214 -25.45 26.29 -15.96
N GLY C 215 -25.25 25.01 -16.33
CA GLY C 215 -25.95 24.44 -17.47
C GLY C 215 -27.47 24.52 -17.35
N TYR C 216 -28.00 24.61 -16.13
CA TYR C 216 -29.43 24.77 -15.92
C TYR C 216 -29.86 26.22 -15.85
N ALA C 217 -29.06 27.15 -16.39
CA ALA C 217 -29.40 28.56 -16.28
C ALA C 217 -30.78 28.86 -16.82
N LYS C 218 -31.19 28.19 -17.91
CA LYS C 218 -32.51 28.44 -18.50
C LYS C 218 -33.64 28.05 -17.55
N ASP C 219 -33.42 27.15 -16.59
CA ASP C 219 -34.46 26.74 -15.67
C ASP C 219 -34.40 27.45 -14.32
N PHE C 220 -33.38 28.26 -14.05
CA PHE C 220 -33.24 28.85 -12.72
C PHE C 220 -34.45 29.71 -12.38
N ASP C 221 -34.89 29.66 -11.13
CA ASP C 221 -35.82 30.66 -10.60
C ASP C 221 -35.13 32.03 -10.54
N PRO C 222 -35.93 33.11 -10.56
CA PRO C 222 -35.32 34.45 -10.59
C PRO C 222 -34.34 34.74 -9.46
N ALA C 223 -34.54 34.18 -8.26
CA ALA C 223 -33.63 34.48 -7.15
C ALA C 223 -32.22 33.96 -7.41
N VAL C 224 -32.11 32.74 -7.93
CA VAL C 224 -30.80 32.18 -8.25
C VAL C 224 -30.16 32.96 -9.39
N THR C 225 -30.94 33.27 -10.43
CA THR C 225 -30.42 34.06 -11.55
C THR C 225 -29.82 35.37 -11.06
N GLU C 226 -30.56 36.08 -10.20
CA GLU C 226 -30.03 37.33 -9.67
C GLU C 226 -28.82 37.09 -8.78
N TYR C 227 -28.89 36.10 -7.89
CA TYR C 227 -27.76 35.86 -6.98
C TYR C 227 -26.48 35.61 -7.76
N ILE C 228 -26.54 34.75 -8.78
CA ILE C 228 -25.38 34.43 -9.60
C ILE C 228 -24.91 35.67 -10.35
N GLN C 229 -25.84 36.47 -10.84
CA GLN C 229 -25.45 37.71 -11.52
C GLN C 229 -24.62 38.60 -10.58
N ARG C 230 -25.00 38.64 -9.30
CA ARG C 230 -24.25 39.42 -8.31
C ARG C 230 -22.83 38.89 -8.11
N LYS C 231 -22.64 37.57 -8.26
CA LYS C 231 -21.30 37.02 -8.08
C LYS C 231 -20.39 37.36 -9.24
N LYS C 232 -20.94 37.49 -10.45
CA LYS C 232 -20.14 37.82 -11.62
C LYS C 232 -19.99 39.31 -11.84
N PHE C 233 -21.02 40.08 -11.52
CA PHE C 233 -21.06 41.52 -11.74
C PHE C 233 -21.45 42.18 -10.41
N PRO C 234 -20.53 42.22 -9.45
CA PRO C 234 -20.90 42.66 -8.11
C PRO C 234 -21.38 44.10 -8.14
N PRO C 235 -22.51 44.38 -7.49
CA PRO C 235 -23.04 45.75 -7.53
C PRO C 235 -22.16 46.75 -6.82
N ASP C 236 -21.33 46.30 -5.87
CA ASP C 236 -20.44 47.18 -5.14
C ASP C 236 -19.09 47.31 -5.81
N ASN C 237 -18.94 46.77 -7.02
CA ASN C 237 -17.70 46.80 -7.77
C ASN C 237 -16.56 46.08 -7.03
N SER C 238 -16.90 45.16 -6.13
CA SER C 238 -15.91 44.26 -5.56
C SER C 238 -15.49 43.23 -6.61
N ALA C 239 -14.51 42.41 -6.27
CA ALA C 239 -14.01 41.42 -7.22
C ALA C 239 -15.06 40.32 -7.43
N PRO C 240 -15.26 39.88 -8.66
CA PRO C 240 -16.16 38.75 -8.92
C PRO C 240 -15.68 37.47 -8.22
N TYR C 241 -16.64 36.67 -7.78
CA TYR C 241 -16.31 35.36 -7.24
C TYR C 241 -15.75 34.47 -8.35
N GLY C 242 -14.78 33.62 -8.02
CA GLY C 242 -14.45 32.54 -8.91
C GLY C 242 -15.52 31.45 -8.90
N ALA C 243 -15.54 30.64 -9.96
CA ALA C 243 -16.48 29.54 -10.09
C ALA C 243 -15.76 28.19 -10.07
N ARG C 244 -16.33 27.22 -9.36
CA ARG C 244 -15.85 25.84 -9.34
C ARG C 244 -17.04 24.90 -9.22
N TYR C 245 -17.06 23.84 -10.02
CA TYR C 245 -18.14 22.85 -9.94
C TYR C 245 -17.58 21.51 -10.41
N VAL C 246 -17.17 20.67 -9.45
CA VAL C 246 -16.66 19.35 -9.78
C VAL C 246 -17.80 18.48 -10.29
N GLY C 247 -19.00 18.72 -9.79
CA GLY C 247 -20.14 17.89 -10.11
C GLY C 247 -20.27 16.68 -9.24
N SER C 248 -19.43 16.55 -8.22
CA SER C 248 -19.51 15.48 -7.22
C SER C 248 -19.68 16.16 -5.88
N MET C 249 -20.82 15.92 -5.23
CA MET C 249 -21.22 16.74 -4.09
C MET C 249 -20.15 16.77 -3.00
N VAL C 250 -19.57 15.62 -2.66
CA VAL C 250 -18.59 15.62 -1.57
C VAL C 250 -17.39 16.49 -1.91
N ALA C 251 -16.93 16.43 -3.16
CA ALA C 251 -15.80 17.26 -3.56
C ALA C 251 -16.15 18.74 -3.46
N ASP C 252 -17.32 19.13 -3.96
CA ASP C 252 -17.71 20.53 -3.95
C ASP C 252 -17.98 21.04 -2.54
N VAL C 253 -18.64 20.22 -1.71
CA VAL C 253 -18.93 20.65 -0.34
C VAL C 253 -17.65 20.77 0.47
N HIS C 254 -16.71 19.83 0.29
CA HIS C 254 -15.47 19.90 1.06
C HIS C 254 -14.65 21.14 0.70
N ARG C 255 -14.56 21.48 -0.59
CA ARG C 255 -13.91 22.73 -0.97
C ARG C 255 -14.60 23.91 -0.29
N THR C 256 -15.93 23.89 -0.25
CA THR C 256 -16.67 24.96 0.43
C THR C 256 -16.28 25.03 1.90
N LEU C 257 -16.15 23.89 2.57
CA LEU C 257 -15.73 23.90 3.98
C LEU C 257 -14.34 24.49 4.14
N VAL C 258 -13.41 24.10 3.26
CA VAL C 258 -12.00 24.45 3.41
C VAL C 258 -11.72 25.87 2.99
N TYR C 259 -12.30 26.32 1.88
CA TYR C 259 -12.04 27.65 1.34
C TYR C 259 -13.16 28.64 1.58
N GLY C 260 -14.33 28.20 2.04
CA GLY C 260 -15.47 29.07 2.15
C GLY C 260 -16.16 29.28 0.82
N GLY C 261 -17.28 29.98 0.86
CA GLY C 261 -18.06 30.25 -0.33
C GLY C 261 -19.40 29.57 -0.27
N ILE C 262 -19.97 29.25 -1.41
CA ILE C 262 -21.36 28.80 -1.44
C ILE C 262 -21.51 27.71 -2.49
N PHE C 263 -22.36 26.74 -2.18
CA PHE C 263 -22.69 25.63 -3.05
C PHE C 263 -24.20 25.60 -3.23
N LEU C 264 -24.66 25.46 -4.48
CA LEU C 264 -26.08 25.49 -4.78
C LEU C 264 -26.42 24.31 -5.67
N TYR C 265 -27.48 23.59 -5.32
CA TYR C 265 -28.18 22.71 -6.26
C TYR C 265 -29.68 22.98 -6.14
N PRO C 266 -30.17 23.98 -6.84
CA PRO C 266 -31.58 24.36 -6.72
C PRO C 266 -32.45 23.46 -7.58
N ALA C 267 -33.76 23.62 -7.43
CA ALA C 267 -34.70 22.89 -8.26
C ALA C 267 -34.60 23.36 -9.71
N ASN C 268 -34.96 22.46 -10.63
CA ASN C 268 -35.08 22.81 -12.05
C ASN C 268 -36.22 21.98 -12.64
N LYS C 269 -36.42 22.08 -13.96
CA LYS C 269 -37.56 21.40 -14.58
C LYS C 269 -37.42 19.88 -14.51
N LYS C 270 -36.21 19.37 -14.69
CA LYS C 270 -36.02 17.93 -14.53
C LYS C 270 -36.13 17.54 -13.06
N SER C 271 -35.94 18.49 -12.15
CA SER C 271 -35.87 18.21 -10.71
C SER C 271 -36.66 19.24 -9.93
N PRO C 272 -38.00 19.21 -10.03
CA PRO C 272 -38.80 20.27 -9.39
C PRO C 272 -38.76 20.27 -7.86
N ASN C 273 -38.38 19.16 -7.21
CA ASN C 273 -38.18 19.08 -5.77
C ASN C 273 -36.70 19.11 -5.38
N GLY C 274 -35.86 19.63 -6.28
CA GLY C 274 -34.42 19.54 -6.17
C GLY C 274 -33.94 18.23 -6.72
N LYS C 275 -32.61 18.08 -6.72
CA LYS C 275 -31.98 16.87 -7.24
C LYS C 275 -31.30 16.04 -6.17
N LEU C 276 -30.59 16.67 -5.25
CA LEU C 276 -29.87 15.91 -4.22
C LEU C 276 -30.85 15.32 -3.22
N ARG C 277 -30.41 14.25 -2.57
CA ARG C 277 -31.26 13.47 -1.68
C ARG C 277 -31.20 14.03 -0.27
N LEU C 278 -32.38 14.23 0.32
CA LEU C 278 -32.44 14.83 1.65
C LEU C 278 -31.73 13.95 2.69
N LEU C 279 -32.01 12.64 2.71
CA LEU C 279 -31.67 11.83 3.88
C LEU C 279 -30.17 11.62 4.00
N TYR C 280 -29.49 11.39 2.87
CA TYR C 280 -28.10 10.97 2.89
C TYR C 280 -27.19 11.80 2.00
N GLU C 281 -27.68 12.93 1.48
CA GLU C 281 -26.81 13.94 0.88
C GLU C 281 -26.98 15.28 1.57
N CYS C 282 -28.18 15.86 1.56
CA CYS C 282 -28.38 17.22 2.06
C CYS C 282 -28.25 17.31 3.58
N ASN C 283 -28.98 16.46 4.33
CA ASN C 283 -28.91 16.52 5.79
C ASN C 283 -27.50 16.32 6.35
N PRO C 284 -26.74 15.27 5.97
CA PRO C 284 -25.38 15.17 6.54
C PRO C 284 -24.52 16.38 6.25
N MET C 285 -24.58 16.91 5.02
CA MET C 285 -23.79 18.09 4.69
C MET C 285 -24.30 19.33 5.42
N ALA C 286 -25.61 19.47 5.55
CA ALA C 286 -26.16 20.57 6.33
C ALA C 286 -25.68 20.52 7.77
N TYR C 287 -25.62 19.32 8.35
CA TYR C 287 -25.18 19.17 9.73
C TYR C 287 -23.71 19.52 9.87
N VAL C 288 -22.86 19.04 8.97
CA VAL C 288 -21.45 19.43 8.99
C VAL C 288 -21.33 20.95 8.88
N MET C 289 -22.06 21.54 7.94
CA MET C 289 -21.97 22.98 7.75
C MET C 289 -22.40 23.73 9.02
N GLU C 290 -23.53 23.33 9.61
CA GLU C 290 -23.97 24.07 10.79
C GLU C 290 -22.99 23.87 11.95
N LYS C 291 -22.50 22.64 12.17
CA LYS C 291 -21.51 22.46 13.23
C LYS C 291 -20.22 23.25 12.95
N ALA C 292 -19.93 23.57 11.70
CA ALA C 292 -18.75 24.36 11.38
C ALA C 292 -19.03 25.86 11.34
N GLY C 293 -20.20 26.30 11.81
CA GLY C 293 -20.58 27.71 11.74
C GLY C 293 -21.08 28.18 10.38
N GLY C 294 -21.45 27.25 9.49
CA GLY C 294 -22.03 27.60 8.21
C GLY C 294 -23.54 27.46 8.22
N MET C 295 -24.11 27.49 7.02
CA MET C 295 -25.57 27.44 6.89
C MET C 295 -25.95 26.50 5.76
N ALA C 296 -27.18 26.00 5.82
CA ALA C 296 -27.71 25.18 4.73
C ALA C 296 -29.22 25.38 4.67
N THR C 297 -29.70 25.87 3.55
CA THR C 297 -31.10 26.21 3.39
C THR C 297 -31.63 25.56 2.11
N THR C 298 -32.93 25.26 2.11
CA THR C 298 -33.62 24.89 0.88
C THR C 298 -34.07 26.11 0.10
N GLY C 299 -33.93 27.29 0.69
CA GLY C 299 -34.57 28.51 0.22
C GLY C 299 -35.70 28.91 1.14
N LYS C 300 -36.52 27.95 1.54
CA LYS C 300 -37.67 28.23 2.39
C LYS C 300 -37.39 27.96 3.86
N GLU C 301 -36.50 27.02 4.16
CA GLU C 301 -36.26 26.64 5.53
C GLU C 301 -34.90 25.98 5.58
N ALA C 302 -34.38 25.87 6.81
CA ALA C 302 -33.15 25.12 7.04
C ALA C 302 -33.34 23.66 6.61
N VAL C 303 -32.37 23.13 5.86
CA VAL C 303 -32.38 21.72 5.47
C VAL C 303 -32.66 20.83 6.68
N LEU C 304 -32.00 21.12 7.80
CA LEU C 304 -32.15 20.26 8.97
C LEU C 304 -33.55 20.31 9.56
N ASP C 305 -34.37 21.30 9.18
CA ASP C 305 -35.73 21.35 9.70
C ASP C 305 -36.74 20.67 8.79
N VAL C 306 -36.37 20.28 7.57
CA VAL C 306 -37.30 19.55 6.72
C VAL C 306 -37.66 18.24 7.38
N ILE C 307 -38.95 17.96 7.49
CA ILE C 307 -39.44 16.69 8.04
C ILE C 307 -39.69 15.75 6.87
N PRO C 308 -38.91 14.67 6.73
CA PRO C 308 -39.06 13.82 5.55
C PRO C 308 -40.28 12.92 5.63
N THR C 309 -40.82 12.59 4.45
CA THR C 309 -41.86 11.58 4.35
C THR C 309 -41.45 10.38 3.54
N ASP C 310 -40.38 10.46 2.76
CA ASP C 310 -39.95 9.38 1.88
C ASP C 310 -38.43 9.31 1.91
N ILE C 311 -37.88 8.10 2.09
CA ILE C 311 -36.45 8.00 2.39
C ILE C 311 -35.58 8.44 1.23
N HIS C 312 -36.08 8.43 -0.01
CA HIS C 312 -35.29 8.86 -1.17
C HIS C 312 -35.73 10.22 -1.68
N GLN C 313 -36.46 10.98 -0.87
CA GLN C 313 -36.97 12.25 -1.35
C GLN C 313 -35.84 13.24 -1.54
N ARG C 314 -36.04 14.15 -2.49
CA ARG C 314 -35.05 15.14 -2.87
C ARG C 314 -35.32 16.46 -2.18
N ALA C 315 -34.30 17.33 -2.17
CA ALA C 315 -34.38 18.67 -1.60
C ALA C 315 -33.50 19.64 -2.37
N PRO C 316 -33.95 20.88 -2.59
CA PRO C 316 -33.02 21.92 -3.02
C PRO C 316 -32.09 22.24 -1.87
N VAL C 317 -30.88 22.69 -2.19
CA VAL C 317 -29.92 23.02 -1.13
C VAL C 317 -29.00 24.14 -1.59
N ILE C 318 -28.83 25.12 -0.70
CA ILE C 318 -27.87 26.20 -0.81
C ILE C 318 -27.11 26.23 0.51
N LEU C 319 -25.79 26.04 0.46
CA LEU C 319 -25.03 25.90 1.70
C LEU C 319 -23.67 26.56 1.56
N GLY C 320 -23.03 26.80 2.71
CA GLY C 320 -21.70 27.36 2.73
C GLY C 320 -21.49 28.42 3.78
N SER C 321 -20.62 29.38 3.48
CA SER C 321 -20.30 30.43 4.41
C SER C 321 -21.56 31.21 4.81
N PRO C 322 -21.71 31.59 6.09
CA PRO C 322 -22.98 32.20 6.52
C PRO C 322 -23.29 33.51 5.80
N ASP C 323 -22.30 34.38 5.60
CA ASP C 323 -22.55 35.62 4.87
C ASP C 323 -23.03 35.36 3.46
N ASP C 324 -22.51 34.31 2.82
CA ASP C 324 -22.92 34.00 1.46
C ASP C 324 -24.35 33.47 1.41
N VAL C 325 -24.67 32.52 2.29
CA VAL C 325 -26.03 31.98 2.29
C VAL C 325 -27.04 33.08 2.68
N LEU C 326 -26.67 33.91 3.65
CA LEU C 326 -27.54 35.03 4.05
C LEU C 326 -27.76 36.00 2.89
N GLU C 327 -26.71 36.31 2.13
CA GLU C 327 -26.91 37.15 0.95
C GLU C 327 -27.85 36.49 -0.03
N PHE C 328 -27.70 35.18 -0.24
CA PHE C 328 -28.63 34.49 -1.13
C PHE C 328 -30.05 34.59 -0.59
N LEU C 329 -30.23 34.39 0.70
CA LEU C 329 -31.57 34.40 1.27
C LEU C 329 -32.20 35.78 1.15
N LYS C 330 -31.39 36.83 1.25
CA LYS C 330 -31.92 38.18 1.02
C LYS C 330 -32.46 38.31 -0.40
N VAL C 331 -31.69 37.84 -1.39
CA VAL C 331 -32.19 37.84 -2.76
C VAL C 331 -33.46 37.01 -2.86
N TYR C 332 -33.47 35.85 -2.20
CA TYR C 332 -34.65 34.98 -2.21
C TYR C 332 -35.86 35.72 -1.64
N GLU C 333 -35.69 36.40 -0.51
CA GLU C 333 -36.79 37.15 0.10
C GLU C 333 -37.31 38.24 -0.83
N LYS C 334 -36.40 38.92 -1.53
CA LYS C 334 -36.77 39.98 -2.46
C LYS C 334 -37.71 39.47 -3.53
N HIS C 335 -37.48 38.26 -4.02
CA HIS C 335 -38.37 37.64 -4.98
C HIS C 335 -39.53 36.92 -4.32
N SER C 336 -39.79 37.23 -3.05
CA SER C 336 -40.89 36.66 -2.27
C SER C 336 -40.75 35.16 -2.07
N ASP D 10 -4.87 -10.53 -23.27
CA ASP D 10 -3.62 -10.56 -22.53
C ASP D 10 -3.41 -9.27 -21.75
N VAL D 11 -3.12 -9.38 -20.44
CA VAL D 11 -2.84 -8.21 -19.64
C VAL D 11 -1.64 -7.45 -20.25
N ASN D 12 -1.69 -6.14 -20.15
CA ASN D 12 -0.64 -5.29 -20.68
C ASN D 12 -0.38 -4.19 -19.67
N THR D 13 0.87 -3.82 -19.52
CA THR D 13 1.30 -2.76 -18.65
C THR D 13 1.95 -1.68 -19.49
N LEU D 14 2.14 -0.52 -18.89
CA LEU D 14 2.78 0.59 -19.61
C LEU D 14 4.17 0.17 -20.10
N THR D 15 4.98 -0.42 -19.21
CA THR D 15 6.33 -0.84 -19.58
C THR D 15 6.31 -1.83 -20.75
N ARG D 16 5.45 -2.85 -20.66
CA ARG D 16 5.38 -3.84 -21.73
C ARG D 16 4.85 -3.23 -23.01
N PHE D 17 3.82 -2.39 -22.92
CA PHE D 17 3.31 -1.72 -24.11
C PHE D 17 4.40 -0.93 -24.81
N VAL D 18 5.17 -0.15 -24.04
CA VAL D 18 6.15 0.75 -24.66
C VAL D 18 7.31 -0.04 -25.25
N MET D 19 7.78 -1.07 -24.54
CA MET D 19 8.84 -1.91 -25.09
C MET D 19 8.40 -2.59 -26.38
N GLU D 20 7.12 -2.98 -26.46
CA GLU D 20 6.63 -3.62 -27.66
C GLU D 20 6.57 -2.65 -28.84
N GLU D 21 6.00 -1.46 -28.61
CA GLU D 21 6.05 -0.44 -29.66
C GLU D 21 7.48 -0.12 -30.02
N GLY D 22 8.39 -0.15 -29.03
CA GLY D 22 9.78 0.18 -29.30
C GLY D 22 10.47 -0.84 -30.18
N ARG D 23 10.23 -2.13 -29.94
CA ARG D 23 10.82 -3.15 -30.79
C ARG D 23 10.19 -3.16 -32.18
N LYS D 24 8.88 -2.94 -32.28
CA LYS D 24 8.23 -2.77 -33.58
C LYS D 24 8.94 -1.69 -34.39
N ALA D 25 9.13 -0.52 -33.77
CA ALA D 25 9.72 0.62 -34.45
C ALA D 25 11.24 0.52 -34.60
N ARG D 26 11.86 -0.47 -33.97
CA ARG D 26 13.31 -0.65 -34.04
C ARG D 26 14.06 0.58 -33.52
N GLY D 27 13.52 1.25 -32.51
CA GLY D 27 14.27 2.31 -31.86
C GLY D 27 15.36 1.78 -30.94
N THR D 28 16.18 2.70 -30.43
CA THR D 28 17.33 2.34 -29.59
C THR D 28 16.96 1.98 -28.15
N GLY D 29 15.75 2.28 -27.68
CA GLY D 29 15.39 2.05 -26.30
C GLY D 29 15.45 3.29 -25.42
N GLU D 30 16.00 4.38 -25.93
CA GLU D 30 16.18 5.59 -25.12
C GLU D 30 14.83 6.18 -24.69
N LEU D 31 13.86 6.25 -25.61
CA LEU D 31 12.54 6.76 -25.24
C LEU D 31 11.85 5.84 -24.24
N THR D 32 12.03 4.54 -24.39
CA THR D 32 11.51 3.60 -23.39
C THR D 32 12.13 3.85 -22.03
N GLN D 33 13.46 4.08 -21.97
CA GLN D 33 14.15 4.37 -20.72
C GLN D 33 13.63 5.64 -20.07
N LEU D 34 13.40 6.68 -20.89
CA LEU D 34 12.82 7.91 -20.38
C LEU D 34 11.44 7.66 -19.78
N LEU D 35 10.57 6.97 -20.53
CA LEU D 35 9.19 6.79 -20.08
C LEU D 35 9.11 5.90 -18.84
N ASN D 36 9.97 4.88 -18.76
CA ASN D 36 10.02 4.07 -17.55
C ASN D 36 10.43 4.92 -16.36
N SER D 37 11.43 5.79 -16.54
CA SER D 37 11.86 6.66 -15.45
C SER D 37 10.75 7.61 -15.02
N LEU D 38 10.05 8.20 -15.98
CA LEU D 38 8.94 9.10 -15.66
C LEU D 38 7.85 8.35 -14.91
N CYS D 39 7.56 7.11 -15.31
N CYS D 39 7.56 7.11 -15.30
CA CYS D 39 6.53 6.34 -14.65
CA CYS D 39 6.52 6.36 -14.62
C CYS D 39 6.89 6.05 -13.19
C CYS D 39 6.89 6.12 -13.17
N THR D 40 8.17 5.85 -12.91
CA THR D 40 8.59 5.69 -11.52
C THR D 40 8.37 6.96 -10.72
N ALA D 41 8.70 8.12 -11.31
CA ALA D 41 8.44 9.38 -10.65
C ALA D 41 6.94 9.55 -10.40
N VAL D 42 6.12 9.18 -11.40
CA VAL D 42 4.67 9.35 -11.26
C VAL D 42 4.14 8.50 -10.11
N LYS D 43 4.65 7.27 -9.97
CA LYS D 43 4.20 6.43 -8.87
C LYS D 43 4.59 7.04 -7.53
N ALA D 44 5.77 7.65 -7.47
CA ALA D 44 6.21 8.26 -6.22
C ALA D 44 5.40 9.52 -5.92
N ILE D 45 5.04 10.29 -6.95
CA ILE D 45 4.17 11.44 -6.73
C ILE D 45 2.81 10.97 -6.22
N SER D 46 2.24 9.95 -6.87
CA SER D 46 0.94 9.43 -6.46
C SER D 46 0.97 9.02 -4.98
N SER D 47 2.01 8.31 -4.57
CA SER D 47 2.12 7.89 -3.18
C SER D 47 2.12 9.09 -2.24
N ALA D 48 2.88 10.14 -2.56
CA ALA D 48 2.92 11.31 -1.68
C ALA D 48 1.61 12.07 -1.72
N VAL D 49 1.00 12.17 -2.90
CA VAL D 49 -0.27 12.89 -3.02
C VAL D 49 -1.36 12.21 -2.19
N ARG D 50 -1.35 10.87 -2.13
CA ARG D 50 -2.32 10.14 -1.31
C ARG D 50 -1.94 10.13 0.17
N LYS D 51 -0.84 10.80 0.52
CA LYS D 51 -0.46 11.08 1.90
C LYS D 51 0.07 9.85 2.61
N ALA D 52 0.64 8.91 1.88
CA ALA D 52 1.33 7.81 2.54
C ALA D 52 2.44 8.38 3.41
N GLY D 53 2.47 7.99 4.69
CA GLY D 53 3.46 8.48 5.61
C GLY D 53 3.12 9.80 6.30
N ILE D 54 1.95 10.40 6.05
CA ILE D 54 1.60 11.64 6.71
C ILE D 54 1.57 11.50 8.23
N ALA D 55 1.35 10.29 8.76
CA ALA D 55 1.36 10.10 10.21
C ALA D 55 2.70 10.51 10.82
N HIS D 56 3.80 10.30 10.10
CA HIS D 56 5.10 10.71 10.64
C HIS D 56 5.22 12.22 10.71
N LEU D 57 4.65 12.93 9.74
CA LEU D 57 4.63 14.39 9.83
C LEU D 57 3.80 14.88 11.01
N TYR D 58 2.82 14.10 11.45
CA TYR D 58 1.96 14.52 12.56
C TYR D 58 2.37 13.87 13.89
N GLY D 59 3.57 13.31 13.97
CA GLY D 59 4.15 12.95 15.25
C GLY D 59 3.93 11.54 15.74
N ILE D 60 3.65 10.58 14.86
CA ILE D 60 3.38 9.23 15.36
C ILE D 60 4.60 8.63 16.05
N ALA D 61 5.80 8.98 15.61
CA ALA D 61 7.03 8.47 16.21
C ALA D 61 7.65 9.45 17.21
N GLY D 62 6.88 10.44 17.69
CA GLY D 62 7.41 11.39 18.64
C GLY D 62 7.82 12.73 18.05
N LYS D 73 5.38 22.27 -0.59
CA LYS D 73 6.31 21.14 -0.41
C LYS D 73 5.97 20.02 -1.38
N LEU D 74 4.68 19.69 -1.52
CA LEU D 74 4.31 18.58 -2.40
C LEU D 74 4.68 18.88 -3.86
N ASP D 75 4.49 20.13 -4.29
CA ASP D 75 4.86 20.46 -5.66
C ASP D 75 6.38 20.47 -5.84
N VAL D 76 7.12 20.87 -4.81
CA VAL D 76 8.58 20.83 -4.87
C VAL D 76 9.07 19.40 -4.88
N LEU D 77 8.51 18.57 -4.01
CA LEU D 77 8.85 17.15 -4.01
C LEU D 77 8.57 16.53 -5.38
N SER D 78 7.38 16.81 -5.93
CA SER D 78 7.03 16.25 -7.23
C SER D 78 8.01 16.69 -8.30
N ASN D 79 8.40 17.97 -8.27
CA ASN D 79 9.40 18.45 -9.20
C ASN D 79 10.73 17.71 -9.02
N ASP D 80 11.17 17.52 -7.77
CA ASP D 80 12.43 16.83 -7.51
C ASP D 80 12.38 15.38 -8.02
N LEU D 81 11.26 14.70 -7.81
CA LEU D 81 11.12 13.33 -8.30
C LEU D 81 11.25 13.28 -9.83
N VAL D 82 10.51 14.15 -10.53
CA VAL D 82 10.58 14.13 -11.99
C VAL D 82 11.97 14.51 -12.46
N MET D 83 12.52 15.60 -11.91
CA MET D 83 13.86 16.03 -12.29
C MET D 83 14.88 14.93 -12.09
N ASN D 84 14.87 14.31 -10.92
CA ASN D 84 15.91 13.34 -10.62
C ASN D 84 15.74 12.06 -11.42
N MET D 85 14.50 11.59 -11.60
CA MET D 85 14.29 10.39 -12.41
C MET D 85 14.66 10.64 -13.88
N LEU D 86 14.36 11.84 -14.41
CA LEU D 86 14.71 12.13 -15.80
C LEU D 86 16.20 12.34 -15.98
N LYS D 87 16.85 13.08 -15.08
CA LYS D 87 18.30 13.24 -15.17
C LYS D 87 18.98 11.87 -15.18
N SER D 88 18.62 11.02 -14.24
CA SER D 88 19.26 9.72 -14.11
C SER D 88 18.85 8.71 -15.17
N SER D 89 17.92 9.06 -16.08
CA SER D 89 17.52 8.15 -17.15
C SER D 89 18.54 8.06 -18.28
N PHE D 90 19.49 8.98 -18.35
CA PHE D 90 20.45 9.10 -19.45
C PHE D 90 19.75 9.35 -20.78
N ALA D 91 18.48 9.75 -20.77
CA ALA D 91 17.72 9.97 -22.00
C ALA D 91 17.42 11.43 -22.30
N THR D 92 17.80 12.37 -21.43
CA THR D 92 17.38 13.76 -21.55
C THR D 92 18.58 14.69 -21.51
N CYS D 93 18.42 15.88 -22.08
CA CYS D 93 19.49 16.87 -22.08
C CYS D 93 19.02 18.23 -21.58
N VAL D 94 17.75 18.56 -21.78
CA VAL D 94 17.17 19.84 -21.37
C VAL D 94 15.83 19.56 -20.72
N LEU D 95 15.60 20.13 -19.54
CA LEU D 95 14.39 19.88 -18.76
C LEU D 95 13.75 21.22 -18.41
N VAL D 96 12.51 21.42 -18.83
CA VAL D 96 11.77 22.64 -18.53
C VAL D 96 10.61 22.26 -17.62
N SER D 97 10.52 22.93 -16.46
CA SER D 97 9.49 22.66 -15.48
C SER D 97 8.78 23.96 -15.11
N GLU D 98 7.46 23.85 -14.91
CA GLU D 98 6.67 24.95 -14.36
C GLU D 98 7.30 25.51 -13.11
N GLU D 99 7.98 24.65 -12.33
CA GLU D 99 8.55 24.99 -11.02
C GLU D 99 9.87 25.74 -11.09
N ASP D 100 10.51 25.81 -12.26
CA ASP D 100 11.87 26.34 -12.37
C ASP D 100 11.93 27.52 -13.33
N LYS D 101 12.51 28.63 -12.86
CA LYS D 101 12.61 29.84 -13.67
C LYS D 101 13.31 29.59 -15.00
N HIS D 102 14.42 28.87 -14.99
CA HIS D 102 15.18 28.60 -16.21
C HIS D 102 15.14 27.11 -16.54
N ALA D 103 15.42 26.82 -17.82
CA ALA D 103 15.60 25.44 -18.23
C ALA D 103 16.74 24.81 -17.45
N ILE D 104 16.55 23.57 -17.04
CA ILE D 104 17.58 22.78 -16.40
C ILE D 104 18.36 22.05 -17.47
N ILE D 105 19.69 22.21 -17.46
CA ILE D 105 20.57 21.55 -18.41
C ILE D 105 21.15 20.31 -17.73
N VAL D 106 20.96 19.15 -18.35
CA VAL D 106 21.47 17.91 -17.77
C VAL D 106 22.98 17.90 -17.86
N GLU D 107 23.65 17.44 -16.80
CA GLU D 107 25.11 17.42 -16.82
C GLU D 107 25.61 16.44 -17.88
N PRO D 108 26.78 16.73 -18.49
CA PRO D 108 27.19 16.01 -19.71
C PRO D 108 27.19 14.49 -19.64
N GLU D 109 27.66 13.91 -18.53
CA GLU D 109 27.76 12.47 -18.48
C GLU D 109 26.40 11.78 -18.48
N LYS D 110 25.32 12.52 -18.28
CA LYS D 110 23.98 11.94 -18.21
C LYS D 110 23.09 12.38 -19.36
N ARG D 111 23.62 13.07 -20.36
CA ARG D 111 22.80 13.66 -21.40
C ARG D 111 22.34 12.60 -22.39
N GLY D 112 21.04 12.61 -22.68
CA GLY D 112 20.49 11.87 -23.79
C GLY D 112 19.88 12.81 -24.82
N LYS D 113 19.07 12.27 -25.73
CA LYS D 113 18.67 13.06 -26.90
C LYS D 113 17.34 13.78 -26.73
N TYR D 114 16.62 13.60 -25.63
CA TYR D 114 15.27 14.12 -25.53
C TYR D 114 15.20 15.36 -24.65
N VAL D 115 14.23 16.23 -24.98
CA VAL D 115 13.90 17.45 -24.22
C VAL D 115 12.52 17.23 -23.63
N VAL D 116 12.37 17.48 -22.33
CA VAL D 116 11.11 17.23 -21.65
C VAL D 116 10.63 18.53 -21.01
N CYS D 117 9.39 18.91 -21.30
CA CYS D 117 8.71 20.02 -20.64
C CYS D 117 7.63 19.43 -19.76
N PHE D 118 7.58 19.83 -18.50
CA PHE D 118 6.58 19.19 -17.66
C PHE D 118 6.08 20.15 -16.58
N ASP D 119 4.86 19.86 -16.15
CA ASP D 119 4.27 20.49 -14.97
C ASP D 119 4.12 19.40 -13.92
N PRO D 120 4.97 19.38 -12.88
CA PRO D 120 5.06 18.18 -12.02
C PRO D 120 3.84 17.97 -11.15
N LEU D 121 3.14 19.03 -10.76
CA LEU D 121 1.95 18.81 -9.97
C LEU D 121 0.95 19.91 -10.29
N ASP D 122 0.37 19.82 -11.48
CA ASP D 122 -0.61 20.80 -11.92
C ASP D 122 -1.86 20.79 -11.03
N GLY D 123 -2.35 21.99 -10.73
CA GLY D 123 -3.52 22.14 -9.90
C GLY D 123 -3.24 22.14 -8.41
N SER D 124 -1.98 22.01 -8.00
CA SER D 124 -1.65 21.85 -6.59
C SER D 124 -1.91 23.11 -5.75
N SER D 125 -2.15 24.26 -6.37
CA SER D 125 -2.43 25.46 -5.60
C SER D 125 -3.67 25.32 -4.72
N ASN D 126 -4.61 24.45 -5.12
CA ASN D 126 -5.81 24.20 -4.33
C ASN D 126 -5.83 22.82 -3.69
N ILE D 127 -4.65 22.18 -3.57
CA ILE D 127 -4.60 20.82 -3.04
C ILE D 127 -5.03 20.74 -1.58
N ASP D 128 -5.17 21.87 -0.86
CA ASP D 128 -5.72 21.86 0.49
C ASP D 128 -7.14 21.30 0.52
N CYS D 129 -7.89 21.40 -0.58
CA CYS D 129 -9.23 20.86 -0.60
C CYS D 129 -9.30 19.50 -1.27
N LEU D 130 -8.15 18.85 -1.49
CA LEU D 130 -8.06 17.50 -2.03
C LEU D 130 -8.62 17.39 -3.43
N VAL D 131 -8.67 18.53 -4.14
CA VAL D 131 -9.00 18.53 -5.55
C VAL D 131 -8.03 17.61 -6.28
N SER D 132 -8.53 16.96 -7.34
CA SER D 132 -7.66 16.22 -8.26
C SER D 132 -6.49 17.08 -8.69
N VAL D 133 -5.31 16.45 -8.73
CA VAL D 133 -4.10 17.08 -9.26
C VAL D 133 -3.50 16.14 -10.28
N GLY D 134 -2.46 16.61 -10.96
CA GLY D 134 -1.87 15.81 -12.01
C GLY D 134 -0.49 16.29 -12.40
N THR D 135 0.16 15.46 -13.20
CA THR D 135 1.46 15.74 -13.80
C THR D 135 1.28 15.79 -15.30
N ILE D 136 1.79 16.83 -15.95
CA ILE D 136 1.68 16.98 -17.40
C ILE D 136 3.06 16.96 -18.00
N PHE D 137 3.22 16.32 -19.16
CA PHE D 137 4.53 16.22 -19.79
C PHE D 137 4.43 16.20 -21.31
N GLY D 138 5.43 16.77 -21.95
CA GLY D 138 5.59 16.69 -23.39
C GLY D 138 7.06 16.43 -23.70
N ILE D 139 7.34 15.54 -24.64
CA ILE D 139 8.70 15.08 -24.89
C ILE D 139 9.06 15.43 -26.33
N TYR D 140 10.17 16.15 -26.52
CA TYR D 140 10.71 16.48 -27.82
C TYR D 140 12.06 15.80 -28.03
N ARG D 141 12.39 15.61 -29.30
CA ARG D 141 13.73 15.25 -29.68
C ARG D 141 14.54 16.53 -29.82
N LYS D 142 15.74 16.58 -29.24
CA LYS D 142 16.61 17.74 -29.45
C LYS D 142 16.94 17.83 -30.94
N LYS D 143 16.75 19.02 -31.53
CA LYS D 143 16.87 19.15 -32.98
C LYS D 143 18.26 19.55 -33.47
N SER D 144 19.01 20.34 -32.72
CA SER D 144 20.34 20.77 -33.15
C SER D 144 21.44 20.03 -32.38
N THR D 145 22.66 20.12 -32.91
CA THR D 145 23.86 19.62 -32.24
C THR D 145 24.53 20.68 -31.37
N ASP D 146 23.97 21.88 -31.28
CA ASP D 146 24.49 22.90 -30.38
C ASP D 146 24.54 22.38 -28.94
N GLU D 147 25.40 23.01 -28.15
CA GLU D 147 25.40 22.76 -26.71
C GLU D 147 23.97 22.92 -26.18
N PRO D 148 23.49 22.02 -25.33
CA PRO D 148 22.09 22.09 -24.91
C PRO D 148 21.81 23.40 -24.20
N SER D 149 20.63 23.95 -24.49
CA SER D 149 20.24 25.22 -23.92
C SER D 149 18.72 25.28 -23.92
N GLU D 150 18.22 26.36 -23.32
CA GLU D 150 16.79 26.61 -23.24
C GLU D 150 16.12 26.60 -24.61
N LYS D 151 16.85 27.00 -25.66
CA LYS D 151 16.28 27.07 -27.01
C LYS D 151 15.84 25.72 -27.53
N ASP D 152 16.42 24.62 -27.04
CA ASP D 152 16.01 23.29 -27.47
C ASP D 152 14.59 22.96 -27.06
N ALA D 153 14.06 23.65 -26.05
CA ALA D 153 12.68 23.46 -25.64
C ALA D 153 11.71 24.34 -26.40
N LEU D 154 12.21 25.28 -27.21
CA LEU D 154 11.34 26.21 -27.94
C LEU D 154 10.94 25.62 -29.30
N GLN D 155 10.29 24.47 -29.24
CA GLN D 155 9.79 23.81 -30.44
C GLN D 155 8.27 23.90 -30.47
N PRO D 156 7.63 24.01 -31.64
CA PRO D 156 6.17 23.95 -31.68
C PRO D 156 5.71 22.56 -31.28
N GLY D 157 4.52 22.50 -30.69
CA GLY D 157 3.95 21.24 -30.24
C GLY D 157 3.86 20.19 -31.33
N ARG D 158 3.79 20.61 -32.60
CA ARG D 158 3.83 19.70 -33.74
C ARG D 158 5.04 18.78 -33.68
N ASN D 159 6.14 19.24 -33.08
CA ASN D 159 7.34 18.42 -33.05
C ASN D 159 7.32 17.38 -31.94
N LEU D 160 6.24 17.29 -31.16
CA LEU D 160 6.22 16.38 -30.02
C LEU D 160 6.40 14.94 -30.46
N VAL D 161 7.23 14.21 -29.71
CA VAL D 161 7.40 12.78 -29.92
C VAL D 161 6.43 11.98 -29.06
N ALA D 162 6.08 12.50 -27.89
CA ALA D 162 5.20 11.83 -26.95
C ALA D 162 4.73 12.89 -25.99
N ALA D 163 3.52 12.74 -25.47
CA ALA D 163 2.99 13.66 -24.46
C ALA D 163 1.88 12.97 -23.70
N GLY D 164 1.50 13.56 -22.58
CA GLY D 164 0.37 13.03 -21.84
C GLY D 164 0.34 13.57 -20.42
N TYR D 165 -0.29 12.81 -19.55
CA TYR D 165 -0.45 13.29 -18.19
C TYR D 165 -0.76 12.14 -17.26
N ALA D 166 -0.43 12.34 -15.98
CA ALA D 166 -0.92 11.49 -14.92
C ALA D 166 -1.98 12.27 -14.13
N LEU D 167 -3.13 11.64 -13.92
CA LEU D 167 -4.20 12.23 -13.14
C LEU D 167 -4.22 11.52 -11.78
N TYR D 168 -4.02 12.29 -10.71
CA TYR D 168 -4.17 11.75 -9.36
C TYR D 168 -5.58 12.11 -8.90
N GLY D 169 -6.55 11.31 -9.35
CA GLY D 169 -7.95 11.55 -9.03
C GLY D 169 -8.50 10.53 -8.06
N SER D 170 -9.72 10.05 -8.31
CA SER D 170 -10.21 8.96 -7.49
C SER D 170 -9.30 7.74 -7.61
N ALA D 171 -8.72 7.53 -8.80
CA ALA D 171 -7.60 6.62 -8.98
C ALA D 171 -6.51 7.36 -9.74
N THR D 172 -5.34 6.74 -9.85
CA THR D 172 -4.25 7.35 -10.59
C THR D 172 -4.18 6.71 -11.97
N MET D 173 -4.24 7.54 -13.01
CA MET D 173 -4.18 7.07 -14.38
C MET D 173 -3.12 7.84 -15.15
N LEU D 174 -2.38 7.13 -15.98
CA LEU D 174 -1.43 7.73 -16.91
C LEU D 174 -2.02 7.63 -18.31
N VAL D 175 -2.19 8.77 -18.95
CA VAL D 175 -2.66 8.84 -20.32
C VAL D 175 -1.45 9.20 -21.17
N LEU D 176 -1.09 8.32 -22.11
CA LEU D 176 0.13 8.47 -22.90
C LEU D 176 -0.25 8.55 -24.37
N ALA D 177 0.16 9.63 -25.03
CA ALA D 177 -0.12 9.85 -26.44
C ALA D 177 1.19 9.78 -27.22
N MET D 178 1.19 8.98 -28.28
CA MET D 178 2.33 8.89 -29.21
C MET D 178 1.75 8.76 -30.61
N ASP D 179 2.64 8.53 -31.59
CA ASP D 179 2.19 8.37 -32.98
C ASP D 179 1.20 7.23 -33.12
N CYS D 180 1.34 6.16 -32.33
CA CYS D 180 0.40 5.05 -32.38
C CYS D 180 -0.98 5.37 -31.82
N GLY D 181 -1.18 6.55 -31.22
CA GLY D 181 -2.46 6.95 -30.65
C GLY D 181 -2.38 7.18 -29.14
N VAL D 182 -3.56 7.27 -28.52
CA VAL D 182 -3.70 7.59 -27.10
C VAL D 182 -4.10 6.33 -26.34
N ASN D 183 -3.34 6.02 -25.27
CA ASN D 183 -3.64 4.85 -24.44
C ASN D 183 -3.63 5.22 -22.97
N CYS D 184 -4.57 4.64 -22.21
CA CYS D 184 -4.80 5.00 -20.82
C CYS D 184 -4.43 3.83 -19.91
N PHE D 185 -3.61 4.11 -18.91
CA PHE D 185 -3.07 3.08 -18.03
C PHE D 185 -3.48 3.40 -16.59
N MET D 186 -4.16 2.45 -15.95
CA MET D 186 -4.56 2.62 -14.55
C MET D 186 -3.45 2.13 -13.63
N LEU D 187 -3.04 2.97 -12.68
CA LEU D 187 -2.07 2.55 -11.67
C LEU D 187 -2.74 1.60 -10.67
N ASP D 188 -2.23 0.37 -10.58
CA ASP D 188 -2.61 -0.56 -9.52
C ASP D 188 -1.64 -0.38 -8.36
N PRO D 189 -2.06 0.31 -7.27
CA PRO D 189 -1.12 0.56 -6.15
C PRO D 189 -0.70 -0.68 -5.41
N ALA D 190 -1.46 -1.77 -5.52
CA ALA D 190 -1.04 -2.99 -4.83
C ALA D 190 0.28 -3.51 -5.39
N ILE D 191 0.56 -3.30 -6.68
CA ILE D 191 1.75 -3.84 -7.31
C ILE D 191 2.57 -2.78 -8.04
N GLY D 192 2.15 -1.50 -8.01
CA GLY D 192 2.88 -0.46 -8.71
C GLY D 192 3.10 -0.72 -10.18
N GLU D 193 2.04 -1.09 -10.90
CA GLU D 193 2.08 -1.27 -12.35
C GLU D 193 0.94 -0.48 -12.95
N PHE D 194 1.22 0.21 -14.05
CA PHE D 194 0.20 0.92 -14.83
C PHE D 194 -0.43 -0.09 -15.77
N ILE D 195 -1.71 -0.39 -15.58
CA ILE D 195 -2.42 -1.43 -16.34
C ILE D 195 -3.13 -0.79 -17.52
N LEU D 196 -2.91 -1.32 -18.72
CA LEU D 196 -3.59 -0.81 -19.90
C LEU D 196 -5.08 -1.12 -19.82
N VAL D 197 -5.92 -0.08 -19.75
CA VAL D 197 -7.35 -0.29 -19.59
C VAL D 197 -8.19 0.33 -20.71
N ASP D 198 -7.67 1.31 -21.47
CA ASP D 198 -8.41 1.84 -22.62
C ASP D 198 -7.40 2.07 -23.73
N LYS D 199 -7.58 1.35 -24.84
CA LYS D 199 -6.59 1.32 -25.93
C LYS D 199 -7.05 2.22 -27.08
N ASP D 200 -6.09 2.96 -27.64
CA ASP D 200 -6.31 3.74 -28.86
C ASP D 200 -7.60 4.59 -28.76
N VAL D 201 -7.70 5.39 -27.70
CA VAL D 201 -8.96 6.05 -27.40
C VAL D 201 -9.17 7.23 -28.34
N LYS D 202 -10.43 7.46 -28.71
CA LYS D 202 -10.86 8.56 -29.56
C LYS D 202 -11.94 9.34 -28.82
N ILE D 203 -11.90 10.65 -28.93
CA ILE D 203 -12.89 11.51 -28.28
C ILE D 203 -14.16 11.53 -29.14
N LYS D 204 -15.31 11.71 -28.49
CA LYS D 204 -16.58 11.93 -29.19
C LYS D 204 -16.49 13.12 -30.14
N LYS D 205 -17.18 12.99 -31.28
CA LYS D 205 -17.23 14.07 -32.26
C LYS D 205 -17.86 15.33 -31.69
N LYS D 206 -18.85 15.16 -30.81
CA LYS D 206 -19.57 16.27 -30.22
C LYS D 206 -20.00 15.85 -28.81
N GLY D 207 -19.84 16.75 -27.85
CA GLY D 207 -20.16 16.48 -26.47
C GLY D 207 -21.33 17.28 -25.95
N LYS D 208 -21.55 17.20 -24.64
CA LYS D 208 -22.66 17.86 -23.99
C LYS D 208 -22.23 18.54 -22.69
N ILE D 209 -20.94 18.82 -22.53
CA ILE D 209 -20.40 19.50 -21.36
C ILE D 209 -19.51 20.63 -21.81
N TYR D 210 -19.63 21.78 -21.15
CA TYR D 210 -18.67 22.85 -21.33
C TYR D 210 -17.99 23.12 -20.01
N SER D 211 -16.74 23.56 -20.09
CA SER D 211 -15.86 23.64 -18.93
C SER D 211 -15.04 24.91 -19.01
N LEU D 212 -15.36 25.90 -18.17
CA LEU D 212 -14.53 27.09 -18.01
C LEU D 212 -14.95 27.77 -16.72
N ASN D 213 -14.12 28.70 -16.25
CA ASN D 213 -14.43 29.46 -15.04
C ASN D 213 -15.37 30.60 -15.41
N GLU D 214 -16.68 30.42 -15.18
CA GLU D 214 -17.62 31.47 -15.52
C GLU D 214 -17.62 32.63 -14.52
N GLY D 215 -16.93 32.50 -13.39
CA GLY D 215 -16.88 33.60 -12.45
C GLY D 215 -16.28 34.86 -13.04
N TYR D 216 -15.43 34.72 -14.04
CA TYR D 216 -14.79 35.86 -14.69
C TYR D 216 -15.53 36.32 -15.93
N ALA D 217 -16.84 36.06 -15.98
CA ALA D 217 -17.64 36.40 -17.16
C ALA D 217 -17.53 37.87 -17.54
N LYS D 218 -17.37 38.75 -16.55
CA LYS D 218 -17.29 40.19 -16.84
C LYS D 218 -16.09 40.54 -17.70
N ASP D 219 -15.04 39.71 -17.72
CA ASP D 219 -13.86 39.92 -18.55
C ASP D 219 -13.87 39.10 -19.83
N PHE D 220 -14.90 38.29 -20.07
CA PHE D 220 -14.92 37.45 -21.27
C PHE D 220 -14.78 38.28 -22.55
N ASP D 221 -14.06 37.72 -23.51
CA ASP D 221 -14.17 38.22 -24.88
C ASP D 221 -15.61 38.01 -25.36
N PRO D 222 -16.17 38.95 -26.15
CA PRO D 222 -17.58 38.80 -26.55
C PRO D 222 -17.91 37.48 -27.21
N ALA D 223 -16.97 36.90 -27.95
CA ALA D 223 -17.22 35.60 -28.58
C ALA D 223 -17.41 34.51 -27.53
N VAL D 224 -16.62 34.55 -26.45
CA VAL D 224 -16.80 33.56 -25.38
C VAL D 224 -18.17 33.75 -24.73
N THR D 225 -18.54 35.01 -24.47
CA THR D 225 -19.85 35.29 -23.89
C THR D 225 -20.94 34.67 -24.75
N GLU D 226 -20.90 34.92 -26.06
CA GLU D 226 -21.96 34.40 -26.94
C GLU D 226 -21.93 32.88 -27.01
N TYR D 227 -20.75 32.28 -27.20
CA TYR D 227 -20.68 30.81 -27.31
C TYR D 227 -21.24 30.14 -26.05
N ILE D 228 -20.82 30.62 -24.87
CA ILE D 228 -21.33 30.02 -23.65
C ILE D 228 -22.84 30.25 -23.53
N GLN D 229 -23.32 31.43 -23.94
CA GLN D 229 -24.76 31.68 -23.91
C GLN D 229 -25.51 30.67 -24.78
N ARG D 230 -24.94 30.29 -25.93
CA ARG D 230 -25.55 29.28 -26.77
C ARG D 230 -25.55 27.91 -26.14
N LYS D 231 -24.55 27.61 -25.30
CA LYS D 231 -24.55 26.32 -24.63
C LYS D 231 -25.68 26.25 -23.60
N LYS D 232 -26.00 27.38 -22.96
CA LYS D 232 -27.05 27.40 -21.94
C LYS D 232 -28.42 27.61 -22.51
N PHE D 233 -28.54 28.40 -23.58
CA PHE D 233 -29.81 28.76 -24.20
C PHE D 233 -29.72 28.44 -25.69
N PRO D 234 -29.80 27.16 -26.05
CA PRO D 234 -29.60 26.77 -27.46
C PRO D 234 -30.67 27.40 -28.33
N PRO D 235 -30.31 27.93 -29.50
CA PRO D 235 -31.31 28.59 -30.35
C PRO D 235 -32.33 27.62 -30.92
N ASP D 236 -31.98 26.35 -31.06
CA ASP D 236 -32.92 25.36 -31.57
C ASP D 236 -33.64 24.73 -30.39
N ASN D 237 -33.99 23.45 -30.50
CA ASN D 237 -34.67 22.76 -29.42
C ASN D 237 -33.79 21.69 -28.77
N SER D 238 -32.46 21.82 -28.90
CA SER D 238 -31.59 20.86 -28.21
C SER D 238 -31.47 21.16 -26.72
N ALA D 239 -30.99 20.16 -25.99
CA ALA D 239 -30.82 20.31 -24.56
C ALA D 239 -29.60 21.20 -24.27
N PRO D 240 -29.71 22.11 -23.31
CA PRO D 240 -28.53 22.87 -22.88
C PRO D 240 -27.43 21.91 -22.42
N TYR D 241 -26.18 22.32 -22.64
CA TYR D 241 -25.02 21.59 -22.12
C TYR D 241 -24.98 21.63 -20.60
N GLY D 242 -24.47 20.56 -20.00
CA GLY D 242 -24.06 20.63 -18.61
C GLY D 242 -22.77 21.40 -18.45
N ALA D 243 -22.52 21.90 -17.24
CA ALA D 243 -21.28 22.59 -16.92
C ALA D 243 -20.51 21.83 -15.85
N ARG D 244 -19.19 21.74 -16.03
CA ARG D 244 -18.25 21.15 -15.09
C ARG D 244 -16.98 21.96 -15.13
N TYR D 245 -16.45 22.33 -13.98
CA TYR D 245 -15.17 23.03 -13.95
C TYR D 245 -14.51 22.70 -12.62
N VAL D 246 -13.59 21.73 -12.66
CA VAL D 246 -12.85 21.35 -11.47
C VAL D 246 -11.86 22.45 -11.09
N GLY D 247 -11.32 23.16 -12.07
CA GLY D 247 -10.27 24.14 -11.81
C GLY D 247 -8.89 23.54 -11.76
N SER D 248 -8.76 22.27 -12.10
CA SER D 248 -7.50 21.58 -12.22
C SER D 248 -7.43 21.05 -13.65
N MET D 249 -6.45 21.54 -14.43
CA MET D 249 -6.48 21.30 -15.87
C MET D 249 -6.53 19.82 -16.21
N VAL D 250 -5.71 19.01 -15.53
CA VAL D 250 -5.67 17.59 -15.86
C VAL D 250 -7.02 16.92 -15.62
N ALA D 251 -7.71 17.28 -14.52
CA ALA D 251 -9.02 16.70 -14.27
C ALA D 251 -10.03 17.12 -15.34
N ASP D 252 -10.04 18.40 -15.71
CA ASP D 252 -11.02 18.88 -16.70
C ASP D 252 -10.72 18.33 -18.09
N VAL D 253 -9.45 18.24 -18.47
CA VAL D 253 -9.13 17.73 -19.80
C VAL D 253 -9.41 16.22 -19.86
N HIS D 254 -9.12 15.49 -18.79
CA HIS D 254 -9.40 14.06 -18.83
C HIS D 254 -10.90 13.78 -18.93
N ARG D 255 -11.73 14.52 -18.17
CA ARG D 255 -13.16 14.38 -18.35
C ARG D 255 -13.58 14.71 -19.78
N THR D 256 -12.99 15.75 -20.36
CA THR D 256 -13.28 16.11 -21.76
C THR D 256 -12.92 14.96 -22.70
N LEU D 257 -11.78 14.33 -22.48
CA LEU D 257 -11.40 13.19 -23.30
C LEU D 257 -12.40 12.05 -23.15
N VAL D 258 -12.81 11.77 -21.91
CA VAL D 258 -13.59 10.57 -21.62
C VAL D 258 -15.05 10.76 -22.06
N TYR D 259 -15.63 11.92 -21.78
CA TYR D 259 -17.04 12.18 -22.05
C TYR D 259 -17.29 13.07 -23.26
N GLY D 260 -16.25 13.69 -23.82
CA GLY D 260 -16.44 14.65 -24.89
C GLY D 260 -16.88 16.00 -24.36
N GLY D 261 -16.95 16.95 -25.28
CA GLY D 261 -17.33 18.30 -24.93
C GLY D 261 -16.17 19.24 -25.13
N ILE D 262 -16.14 20.33 -24.36
CA ILE D 262 -15.21 21.40 -24.63
C ILE D 262 -14.68 21.98 -23.31
N PHE D 263 -13.40 22.34 -23.34
CA PHE D 263 -12.70 22.98 -22.23
C PHE D 263 -12.11 24.28 -22.74
N LEU D 264 -12.29 25.37 -22.00
CA LEU D 264 -11.83 26.68 -22.45
C LEU D 264 -11.05 27.38 -21.35
N TYR D 265 -9.86 27.87 -21.69
CA TYR D 265 -9.16 28.90 -20.93
C TYR D 265 -8.74 29.92 -21.98
N PRO D 266 -9.67 30.75 -22.45
CA PRO D 266 -9.43 31.58 -23.63
C PRO D 266 -8.74 32.88 -23.29
N ALA D 267 -8.30 33.58 -24.33
CA ALA D 267 -7.76 34.91 -24.18
C ALA D 267 -8.86 35.92 -23.89
N ASN D 268 -8.48 37.03 -23.24
CA ASN D 268 -9.34 38.20 -23.16
C ASN D 268 -8.48 39.45 -23.21
N LYS D 269 -9.12 40.62 -23.03
CA LYS D 269 -8.37 41.87 -23.14
C LYS D 269 -7.33 42.00 -22.04
N LYS D 270 -7.66 41.58 -20.81
CA LYS D 270 -6.68 41.64 -19.73
C LYS D 270 -5.63 40.54 -19.82
N SER D 271 -5.90 39.46 -20.57
CA SER D 271 -4.98 38.33 -20.72
C SER D 271 -4.97 37.91 -22.18
N PRO D 272 -4.32 38.71 -23.03
CA PRO D 272 -4.39 38.44 -24.48
C PRO D 272 -3.73 37.14 -24.89
N ASN D 273 -2.87 36.56 -24.05
CA ASN D 273 -2.26 35.28 -24.35
C ASN D 273 -2.85 34.17 -23.51
N GLY D 274 -4.01 34.39 -22.90
CA GLY D 274 -4.50 33.35 -22.00
C GLY D 274 -3.71 33.33 -20.71
N LYS D 275 -4.01 32.33 -19.88
CA LYS D 275 -3.29 32.14 -18.62
C LYS D 275 -2.47 30.85 -18.56
N LEU D 276 -2.93 29.76 -19.17
CA LEU D 276 -2.20 28.51 -19.12
C LEU D 276 -0.91 28.62 -19.95
N ARG D 277 0.06 27.76 -19.63
CA ARG D 277 1.41 27.83 -20.19
C ARG D 277 1.55 26.88 -21.38
N LEU D 278 2.10 27.40 -22.48
CA LEU D 278 2.16 26.66 -23.73
C LEU D 278 2.98 25.36 -23.61
N LEU D 279 4.17 25.43 -23.01
CA LEU D 279 5.13 24.33 -23.14
C LEU D 279 4.72 23.08 -22.37
N TYR D 280 4.16 23.25 -21.19
CA TYR D 280 3.92 22.10 -20.34
C TYR D 280 2.48 22.02 -19.85
N GLU D 281 1.58 22.85 -20.38
CA GLU D 281 0.16 22.65 -20.17
C GLU D 281 -0.58 22.55 -21.50
N CYS D 282 -0.51 23.58 -22.35
CA CYS D 282 -1.34 23.61 -23.54
C CYS D 282 -0.88 22.60 -24.59
N ASN D 283 0.41 22.63 -24.96
CA ASN D 283 0.92 21.71 -25.98
C ASN D 283 0.69 20.24 -25.62
N PRO D 284 1.03 19.76 -24.42
CA PRO D 284 0.77 18.33 -24.14
C PRO D 284 -0.68 17.94 -24.28
N MET D 285 -1.60 18.77 -23.77
CA MET D 285 -3.02 18.44 -23.86
C MET D 285 -3.53 18.56 -25.30
N ALA D 286 -3.04 19.55 -26.04
CA ALA D 286 -3.39 19.67 -27.45
C ALA D 286 -2.94 18.44 -28.23
N TYR D 287 -1.77 17.91 -27.89
CA TYR D 287 -1.26 16.73 -28.59
C TYR D 287 -2.09 15.50 -28.25
N VAL D 288 -2.43 15.31 -26.97
CA VAL D 288 -3.33 14.22 -26.62
C VAL D 288 -4.63 14.37 -27.37
N MET D 289 -5.19 15.58 -27.38
CA MET D 289 -6.48 15.79 -28.02
C MET D 289 -6.41 15.45 -29.51
N GLU D 290 -5.38 15.95 -30.20
CA GLU D 290 -5.32 15.69 -31.64
C GLU D 290 -5.09 14.21 -31.93
N LYS D 291 -4.24 13.53 -31.15
CA LYS D 291 -4.06 12.10 -31.35
C LYS D 291 -5.34 11.32 -31.06
N ALA D 292 -6.26 11.88 -30.26
CA ALA D 292 -7.55 11.24 -30.00
C ALA D 292 -8.63 11.70 -30.98
N GLY D 293 -8.27 12.43 -32.03
CA GLY D 293 -9.27 12.94 -32.95
C GLY D 293 -10.00 14.16 -32.46
N GLY D 294 -9.47 14.88 -31.47
CA GLY D 294 -10.04 16.13 -31.03
C GLY D 294 -9.30 17.33 -31.59
N MET D 295 -9.60 18.49 -31.04
CA MET D 295 -9.00 19.71 -31.53
C MET D 295 -8.55 20.56 -30.35
N ALA D 296 -7.60 21.46 -30.63
CA ALA D 296 -7.14 22.40 -29.63
C ALA D 296 -6.64 23.65 -30.33
N THR D 297 -7.30 24.78 -30.07
CA THR D 297 -7.05 26.04 -30.78
C THR D 297 -6.79 27.15 -29.77
N THR D 298 -6.00 28.15 -30.19
CA THR D 298 -5.92 29.38 -29.43
C THR D 298 -7.05 30.34 -29.75
N GLY D 299 -7.86 30.02 -30.76
CA GLY D 299 -8.75 31.01 -31.32
C GLY D 299 -8.26 31.45 -32.68
N LYS D 300 -6.95 31.67 -32.80
CA LYS D 300 -6.35 32.11 -34.05
C LYS D 300 -5.65 31.00 -34.82
N GLU D 301 -5.16 29.97 -34.13
CA GLU D 301 -4.42 28.89 -34.80
C GLU D 301 -4.42 27.68 -33.88
N ALA D 302 -4.04 26.54 -34.45
CA ALA D 302 -3.83 25.35 -33.62
C ALA D 302 -2.75 25.63 -32.57
N VAL D 303 -3.02 25.22 -31.32
CA VAL D 303 -2.02 25.31 -30.26
C VAL D 303 -0.69 24.71 -30.70
N LEU D 304 -0.74 23.53 -31.34
CA LEU D 304 0.46 22.80 -31.71
C LEU D 304 1.30 23.52 -32.76
N ASP D 305 0.76 24.54 -33.43
CA ASP D 305 1.49 25.32 -34.43
C ASP D 305 2.12 26.59 -33.88
N VAL D 306 1.80 26.97 -32.64
CA VAL D 306 2.44 28.15 -32.05
C VAL D 306 3.94 27.88 -31.91
N ILE D 307 4.76 28.80 -32.40
CA ILE D 307 6.20 28.69 -32.23
C ILE D 307 6.59 29.51 -31.01
N PRO D 308 7.05 28.90 -29.93
CA PRO D 308 7.30 29.65 -28.70
C PRO D 308 8.61 30.41 -28.78
N THR D 309 8.64 31.54 -28.07
CA THR D 309 9.85 32.33 -27.89
C THR D 309 10.28 32.40 -26.43
N ASP D 310 9.48 31.91 -25.49
CA ASP D 310 9.73 31.97 -24.05
C ASP D 310 9.28 30.65 -23.43
N ILE D 311 10.15 30.02 -22.63
CA ILE D 311 9.78 28.69 -22.13
C ILE D 311 8.57 28.75 -21.21
N HIS D 312 8.28 29.91 -20.64
CA HIS D 312 7.12 30.05 -19.76
C HIS D 312 5.97 30.80 -20.42
N GLN D 313 5.98 30.96 -21.74
CA GLN D 313 4.95 31.80 -22.33
C GLN D 313 3.58 31.16 -22.21
N ARG D 314 2.56 32.00 -22.18
CA ARG D 314 1.19 31.56 -22.02
C ARG D 314 0.54 31.40 -23.38
N ALA D 315 -0.55 30.64 -23.41
CA ALA D 315 -1.30 30.45 -24.64
C ALA D 315 -2.76 30.27 -24.30
N PRO D 316 -3.66 30.88 -25.05
CA PRO D 316 -5.08 30.52 -24.92
C PRO D 316 -5.29 29.11 -25.41
N VAL D 317 -6.27 28.41 -24.84
CA VAL D 317 -6.55 27.05 -25.30
C VAL D 317 -8.05 26.81 -25.21
N ILE D 318 -8.62 26.31 -26.31
CA ILE D 318 -9.98 25.81 -26.38
C ILE D 318 -9.85 24.44 -27.03
N LEU D 319 -10.28 23.39 -26.33
CA LEU D 319 -10.00 22.05 -26.80
C LEU D 319 -11.16 21.13 -26.53
N GLY D 320 -11.17 20.01 -27.24
CA GLY D 320 -12.14 18.96 -27.02
C GLY D 320 -12.69 18.36 -28.30
N SER D 321 -13.96 17.95 -28.23
CA SER D 321 -14.64 17.34 -29.36
C SER D 321 -14.60 18.28 -30.57
N PRO D 322 -14.30 17.77 -31.75
CA PRO D 322 -14.08 18.68 -32.90
C PRO D 322 -15.31 19.49 -33.27
N ASP D 323 -16.50 18.90 -33.20
CA ASP D 323 -17.70 19.68 -33.52
C ASP D 323 -17.87 20.84 -32.57
N ASP D 324 -17.54 20.63 -31.28
CA ASP D 324 -17.65 21.71 -30.31
C ASP D 324 -16.58 22.77 -30.55
N VAL D 325 -15.33 22.36 -30.80
CA VAL D 325 -14.28 23.35 -31.01
C VAL D 325 -14.56 24.14 -32.30
N LEU D 326 -15.01 23.45 -33.36
CA LEU D 326 -15.35 24.14 -34.61
C LEU D 326 -16.50 25.13 -34.41
N GLU D 327 -17.50 24.76 -33.62
CA GLU D 327 -18.58 25.70 -33.33
C GLU D 327 -18.05 26.91 -32.57
N PHE D 328 -17.16 26.70 -31.59
CA PHE D 328 -16.57 27.85 -30.92
C PHE D 328 -15.85 28.75 -31.91
N LEU D 329 -15.08 28.14 -32.83
CA LEU D 329 -14.33 28.92 -33.82
C LEU D 329 -15.27 29.70 -34.73
N LYS D 330 -16.46 29.15 -35.01
CA LYS D 330 -17.45 29.91 -35.78
C LYS D 330 -17.85 31.18 -35.05
N VAL D 331 -18.22 31.06 -33.78
CA VAL D 331 -18.54 32.24 -32.99
C VAL D 331 -17.34 33.16 -32.87
N TYR D 332 -16.13 32.58 -32.70
CA TYR D 332 -14.93 33.39 -32.54
C TYR D 332 -14.69 34.28 -33.76
N GLU D 333 -14.75 33.71 -34.97
CA GLU D 333 -14.53 34.53 -36.17
C GLU D 333 -15.62 35.57 -36.33
N LYS D 334 -16.86 35.23 -35.96
CA LYS D 334 -17.94 36.19 -36.08
C LYS D 334 -17.63 37.49 -35.33
N HIS D 335 -16.97 37.40 -34.18
CA HIS D 335 -16.56 38.62 -33.49
C HIS D 335 -15.17 39.11 -33.90
N SER D 336 -14.57 38.52 -34.93
CA SER D 336 -13.22 38.94 -35.31
C SER D 336 -13.26 40.08 -36.32
C7 95J E . -13.49 -1.40 27.91
C8 95J E . -11.11 -6.49 27.94
C3 95J E . -15.42 -0.33 26.86
C2 95J E . -11.25 -4.08 28.44
C11 95J E . -11.11 -7.94 28.00
C15 95J E . -10.83 -5.69 26.86
C13 95J E . -10.90 -4.33 27.14
C12 95J E . -16.14 0.46 24.74
C16 95J E . -16.91 0.83 25.76
C19 95J E . -10.63 -8.84 26.99
C22 95J E . -10.83 -10.07 27.44
N10 95J E . -16.50 0.39 27.00
N14 95J E . -11.58 -8.67 29.02
N4 95J E . -12.96 -1.89 29.10
N9 95J E . -14.78 -0.88 27.95
O17 95J E . -11.18 -2.72 30.58
O18 95J E . -10.66 -1.60 28.46
O20 95J E . -11.39 -10.05 28.65
O21 95J E . -12.83 -1.44 26.89
S1 95J E . -11.46 -2.52 29.19
S5 95J E . -14.82 -0.49 25.25
S6 95J E . -11.48 -5.51 29.34
BR23 95J E . -16.34 0.84 22.94
C7 95J F . 17.95 -5.66 -24.47
C8 95J F . 21.22 -8.13 -20.62
C3 95J F . 17.44 -3.41 -25.17
C2 95J F . 19.46 -8.05 -22.34
C11 95J F . 22.47 -8.32 -19.89
C15 95J F . 20.02 -7.61 -20.13
C13 95J F . 19.01 -7.58 -21.14
C12 95J F . 16.12 -1.55 -24.50
C16 95J F . 16.53 -1.51 -25.77
C19 95J F . 22.64 -8.26 -18.46
C22 95J F . 23.93 -8.51 -18.22
N10 95J F . 17.28 -2.59 -26.18
N14 95J F . 23.66 -8.63 -20.45
N4 95J F . 18.69 -6.81 -24.74
N9 95J F . 18.13 -4.58 -25.32
O17 95J F . 19.16 -9.22 -24.58
O18 95J F . 17.19 -8.30 -23.45
O20 95J F . 24.59 -8.73 -19.34
O21 95J F . 17.17 -5.62 -23.52
S1 95J F . 18.57 -8.17 -23.83
S5 95J F . 16.66 -2.94 -23.70
S6 95J F . 21.09 -8.54 -22.27
BR23 95J F . 15.10 -0.30 -23.58
C7 95J G . -18.36 5.55 24.42
C8 95J G . -19.29 10.37 21.71
C3 95J G . -16.57 4.58 25.78
C2 95J G . -19.73 8.04 22.32
C11 95J G . -19.29 11.83 21.60
C15 95J G . -18.49 9.47 21.04
C13 95J G . -18.75 8.14 21.39
C12 95J G . -14.45 3.55 25.52
C16 95J G . -14.93 3.51 26.77
C19 95J G . -18.52 12.61 20.67
C22 95J G . -18.80 13.89 20.91
N10 95J G . -16.17 4.10 26.93
N14 95J G . -19.99 12.67 22.39
N4 95J G . -19.60 6.16 24.43
N9 95J G . -17.80 5.21 25.65
O17 95J G . -21.72 6.89 23.41
O18 95J G . -20.13 5.52 22.13
O20 95J G . -19.65 14.01 21.92
O21 95J G . -17.78 5.34 23.34
S1 95J G . -20.37 6.59 23.04
S5 95J G . -15.50 4.32 24.45
S6 95J G . -20.36 9.55 22.79
BR23 95J G . -12.83 2.87 24.88
C7 95J H . 13.02 0.99 -28.10
C8 95J H . 8.40 3.82 -29.34
C3 95J H . 13.60 -1.37 -27.75
C2 95J H . 10.76 3.57 -28.64
C11 95J H . 7.16 4.06 -30.09
C15 95J H . 8.54 3.43 -28.03
C13 95J H . 9.89 3.29 -27.63
C12 95J H . 13.38 -3.06 -26.11
C16 95J H . 14.14 -3.40 -27.17
C19 95J H . 5.84 4.13 -29.54
C22 95J H . 5.02 4.36 -30.56
N10 95J H . 14.28 -2.42 -28.11
N14 95J H . 7.09 4.25 -31.42
N4 95J H . 13.14 2.07 -28.95
N9 95J H . 13.61 -0.21 -28.51
O17 95J H . 12.98 4.43 -29.57
O18 95J H . 12.87 3.72 -27.22
O20 95J H . 5.68 4.44 -31.71
O21 95J H . 12.39 1.10 -27.05
S1 95J H . 12.50 3.52 -28.59
S5 95J H . 12.79 -1.49 -26.24
S6 95J H . 9.95 4.01 -30.08
BR23 95J H . 12.94 -4.09 -24.62
#